data_4ABY
#
_entry.id   4ABY
#
_cell.length_a   129.863
_cell.length_b   61.986
_cell.length_c   133.824
_cell.angle_alpha   90.00
_cell.angle_beta   102.74
_cell.angle_gamma   90.00
#
_symmetry.space_group_name_H-M   'P 1 21 1'
#
loop_
_entity.id
_entity.type
_entity.pdbx_description
1 polymer 'DNA REPAIR PROTEIN RECN'
2 water water
#
_entity_poly.entity_id   1
_entity_poly.type   'polypeptide(L)'
_entity_poly.pdbx_seq_one_letter_code
;GIDPFT(MSE)TRKARTPKAAPVPEAVAVVEPPPPDAAPTGPRLSRLEIRNLATITQLELELGGGFCAFTGETGAGKSII
VDALGLLLGGRANHDLIRSGEKELLVTGFWGDGDESEADSASRRLSSAGRGAARLSGEVVSVRELQEWAQGRLTIHWQHS
AVSLLSPANQRGLLDRRVTKEAQAYAAAHAAWREAVSRLERLQASESSKHPTSLVPRGSVDALHAELLKVGQALDAARER
EAEPLVDSLLAVIRELG(MSE)PHAR(MSE)EFALSALAEPAAYGLSDVLLRFSANPGEELGPLSDVASGGELSRV
(MSE)LAVSTVLGADTPSVVFDEVDAGIGGAAAIAVAEQLSRLADTRQVLVVTHLAQIAARAHHHYKVEKQVEDGRTVSH
VRLLTGDERLEEIAR(MSE)LSGNTSEAALEHARELLAG
;
_entity_poly.pdbx_strand_id   A,B,C,D
#
# COMPACT_ATOMS: atom_id res chain seq x y z
N PRO A 38 -18.00 38.22 -34.28
CA PRO A 38 -18.67 39.27 -33.49
C PRO A 38 -18.01 39.39 -32.12
N ARG A 39 -16.70 39.65 -32.10
CA ARG A 39 -15.94 39.69 -30.87
C ARG A 39 -16.35 40.84 -29.94
N LEU A 40 -15.85 40.80 -28.72
CA LEU A 40 -16.01 41.92 -27.80
C LEU A 40 -15.04 43.03 -28.24
N SER A 41 -15.59 44.09 -28.81
CA SER A 41 -14.79 45.16 -29.40
C SER A 41 -14.28 46.16 -28.36
N ARG A 42 -15.12 46.45 -27.37
CA ARG A 42 -14.82 47.48 -26.40
C ARG A 42 -15.36 47.09 -25.02
N LEU A 43 -14.72 47.59 -23.97
CA LEU A 43 -15.09 47.25 -22.61
C LEU A 43 -14.94 48.49 -21.75
N GLU A 44 -16.01 48.88 -21.08
CA GLU A 44 -15.97 50.07 -20.23
C GLU A 44 -16.25 49.69 -18.79
N ILE A 45 -15.30 49.99 -17.92
CA ILE A 45 -15.44 49.67 -16.51
C ILE A 45 -15.34 50.95 -15.69
N ARG A 46 -16.28 51.15 -14.78
CA ARG A 46 -16.25 52.33 -13.92
C ARG A 46 -16.42 51.94 -12.46
N ASN A 47 -15.52 52.45 -11.62
CA ASN A 47 -15.54 52.18 -10.19
C ASN A 47 -15.57 50.70 -9.82
N LEU A 48 -14.73 49.91 -10.49
CA LEU A 48 -14.58 48.51 -10.13
C LEU A 48 -13.19 48.25 -9.55
N ALA A 49 -13.16 47.91 -8.27
CA ALA A 49 -11.91 47.59 -7.58
C ALA A 49 -10.88 48.71 -7.63
N THR A 50 -9.82 48.50 -8.40
CA THR A 50 -8.74 49.48 -8.51
C THR A 50 -8.90 50.33 -9.77
N ILE A 51 -10.11 50.33 -10.32
CA ILE A 51 -10.37 51.00 -11.58
C ILE A 51 -11.41 52.09 -11.42
N THR A 52 -10.97 53.33 -11.56
CA THR A 52 -11.88 54.47 -11.51
C THR A 52 -12.65 54.51 -12.82
N GLN A 53 -11.93 54.68 -13.93
CA GLN A 53 -12.51 54.76 -15.26
C GLN A 53 -11.59 54.05 -16.23
N LEU A 54 -12.13 53.07 -16.95
CA LEU A 54 -11.32 52.28 -17.87
C LEU A 54 -12.10 52.07 -19.15
N GLU A 55 -11.55 52.56 -20.25
CA GLU A 55 -12.14 52.33 -21.56
C GLU A 55 -11.14 51.58 -22.42
N LEU A 56 -11.45 50.33 -22.72
CA LEU A 56 -10.50 49.46 -23.38
C LEU A 56 -10.99 49.00 -24.74
N GLU A 57 -10.30 49.47 -25.78
CA GLU A 57 -10.53 48.97 -27.12
C GLU A 57 -9.69 47.71 -27.27
N LEU A 58 -10.30 46.57 -27.02
CA LEU A 58 -9.59 45.31 -27.20
C LEU A 58 -10.29 44.49 -28.27
N GLY A 59 -9.51 43.93 -29.20
CA GLY A 59 -10.09 43.08 -30.21
C GLY A 59 -9.06 42.13 -30.78
N GLY A 60 -9.51 41.13 -31.53
CA GLY A 60 -8.60 40.30 -32.28
C GLY A 60 -8.74 38.81 -32.03
N GLY A 61 -7.61 38.15 -31.79
CA GLY A 61 -7.64 36.73 -31.50
C GLY A 61 -7.20 36.51 -30.07
N PHE A 62 -5.92 36.20 -29.90
CA PHE A 62 -5.36 35.96 -28.58
C PHE A 62 -4.92 37.27 -27.94
N CYS A 63 -5.63 37.68 -26.90
CA CYS A 63 -5.29 38.89 -26.16
C CYS A 63 -4.68 38.53 -24.83
N ALA A 64 -3.44 38.97 -24.60
CA ALA A 64 -2.76 38.68 -23.35
C ALA A 64 -2.73 39.90 -22.45
N PHE A 65 -3.02 39.70 -21.18
CA PHE A 65 -2.95 40.77 -20.20
C PHE A 65 -1.87 40.47 -19.17
N THR A 66 -0.92 41.35 -19.06
CA THR A 66 0.21 41.18 -18.19
C THR A 66 0.42 42.41 -17.37
N GLY A 67 1.44 42.43 -16.56
CA GLY A 67 1.66 43.55 -15.69
C GLY A 67 1.12 43.28 -14.32
N GLU A 68 0.06 44.01 -14.00
CA GLU A 68 -0.62 43.83 -12.74
C GLU A 68 -1.68 42.80 -13.07
N THR A 69 -1.34 41.56 -12.76
CA THR A 69 -2.22 40.41 -13.05
C THR A 69 -3.54 40.36 -12.29
N GLY A 70 -3.51 40.71 -11.01
CA GLY A 70 -4.73 40.74 -10.22
C GLY A 70 -5.68 41.77 -10.80
N ALA A 71 -5.12 42.91 -11.20
CA ALA A 71 -5.90 43.97 -11.82
C ALA A 71 -6.49 43.48 -13.14
N GLY A 72 -5.70 42.71 -13.88
CA GLY A 72 -6.13 42.16 -15.15
C GLY A 72 -7.30 41.22 -14.96
N LYS A 73 -7.25 40.44 -13.89
CA LYS A 73 -8.32 39.49 -13.58
C LYS A 73 -9.63 40.24 -13.35
N SER A 74 -9.54 41.39 -12.69
CA SER A 74 -10.71 42.20 -12.41
C SER A 74 -11.36 42.66 -13.72
N ILE A 75 -10.52 43.05 -14.68
CA ILE A 75 -11.01 43.47 -15.98
C ILE A 75 -11.62 42.31 -16.76
N ILE A 76 -10.93 41.19 -16.80
CA ILE A 76 -11.30 40.11 -17.69
C ILE A 76 -12.16 39.02 -17.06
N VAL A 77 -11.86 38.66 -15.81
CA VAL A 77 -12.64 37.64 -15.15
C VAL A 77 -13.76 38.27 -14.34
N ASP A 78 -13.42 39.20 -13.47
CA ASP A 78 -14.38 39.82 -12.57
C ASP A 78 -15.41 40.67 -13.28
N ALA A 79 -14.96 41.59 -14.13
CA ALA A 79 -15.87 42.48 -14.85
C ALA A 79 -16.73 41.70 -15.84
N LEU A 80 -16.09 41.01 -16.78
CA LEU A 80 -16.83 40.25 -17.77
C LEU A 80 -17.80 39.27 -17.10
N GLY A 81 -17.46 38.81 -15.90
CA GLY A 81 -18.32 37.90 -15.18
C GLY A 81 -19.68 38.52 -14.91
N LEU A 82 -19.68 39.82 -14.62
CA LEU A 82 -20.91 40.55 -14.38
C LEU A 82 -21.77 40.59 -15.63
N LEU A 83 -21.15 40.75 -16.79
CA LEU A 83 -21.88 40.76 -18.05
C LEU A 83 -22.51 39.41 -18.33
N LEU A 84 -21.88 38.35 -17.81
CA LEU A 84 -22.39 36.99 -18.01
C LEU A 84 -23.65 36.74 -17.19
N GLY A 85 -23.95 37.67 -16.29
CA GLY A 85 -25.11 37.52 -15.43
C GLY A 85 -24.70 36.82 -14.17
N GLY A 86 -23.43 36.97 -13.80
CA GLY A 86 -22.91 36.37 -12.60
C GLY A 86 -23.47 36.96 -11.32
N ARG A 87 -22.96 36.47 -10.19
CA ARG A 87 -23.37 36.95 -8.87
C ARG A 87 -23.26 38.46 -8.81
N ALA A 88 -24.07 39.06 -7.94
CA ALA A 88 -23.99 40.50 -7.72
C ALA A 88 -23.03 40.78 -6.58
N ASN A 89 -21.74 40.59 -6.84
CA ASN A 89 -20.72 40.75 -5.83
C ASN A 89 -20.41 42.21 -5.55
N HIS A 90 -20.91 42.72 -4.42
CA HIS A 90 -20.72 44.12 -4.06
C HIS A 90 -19.29 44.43 -3.63
N ASP A 91 -18.50 43.39 -3.41
CA ASP A 91 -17.09 43.56 -3.07
C ASP A 91 -16.36 44.18 -4.26
N LEU A 92 -16.92 43.98 -5.45
CA LEU A 92 -16.32 44.49 -6.67
C LEU A 92 -16.41 46.01 -6.81
N ILE A 93 -17.34 46.63 -6.10
CA ILE A 93 -17.49 48.09 -6.17
C ILE A 93 -16.29 48.78 -5.53
N ARG A 94 -15.73 49.76 -6.24
CA ARG A 94 -14.54 50.46 -5.78
C ARG A 94 -14.67 50.89 -4.31
N SER A 95 -13.53 50.95 -3.62
CA SER A 95 -13.51 51.18 -2.18
C SER A 95 -14.39 52.33 -1.70
N GLY A 96 -14.14 53.54 -2.19
CA GLY A 96 -14.90 54.69 -1.74
C GLY A 96 -15.94 55.18 -2.72
N GLU A 97 -16.59 54.26 -3.43
CA GLU A 97 -17.57 54.64 -4.44
C GLU A 97 -18.95 54.06 -4.15
N LYS A 98 -19.96 54.66 -4.75
CA LYS A 98 -21.35 54.33 -4.47
C LYS A 98 -21.88 53.26 -5.42
N GLU A 99 -21.35 53.22 -6.63
CA GLU A 99 -21.81 52.24 -7.60
C GLU A 99 -20.85 52.04 -8.77
N LEU A 100 -20.85 50.83 -9.32
CA LEU A 100 -20.01 50.50 -10.45
C LEU A 100 -20.84 50.20 -11.69
N LEU A 101 -20.20 50.27 -12.84
CA LEU A 101 -20.87 50.03 -14.11
C LEU A 101 -19.95 49.28 -15.05
N VAL A 102 -20.48 48.28 -15.73
CA VAL A 102 -19.70 47.53 -16.72
C VAL A 102 -20.44 47.46 -18.04
N THR A 103 -19.92 48.16 -19.05
CA THR A 103 -20.52 48.14 -20.37
C THR A 103 -19.63 47.39 -21.36
N GLY A 104 -20.23 46.52 -22.16
CA GLY A 104 -19.48 45.78 -23.17
C GLY A 104 -20.09 45.92 -24.56
N PHE A 105 -19.24 46.09 -25.58
CA PHE A 105 -19.72 46.27 -26.94
C PHE A 105 -19.19 45.20 -27.89
N TRP A 106 -20.10 44.54 -28.60
CA TRP A 106 -19.70 43.50 -29.54
C TRP A 106 -19.71 43.95 -31.01
N ASP A 115 -24.41 45.98 -30.76
CA ASP A 115 -24.89 45.27 -29.58
C ASP A 115 -24.08 45.60 -28.33
N SER A 116 -24.78 45.91 -27.25
CA SER A 116 -24.14 46.17 -25.97
C SER A 116 -24.86 45.44 -24.84
N ALA A 117 -24.14 45.23 -23.74
CA ALA A 117 -24.73 44.69 -22.53
C ALA A 117 -24.08 45.43 -21.37
N SER A 118 -24.81 45.61 -20.29
CA SER A 118 -24.25 46.30 -19.13
C SER A 118 -24.75 45.72 -17.82
N ARG A 119 -23.95 45.92 -16.78
CA ARG A 119 -24.29 45.49 -15.44
C ARG A 119 -23.89 46.60 -14.48
N ARG A 120 -24.86 47.10 -13.72
CA ARG A 120 -24.60 48.15 -12.74
C ARG A 120 -24.87 47.63 -11.33
N LEU A 121 -23.90 47.77 -10.44
CA LEU A 121 -24.10 47.39 -9.06
C LEU A 121 -24.12 48.63 -8.19
N SER A 122 -25.11 48.71 -7.30
CA SER A 122 -25.27 49.88 -6.45
C SER A 122 -24.98 49.51 -5.00
N SER A 123 -24.23 50.37 -4.33
CA SER A 123 -23.89 50.15 -2.92
C SER A 123 -25.15 50.19 -2.06
N ALA A 124 -26.24 50.66 -2.65
CA ALA A 124 -27.52 50.67 -1.98
C ALA A 124 -27.95 49.25 -1.71
N GLY A 125 -27.65 48.35 -2.65
CA GLY A 125 -28.06 46.96 -2.57
C GLY A 125 -28.75 46.48 -3.84
N ARG A 126 -29.02 47.39 -4.77
CA ARG A 126 -29.67 47.04 -6.02
C ARG A 126 -28.74 46.98 -7.24
N GLY A 127 -29.22 47.47 -8.37
CA GLY A 127 -28.44 47.43 -9.58
C GLY A 127 -29.38 47.30 -10.73
N ALA A 128 -28.86 47.03 -11.90
CA ALA A 128 -29.64 46.81 -13.12
C ALA A 128 -28.82 46.18 -14.25
N ALA A 129 -29.49 45.37 -15.05
CA ALA A 129 -28.89 44.79 -16.24
C ALA A 129 -29.46 45.49 -17.45
N ARG A 130 -28.67 45.60 -18.52
CA ARG A 130 -29.18 46.18 -19.76
C ARG A 130 -28.71 45.41 -20.98
N LEU A 131 -29.58 45.31 -21.96
CA LEU A 131 -29.22 44.78 -23.27
C LEU A 131 -29.49 45.88 -24.28
N SER A 132 -28.44 46.42 -24.87
CA SER A 132 -28.57 47.54 -25.80
C SER A 132 -29.46 48.64 -25.23
N GLY A 133 -29.06 49.17 -24.08
CA GLY A 133 -29.72 50.32 -23.50
C GLY A 133 -31.08 50.06 -22.87
N GLU A 134 -31.50 48.79 -22.89
CA GLU A 134 -32.79 48.42 -22.33
C GLU A 134 -32.65 47.70 -20.98
N VAL A 135 -33.32 48.23 -19.96
CA VAL A 135 -33.31 47.58 -18.65
C VAL A 135 -34.04 46.24 -18.78
N VAL A 136 -33.29 45.15 -18.68
CA VAL A 136 -33.82 43.79 -18.72
C VAL A 136 -33.52 43.11 -17.44
N SER A 137 -33.99 41.89 -17.30
CA SER A 137 -33.69 41.06 -16.13
C SER A 137 -32.33 40.37 -16.21
N VAL A 138 -31.76 40.04 -15.06
CA VAL A 138 -30.48 39.35 -15.02
C VAL A 138 -30.53 38.01 -15.76
N ARG A 139 -31.66 37.30 -15.63
CA ARG A 139 -31.83 36.03 -16.31
C ARG A 139 -31.69 36.18 -17.83
N GLU A 140 -32.18 37.30 -18.37
CA GLU A 140 -32.11 37.57 -19.80
C GLU A 140 -30.71 38.00 -20.22
N LEU A 141 -30.02 38.71 -19.33
CA LEU A 141 -28.64 39.07 -19.56
C LEU A 141 -27.81 37.80 -19.69
N GLN A 142 -28.10 36.84 -18.82
CA GLN A 142 -27.39 35.57 -18.83
C GLN A 142 -27.59 34.83 -20.14
N GLU A 143 -28.85 34.70 -20.55
CA GLU A 143 -29.18 33.96 -21.77
C GLU A 143 -28.56 34.61 -22.98
N TRP A 144 -28.48 35.93 -22.98
CA TRP A 144 -27.92 36.66 -24.11
C TRP A 144 -26.40 36.62 -24.12
N ALA A 145 -25.80 36.91 -22.97
CA ALA A 145 -24.35 36.96 -22.85
C ALA A 145 -23.69 35.58 -22.95
N GLN A 146 -24.42 34.52 -22.59
CA GLN A 146 -23.90 33.17 -22.68
C GLN A 146 -23.78 32.71 -24.13
N GLY A 147 -24.25 33.54 -25.06
CA GLY A 147 -24.07 33.26 -26.46
C GLY A 147 -22.88 34.01 -27.01
N ARG A 148 -22.30 34.86 -26.15
CA ARG A 148 -21.19 35.72 -26.56
C ARG A 148 -19.92 35.42 -25.78
N LEU A 149 -20.06 35.23 -24.47
CA LEU A 149 -18.93 35.05 -23.58
C LEU A 149 -18.88 33.66 -22.97
N THR A 150 -17.66 33.19 -22.71
CA THR A 150 -17.43 31.98 -21.94
C THR A 150 -16.25 32.22 -21.03
N ILE A 151 -16.48 32.27 -19.73
CA ILE A 151 -15.37 32.40 -18.79
C ILE A 151 -15.09 31.05 -18.14
N HIS A 152 -13.85 30.58 -18.24
CA HIS A 152 -13.55 29.24 -17.76
C HIS A 152 -12.94 29.18 -16.37
N TRP A 153 -13.25 28.06 -15.71
CA TRP A 153 -13.08 27.87 -14.28
C TRP A 153 -14.29 28.54 -13.64
N GLN A 154 -14.33 29.86 -13.59
CA GLN A 154 -15.44 30.52 -12.89
C GLN A 154 -16.84 30.28 -13.45
N HIS A 155 -16.96 30.08 -14.76
CA HIS A 155 -18.27 29.92 -15.38
C HIS A 155 -18.35 28.73 -16.34
N SER A 156 -17.60 27.68 -16.04
CA SER A 156 -17.63 26.48 -16.86
C SER A 156 -18.92 25.71 -16.62
N ALA A 157 -19.60 26.02 -15.52
CA ALA A 157 -20.83 25.33 -15.14
C ALA A 157 -21.93 25.44 -16.19
N VAL A 158 -22.11 26.63 -16.75
CA VAL A 158 -23.12 26.83 -17.77
C VAL A 158 -22.53 26.77 -19.17
N SER A 159 -21.36 26.15 -19.28
CA SER A 159 -20.72 25.99 -20.57
C SER A 159 -20.57 24.52 -20.95
N LEU A 160 -19.48 23.90 -20.50
CA LEU A 160 -19.19 22.52 -20.87
C LEU A 160 -19.47 21.55 -19.74
N LEU A 161 -19.55 22.07 -18.52
CA LEU A 161 -19.76 21.23 -17.36
C LEU A 161 -21.23 21.10 -16.99
N SER A 162 -22.09 21.77 -17.73
CA SER A 162 -23.52 21.64 -17.52
C SER A 162 -23.91 20.22 -17.88
N PRO A 163 -24.94 19.69 -17.20
CA PRO A 163 -25.35 18.31 -17.46
C PRO A 163 -25.72 18.11 -18.92
N ALA A 164 -26.29 19.13 -19.55
CA ALA A 164 -26.74 19.05 -20.92
C ALA A 164 -25.59 19.04 -21.90
N ASN A 165 -24.54 19.79 -21.58
CA ASN A 165 -23.42 19.93 -22.50
C ASN A 165 -22.37 18.83 -22.38
N GLN A 166 -22.21 18.28 -21.18
CA GLN A 166 -21.38 17.09 -21.00
C GLN A 166 -21.88 16.00 -21.95
N ARG A 167 -23.19 15.80 -21.94
CA ARG A 167 -23.80 14.81 -22.82
C ARG A 167 -23.64 15.19 -24.28
N GLY A 168 -23.80 16.48 -24.56
CA GLY A 168 -23.72 16.98 -25.92
C GLY A 168 -22.40 16.64 -26.58
N LEU A 169 -21.32 16.72 -25.81
CA LEU A 169 -19.98 16.41 -26.29
C LEU A 169 -19.97 15.07 -27.03
N LEU A 170 -20.61 14.08 -26.44
CA LEU A 170 -20.61 12.73 -26.99
C LEU A 170 -21.69 12.55 -28.05
N ASP A 171 -22.84 13.16 -27.82
CA ASP A 171 -23.98 12.98 -28.71
C ASP A 171 -23.81 13.62 -30.08
N ARG A 172 -22.88 14.56 -30.21
CA ARG A 172 -22.63 15.18 -31.52
C ARG A 172 -21.58 14.39 -32.30
N ARG A 173 -21.24 13.21 -31.78
CA ARG A 173 -20.37 12.27 -32.47
C ARG A 173 -21.21 11.12 -33.02
N VAL A 174 -22.47 11.06 -32.59
CA VAL A 174 -23.37 10.01 -33.04
C VAL A 174 -24.73 10.59 -33.42
N THR A 175 -24.71 11.70 -34.16
CA THR A 175 -25.93 12.39 -34.54
C THR A 175 -26.97 11.46 -35.15
N LYS A 176 -26.52 10.55 -36.02
CA LYS A 176 -27.43 9.63 -36.67
C LYS A 176 -28.29 8.89 -35.64
N GLU A 177 -27.63 8.20 -34.71
CA GLU A 177 -28.33 7.46 -33.66
C GLU A 177 -29.17 8.38 -32.78
N ALA A 178 -28.62 9.53 -32.43
CA ALA A 178 -29.32 10.47 -31.55
C ALA A 178 -30.62 10.95 -32.20
N GLN A 179 -30.56 11.30 -33.48
CA GLN A 179 -31.74 11.74 -34.22
C GLN A 179 -32.73 10.59 -34.36
N ALA A 180 -32.20 9.37 -34.41
CA ALA A 180 -33.02 8.19 -34.50
C ALA A 180 -33.83 8.02 -33.21
N TYR A 181 -33.17 8.26 -32.07
CA TYR A 181 -33.87 8.20 -30.80
C TYR A 181 -34.90 9.30 -30.71
N ALA A 182 -34.48 10.53 -30.97
CA ALA A 182 -35.36 11.69 -30.87
C ALA A 182 -36.67 11.49 -31.60
N ALA A 183 -36.58 10.96 -32.83
CA ALA A 183 -37.75 10.70 -33.64
C ALA A 183 -38.64 9.66 -32.97
N ALA A 184 -38.03 8.54 -32.56
CA ALA A 184 -38.74 7.48 -31.87
C ALA A 184 -39.43 8.00 -30.61
N HIS A 185 -38.70 8.77 -29.81
CA HIS A 185 -39.24 9.32 -28.59
C HIS A 185 -40.43 10.24 -28.86
N ALA A 186 -40.32 11.05 -29.91
CA ALA A 186 -41.39 11.98 -30.25
C ALA A 186 -42.66 11.25 -30.69
N ALA A 187 -42.47 10.23 -31.52
CA ALA A 187 -43.58 9.43 -32.03
C ALA A 187 -44.29 8.70 -30.89
N TRP A 188 -43.50 8.23 -29.92
CA TRP A 188 -44.04 7.54 -28.76
C TRP A 188 -44.86 8.48 -27.88
N ARG A 189 -44.47 9.75 -27.81
CA ARG A 189 -45.20 10.73 -27.02
C ARG A 189 -46.58 11.04 -27.63
N GLU A 190 -46.66 10.99 -28.96
CA GLU A 190 -47.95 11.15 -29.64
C GLU A 190 -48.91 10.04 -29.23
N ALA A 191 -48.41 8.81 -29.26
CA ALA A 191 -49.22 7.65 -28.89
C ALA A 191 -49.69 7.76 -27.46
N VAL A 192 -48.80 8.20 -26.57
CA VAL A 192 -49.15 8.32 -25.16
C VAL A 192 -50.16 9.44 -24.97
N SER A 193 -49.97 10.53 -25.71
CA SER A 193 -50.89 11.65 -25.64
C SER A 193 -52.30 11.22 -26.05
N ARG A 194 -52.41 10.66 -27.26
CA ARG A 194 -53.69 10.20 -27.77
C ARG A 194 -54.35 9.18 -26.83
N LEU A 195 -53.55 8.22 -26.36
CA LEU A 195 -54.06 7.20 -25.45
C LEU A 195 -54.61 7.81 -24.17
N GLU A 196 -54.00 8.92 -23.73
CA GLU A 196 -54.49 9.61 -22.55
C GLU A 196 -55.79 10.36 -22.84
N ARG A 197 -55.97 10.75 -24.09
CA ARG A 197 -57.18 11.46 -24.51
C ARG A 197 -58.40 10.57 -24.31
N LEU A 198 -58.16 9.27 -24.16
CA LEU A 198 -59.23 8.30 -23.92
C LEU A 198 -59.32 7.94 -22.44
N LEU A 210 -60.09 -2.61 -21.32
CA LEU A 210 -61.20 -1.94 -21.99
C LEU A 210 -60.78 -1.19 -23.27
N VAL A 211 -59.77 -0.33 -23.16
CA VAL A 211 -59.33 0.47 -24.32
C VAL A 211 -57.97 0.04 -24.85
N PRO A 212 -57.90 -0.21 -26.17
CA PRO A 212 -56.66 -0.69 -26.81
C PRO A 212 -55.50 0.28 -26.65
N ARG A 213 -54.31 -0.26 -26.42
CA ARG A 213 -53.10 0.53 -26.31
C ARG A 213 -52.02 -0.08 -27.19
N GLY A 214 -52.45 -0.75 -28.26
CA GLY A 214 -51.56 -1.56 -29.07
C GLY A 214 -50.42 -0.82 -29.72
N SER A 215 -50.70 0.41 -30.18
CA SER A 215 -49.70 1.21 -30.87
C SER A 215 -48.63 1.73 -29.92
N VAL A 216 -49.07 2.27 -28.78
CA VAL A 216 -48.15 2.87 -27.82
C VAL A 216 -47.15 1.85 -27.27
N ASP A 217 -47.54 0.58 -27.22
CA ASP A 217 -46.66 -0.45 -26.70
C ASP A 217 -45.62 -0.83 -27.75
N ALA A 218 -46.00 -0.78 -29.02
CA ALA A 218 -45.07 -1.07 -30.11
C ALA A 218 -44.04 0.04 -30.23
N LEU A 219 -44.50 1.28 -30.09
CA LEU A 219 -43.63 2.44 -30.17
C LEU A 219 -42.63 2.46 -29.02
N HIS A 220 -43.08 2.02 -27.85
CA HIS A 220 -42.22 1.97 -26.67
C HIS A 220 -41.15 0.90 -26.84
N ALA A 221 -41.46 -0.12 -27.62
CA ALA A 221 -40.50 -1.17 -27.93
C ALA A 221 -39.41 -0.62 -28.85
N GLU A 222 -39.82 0.13 -29.87
CA GLU A 222 -38.87 0.82 -30.73
C GLU A 222 -38.01 1.76 -29.91
N LEU A 223 -38.66 2.55 -29.06
CA LEU A 223 -37.98 3.53 -28.22
C LEU A 223 -36.84 2.92 -27.42
N LEU A 224 -37.09 1.76 -26.81
CA LEU A 224 -36.06 1.07 -26.05
C LEU A 224 -35.03 0.46 -26.98
N LYS A 225 -35.51 -0.09 -28.10
CA LYS A 225 -34.65 -0.73 -29.09
C LYS A 225 -33.66 0.28 -29.63
N VAL A 226 -34.19 1.39 -30.14
CA VAL A 226 -33.40 2.48 -30.66
C VAL A 226 -32.54 3.09 -29.56
N GLY A 227 -33.15 3.28 -28.40
CA GLY A 227 -32.47 3.88 -27.26
C GLY A 227 -31.20 3.12 -26.92
N GLN A 228 -31.27 1.80 -27.06
CA GLN A 228 -30.12 0.94 -26.78
C GLN A 228 -29.08 1.08 -27.88
N ALA A 229 -29.55 1.30 -29.11
CA ALA A 229 -28.65 1.53 -30.23
C ALA A 229 -27.82 2.78 -29.94
N LEU A 230 -28.46 3.76 -29.32
CA LEU A 230 -27.79 5.01 -28.99
C LEU A 230 -26.70 4.81 -27.95
N ASP A 231 -27.02 4.08 -26.88
CA ASP A 231 -26.03 3.79 -25.86
C ASP A 231 -24.84 3.03 -26.44
N ALA A 232 -25.12 2.16 -27.41
CA ALA A 232 -24.08 1.39 -28.07
C ALA A 232 -23.16 2.30 -28.88
N ALA A 233 -23.76 3.27 -29.56
CA ALA A 233 -23.00 4.23 -30.34
C ALA A 233 -22.20 5.11 -29.40
N ARG A 234 -22.84 5.54 -28.32
CA ARG A 234 -22.16 6.35 -27.31
C ARG A 234 -20.89 5.67 -26.82
N GLU A 235 -21.05 4.48 -26.26
CA GLU A 235 -19.90 3.71 -25.77
C GLU A 235 -18.89 3.46 -26.89
N ARG A 236 -19.38 3.29 -28.11
CA ARG A 236 -18.52 3.03 -29.26
C ARG A 236 -17.63 4.23 -29.55
N GLU A 237 -18.24 5.41 -29.59
CA GLU A 237 -17.53 6.63 -29.98
C GLU A 237 -16.86 7.33 -28.82
N ALA A 238 -17.04 6.80 -27.61
CA ALA A 238 -16.50 7.44 -26.41
C ALA A 238 -14.98 7.35 -26.31
N GLU A 239 -14.44 6.14 -26.43
CA GLU A 239 -13.01 5.92 -26.34
C GLU A 239 -12.21 6.82 -27.31
N PRO A 240 -12.54 6.79 -28.61
CA PRO A 240 -11.80 7.62 -29.56
C PRO A 240 -11.85 9.08 -29.19
N LEU A 241 -12.99 9.52 -28.65
CA LEU A 241 -13.17 10.92 -28.26
C LEU A 241 -12.36 11.27 -27.03
N VAL A 242 -12.40 10.38 -26.03
CA VAL A 242 -11.62 10.56 -24.82
C VAL A 242 -10.13 10.55 -25.13
N ASP A 243 -9.76 9.78 -26.14
CA ASP A 243 -8.36 9.64 -26.54
C ASP A 243 -7.82 10.91 -27.16
N SER A 244 -8.68 11.61 -27.91
CA SER A 244 -8.26 12.81 -28.62
C SER A 244 -8.09 13.96 -27.64
N LEU A 245 -8.89 13.97 -26.57
CA LEU A 245 -8.79 14.99 -25.55
C LEU A 245 -7.57 14.76 -24.68
N LEU A 246 -7.42 13.53 -24.19
CA LEU A 246 -6.27 13.18 -23.38
C LEU A 246 -4.94 13.46 -24.10
N ALA A 247 -4.92 13.29 -25.41
CA ALA A 247 -3.73 13.57 -26.21
C ALA A 247 -3.21 14.97 -25.95
N VAL A 248 -4.14 15.92 -25.79
CA VAL A 248 -3.77 17.30 -25.53
C VAL A 248 -3.57 17.56 -24.04
N ILE A 249 -4.56 17.20 -23.24
CA ILE A 249 -4.48 17.40 -21.79
C ILE A 249 -3.16 16.93 -21.17
N ARG A 250 -2.63 15.81 -21.63
CA ARG A 250 -1.43 15.24 -21.03
C ARG A 250 -0.17 16.05 -21.33
N GLU A 251 -0.28 17.01 -22.25
CA GLU A 251 0.86 17.86 -22.59
C GLU A 251 0.79 19.17 -21.85
N LEU A 252 -0.28 19.35 -21.09
CA LEU A 252 -0.55 20.60 -20.39
C LEU A 252 -0.26 20.48 -18.90
N GLY A 253 0.69 19.63 -18.54
CA GLY A 253 1.08 19.47 -17.15
C GLY A 253 0.25 18.47 -16.37
N PRO A 255 0.48 14.65 -17.14
CA PRO A 255 0.93 13.54 -17.97
C PRO A 255 0.16 12.26 -17.70
N HIS A 256 -0.45 12.16 -16.53
CA HIS A 256 -1.14 10.93 -16.14
C HIS A 256 -2.63 11.14 -15.94
N ALA A 257 -3.17 12.13 -16.64
CA ALA A 257 -4.59 12.39 -16.56
C ALA A 257 -5.36 11.19 -17.08
N ARG A 258 -6.45 10.85 -16.41
CA ARG A 258 -7.35 9.80 -16.88
C ARG A 258 -8.73 10.41 -17.07
N GLU A 260 -12.92 9.55 -18.83
CA GLU A 260 -13.87 8.63 -19.45
C GLU A 260 -15.27 9.22 -19.48
N PHE A 261 -16.07 8.79 -20.45
CA PHE A 261 -17.50 9.09 -20.44
C PHE A 261 -18.26 7.93 -19.81
N ALA A 262 -19.07 8.23 -18.80
CA ALA A 262 -19.85 7.20 -18.13
C ALA A 262 -21.33 7.34 -18.47
N LEU A 263 -21.94 6.22 -18.86
CA LEU A 263 -23.38 6.19 -19.08
C LEU A 263 -24.06 5.72 -17.81
N SER A 264 -25.07 6.46 -17.39
CA SER A 264 -25.84 6.11 -16.21
C SER A 264 -27.26 5.76 -16.65
N ALA A 265 -27.69 4.54 -16.35
CA ALA A 265 -29.01 4.10 -16.81
C ALA A 265 -30.13 4.77 -16.02
N LEU A 266 -31.08 5.35 -16.75
CA LEU A 266 -32.20 6.07 -16.15
C LEU A 266 -33.32 5.12 -15.77
N ALA A 267 -34.12 5.51 -14.79
CA ALA A 267 -35.30 4.73 -14.41
C ALA A 267 -36.31 4.71 -15.55
N GLU A 268 -36.58 5.88 -16.12
CA GLU A 268 -37.43 6.00 -17.30
C GLU A 268 -36.70 6.67 -18.47
N PRO A 269 -37.15 6.39 -19.70
CA PRO A 269 -36.58 7.03 -20.89
C PRO A 269 -36.64 8.55 -20.82
N ALA A 270 -35.54 9.20 -21.16
CA ALA A 270 -35.48 10.65 -21.22
C ALA A 270 -35.70 11.09 -22.66
N ALA A 271 -35.98 12.37 -22.86
CA ALA A 271 -36.13 12.89 -24.22
C ALA A 271 -34.82 12.78 -24.97
N TYR A 272 -33.73 12.63 -24.22
CA TYR A 272 -32.40 12.59 -24.80
C TYR A 272 -31.76 11.21 -24.78
N GLY A 273 -32.49 10.21 -24.28
CA GLY A 273 -31.99 8.84 -24.34
C GLY A 273 -32.32 7.98 -23.14
N LEU A 274 -31.77 6.77 -23.14
CA LEU A 274 -32.06 5.81 -22.09
C LEU A 274 -31.05 5.92 -20.95
N SER A 275 -30.10 6.83 -21.09
CA SER A 275 -29.03 6.97 -20.10
C SER A 275 -28.54 8.41 -20.00
N ASP A 276 -28.03 8.77 -18.82
CA ASP A 276 -27.34 10.03 -18.59
C ASP A 276 -25.90 9.89 -19.07
N VAL A 277 -25.37 10.93 -19.70
CA VAL A 277 -23.98 10.88 -20.14
C VAL A 277 -23.12 11.83 -19.33
N LEU A 278 -22.17 11.27 -18.58
CA LEU A 278 -21.35 12.05 -17.66
C LEU A 278 -19.89 12.00 -18.03
N LEU A 279 -19.18 13.10 -17.80
CA LEU A 279 -17.75 13.19 -18.08
C LEU A 279 -16.96 13.15 -16.77
N ARG A 280 -16.11 12.14 -16.63
CA ARG A 280 -15.35 11.96 -15.40
C ARG A 280 -13.85 12.11 -15.68
N PHE A 281 -13.13 12.65 -14.72
CA PHE A 281 -11.74 13.04 -14.94
C PHE A 281 -10.91 12.98 -13.66
N SER A 282 -9.68 12.49 -13.78
CA SER A 282 -8.70 12.55 -12.70
C SER A 282 -7.43 13.17 -13.25
N ALA A 283 -6.91 14.17 -12.55
CA ALA A 283 -5.70 14.88 -13.00
C ALA A 283 -4.42 14.09 -12.74
N ASN A 284 -4.37 13.42 -11.59
CA ASN A 284 -3.15 12.76 -11.14
C ASN A 284 -3.26 11.24 -11.16
N PRO A 285 -2.11 10.55 -11.08
CA PRO A 285 -2.02 9.09 -11.15
C PRO A 285 -2.70 8.36 -9.99
N GLY A 286 -2.53 8.87 -8.77
CA GLY A 286 -3.10 8.23 -7.61
C GLY A 286 -4.58 8.49 -7.43
N GLU A 287 -5.08 9.53 -8.08
CA GLU A 287 -6.47 9.97 -7.92
C GLU A 287 -7.49 9.05 -8.60
N GLU A 288 -8.70 9.05 -8.05
CA GLU A 288 -9.83 8.35 -8.64
C GLU A 288 -10.60 9.30 -9.54
N LEU A 289 -11.24 8.76 -10.57
CA LEU A 289 -12.03 9.57 -11.48
C LEU A 289 -13.18 10.25 -10.74
N GLY A 290 -13.70 11.32 -11.33
CA GLY A 290 -14.79 12.06 -10.73
C GLY A 290 -15.20 13.22 -11.61
N PRO A 291 -16.22 13.97 -11.19
CA PRO A 291 -16.68 15.14 -11.94
C PRO A 291 -15.53 16.10 -12.21
N LEU A 292 -15.60 16.87 -13.29
CA LEU A 292 -14.54 17.83 -13.56
C LEU A 292 -14.55 18.95 -12.55
N SER A 293 -15.67 19.12 -11.86
CA SER A 293 -15.77 20.14 -10.84
C SER A 293 -14.91 19.80 -9.62
N ASP A 294 -14.43 18.57 -9.56
CA ASP A 294 -13.65 18.09 -8.41
C ASP A 294 -12.13 18.17 -8.62
N VAL A 295 -11.69 18.88 -9.64
CA VAL A 295 -10.26 19.12 -9.83
C VAL A 295 -9.78 20.09 -8.77
N ALA A 296 -8.66 19.73 -8.12
CA ALA A 296 -8.15 20.49 -7.00
C ALA A 296 -7.81 21.94 -7.35
N SER A 297 -7.41 22.18 -8.59
CA SER A 297 -6.95 23.49 -9.03
C SER A 297 -7.88 24.13 -10.05
N GLY A 298 -8.24 25.39 -9.83
CA GLY A 298 -8.94 26.16 -10.84
C GLY A 298 -8.16 26.14 -12.14
N GLY A 299 -6.85 26.38 -12.04
CA GLY A 299 -5.96 26.31 -13.18
C GLY A 299 -6.04 24.99 -13.94
N GLU A 300 -6.14 23.88 -13.22
CA GLU A 300 -6.26 22.58 -13.87
C GLU A 300 -7.56 22.47 -14.66
N LEU A 301 -8.65 22.96 -14.08
CA LEU A 301 -9.92 23.00 -14.77
C LEU A 301 -9.78 23.81 -16.06
N SER A 302 -9.23 25.01 -15.93
CA SER A 302 -9.02 25.89 -17.09
C SER A 302 -8.26 25.19 -18.20
N ARG A 303 -7.22 24.44 -17.85
CA ARG A 303 -6.39 23.80 -18.87
C ARG A 303 -7.12 22.64 -19.53
N VAL A 304 -8.03 22.02 -18.79
CA VAL A 304 -8.84 20.95 -19.36
C VAL A 304 -9.90 21.55 -20.26
N LEU A 306 -9.49 24.38 -21.89
CA LEU A 306 -8.74 24.79 -23.07
C LEU A 306 -8.61 23.63 -24.05
N ALA A 307 -8.16 22.48 -23.56
CA ALA A 307 -7.98 21.30 -24.39
C ALA A 307 -9.26 20.92 -25.12
N VAL A 308 -10.33 20.78 -24.36
CA VAL A 308 -11.63 20.47 -24.94
C VAL A 308 -12.03 21.54 -25.95
N SER A 309 -11.78 22.80 -25.61
CA SER A 309 -12.14 23.91 -26.49
C SER A 309 -11.41 23.90 -27.83
N THR A 310 -10.13 23.54 -27.84
CA THR A 310 -9.38 23.53 -29.10
C THR A 310 -9.65 22.26 -29.90
N VAL A 311 -9.82 21.14 -29.19
CA VAL A 311 -10.03 19.85 -29.83
C VAL A 311 -11.40 19.74 -30.49
N LEU A 312 -12.43 20.22 -29.78
CA LEU A 312 -13.81 20.09 -30.25
C LEU A 312 -14.42 21.43 -30.68
N GLY A 313 -13.77 22.53 -30.32
CA GLY A 313 -14.26 23.84 -30.69
C GLY A 313 -14.97 24.59 -29.57
N ALA A 314 -14.92 25.91 -29.62
CA ALA A 314 -15.63 26.76 -28.69
C ALA A 314 -17.01 27.09 -29.25
N ASP A 315 -17.96 27.40 -28.38
CA ASP A 315 -19.33 27.68 -28.81
C ASP A 315 -19.70 29.16 -28.71
N THR A 316 -18.69 29.99 -28.45
CA THR A 316 -18.89 31.43 -28.36
C THR A 316 -17.72 32.17 -29.00
N PRO A 317 -17.98 33.37 -29.54
CA PRO A 317 -16.96 34.18 -30.22
C PRO A 317 -15.79 34.54 -29.30
N SER A 318 -16.07 34.67 -28.01
CA SER A 318 -15.05 35.07 -27.04
C SER A 318 -15.00 34.07 -25.89
N VAL A 319 -13.78 33.74 -25.46
CA VAL A 319 -13.57 32.81 -24.35
C VAL A 319 -12.53 33.35 -23.38
N VAL A 320 -12.74 33.10 -22.09
CA VAL A 320 -11.83 33.59 -21.06
C VAL A 320 -11.31 32.47 -20.17
N PHE A 321 -10.00 32.43 -19.99
CA PHE A 321 -9.37 31.43 -19.13
C PHE A 321 -8.68 32.16 -17.99
N ASP A 322 -8.88 31.72 -16.78
CA ASP A 322 -8.21 32.29 -15.66
C ASP A 322 -7.26 31.31 -15.05
N GLU A 323 -6.03 31.68 -14.84
CA GLU A 323 -5.23 30.74 -14.15
C GLU A 323 -4.82 29.56 -14.89
N VAL A 324 -4.73 29.58 -16.20
CA VAL A 324 -4.32 28.36 -16.88
C VAL A 324 -2.87 28.34 -16.86
N ASP A 325 -2.23 29.42 -16.43
CA ASP A 325 -0.82 29.21 -16.19
C ASP A 325 -0.50 28.92 -14.78
N ALA A 326 -1.50 28.68 -13.98
CA ALA A 326 -1.28 28.58 -12.55
C ALA A 326 -0.09 27.70 -12.16
N GLY A 327 -0.32 26.40 -12.03
CA GLY A 327 0.69 25.54 -11.42
C GLY A 327 1.68 24.86 -12.34
N ILE A 328 1.90 25.45 -13.52
CA ILE A 328 2.77 24.84 -14.51
C ILE A 328 3.90 25.78 -14.87
N GLY A 329 4.73 25.34 -15.80
CA GLY A 329 5.80 26.17 -16.33
C GLY A 329 6.53 25.44 -17.43
N GLY A 330 7.63 26.03 -17.89
CA GLY A 330 8.48 25.41 -18.89
C GLY A 330 7.72 24.78 -20.03
N ALA A 331 8.04 23.51 -20.31
CA ALA A 331 7.44 22.80 -21.42
C ALA A 331 5.91 22.89 -21.39
N ALA A 332 5.33 22.60 -20.23
CA ALA A 332 3.88 22.64 -20.06
C ALA A 332 3.28 23.98 -20.46
N ALA A 333 3.97 25.06 -20.08
CA ALA A 333 3.53 26.42 -20.37
C ALA A 333 3.55 26.75 -21.86
N ILE A 334 4.55 26.24 -22.57
CA ILE A 334 4.62 26.41 -24.02
C ILE A 334 3.49 25.68 -24.74
N ALA A 335 3.17 24.48 -24.28
CA ALA A 335 2.08 23.71 -24.85
C ALA A 335 0.75 24.44 -24.69
N VAL A 336 0.57 25.10 -23.54
CA VAL A 336 -0.63 25.89 -23.29
C VAL A 336 -0.70 27.08 -24.24
N ALA A 337 0.40 27.82 -24.36
CA ALA A 337 0.44 28.95 -25.27
C ALA A 337 0.09 28.50 -26.70
N GLU A 338 0.54 27.31 -27.07
CA GLU A 338 0.26 26.79 -28.40
C GLU A 338 -1.22 26.50 -28.59
N GLN A 339 -1.86 25.90 -27.59
CA GLN A 339 -3.28 25.62 -27.67
C GLN A 339 -4.10 26.89 -27.71
N LEU A 340 -3.74 27.85 -26.86
CA LEU A 340 -4.39 29.15 -26.87
C LEU A 340 -4.31 29.77 -28.26
N SER A 341 -3.13 29.70 -28.86
CA SER A 341 -2.92 30.27 -30.18
C SER A 341 -3.92 29.69 -31.18
N ARG A 342 -4.07 28.38 -31.16
CA ARG A 342 -4.95 27.68 -32.10
C ARG A 342 -6.42 28.02 -31.90
N LEU A 343 -6.83 28.08 -30.64
CA LEU A 343 -8.21 28.45 -30.34
C LEU A 343 -8.47 29.86 -30.87
N ALA A 344 -7.42 30.66 -30.93
CA ALA A 344 -7.52 32.05 -31.39
C ALA A 344 -7.62 32.16 -32.91
N ASP A 345 -7.39 31.06 -33.62
CA ASP A 345 -7.53 31.02 -35.07
C ASP A 345 -8.97 31.16 -35.50
N THR A 346 -9.89 31.00 -34.54
CA THR A 346 -11.31 31.07 -34.80
C THR A 346 -12.02 31.91 -33.74
N ARG A 347 -11.31 32.24 -32.67
CA ARG A 347 -11.94 32.91 -31.53
C ARG A 347 -11.14 34.06 -31.00
N GLN A 348 -11.76 34.81 -30.10
CA GLN A 348 -11.06 35.80 -29.30
C GLN A 348 -10.87 35.16 -27.93
N VAL A 349 -9.62 34.89 -27.56
CA VAL A 349 -9.33 34.29 -26.27
C VAL A 349 -8.64 35.33 -25.38
N LEU A 350 -9.18 35.49 -24.19
CA LEU A 350 -8.69 36.49 -23.26
C LEU A 350 -8.07 35.82 -22.03
N VAL A 351 -6.76 35.96 -21.87
CA VAL A 351 -6.10 35.39 -20.72
C VAL A 351 -5.21 36.42 -20.02
N VAL A 352 -5.13 36.30 -18.70
CA VAL A 352 -4.19 37.08 -17.91
C VAL A 352 -3.05 36.14 -17.53
N THR A 353 -1.82 36.55 -17.78
CA THR A 353 -0.68 35.66 -17.61
C THR A 353 0.55 36.34 -17.02
N HIS A 354 1.39 35.56 -16.35
CA HIS A 354 2.66 36.04 -15.83
C HIS A 354 3.84 35.36 -16.49
N LEU A 355 3.54 34.47 -17.43
CA LEU A 355 4.55 33.70 -18.14
C LEU A 355 4.83 34.28 -19.52
N ALA A 356 6.09 34.60 -19.79
CA ALA A 356 6.47 35.18 -21.08
C ALA A 356 6.12 34.26 -22.24
N GLN A 357 6.15 32.95 -21.99
CA GLN A 357 5.83 31.98 -23.03
C GLN A 357 4.44 32.22 -23.59
N ILE A 358 3.48 32.46 -22.69
CA ILE A 358 2.11 32.67 -23.09
C ILE A 358 1.91 34.04 -23.73
N ALA A 359 2.46 35.07 -23.10
CA ALA A 359 2.31 36.44 -23.60
C ALA A 359 2.82 36.58 -25.03
N ALA A 360 3.97 35.96 -25.31
CA ALA A 360 4.63 36.11 -26.59
C ALA A 360 3.82 35.57 -27.78
N ARG A 361 2.78 34.80 -27.49
CA ARG A 361 1.98 34.20 -28.56
C ARG A 361 0.71 34.99 -28.82
N ALA A 362 0.52 36.09 -28.10
CA ALA A 362 -0.69 36.88 -28.23
C ALA A 362 -0.73 37.66 -29.55
N HIS A 363 -1.93 37.85 -30.07
CA HIS A 363 -2.11 38.72 -31.23
C HIS A 363 -2.08 40.16 -30.76
N HIS A 364 -2.39 40.34 -29.48
CA HIS A 364 -2.37 41.66 -28.88
C HIS A 364 -1.88 41.52 -27.46
N HIS A 365 -0.85 42.28 -27.12
CA HIS A 365 -0.27 42.22 -25.78
C HIS A 365 -0.64 43.48 -25.01
N TYR A 366 -1.51 43.32 -24.03
CA TYR A 366 -1.94 44.45 -23.21
C TYR A 366 -1.14 44.45 -21.91
N LYS A 367 -0.75 45.63 -21.46
CA LYS A 367 -0.08 45.74 -20.17
C LYS A 367 -0.96 46.49 -19.18
N VAL A 368 -1.19 45.86 -18.04
CA VAL A 368 -1.95 46.51 -16.99
C VAL A 368 -0.96 47.23 -16.07
N GLU A 369 -1.15 48.54 -15.95
CA GLU A 369 -0.21 49.39 -15.22
C GLU A 369 -0.87 50.14 -14.08
N LYS A 370 -0.06 50.91 -13.37
CA LYS A 370 -0.50 51.57 -12.16
C LYS A 370 -0.21 53.06 -12.25
N GLN A 371 -1.19 53.89 -11.89
CA GLN A 371 -1.01 55.32 -11.89
C GLN A 371 -1.70 55.97 -10.71
N VAL A 372 -1.13 57.04 -10.19
CA VAL A 372 -1.80 57.76 -9.13
C VAL A 372 -2.86 58.69 -9.72
N GLU A 373 -4.02 58.72 -9.09
CA GLU A 373 -5.13 59.56 -9.53
C GLU A 373 -5.94 59.93 -8.30
N ASP A 374 -5.81 61.17 -7.86
CA ASP A 374 -6.43 61.61 -6.61
C ASP A 374 -5.79 60.90 -5.42
N GLY A 375 -4.47 60.81 -5.43
CA GLY A 375 -3.75 60.26 -4.30
C GLY A 375 -3.92 58.76 -4.13
N ARG A 376 -4.67 58.16 -5.06
CA ARG A 376 -4.90 56.71 -5.04
C ARG A 376 -4.27 56.05 -6.26
N THR A 377 -3.58 54.94 -6.05
CA THR A 377 -2.97 54.23 -7.17
C THR A 377 -4.00 53.35 -7.87
N VAL A 378 -4.37 53.76 -9.09
CA VAL A 378 -5.40 53.06 -9.86
C VAL A 378 -4.80 52.29 -11.04
N SER A 379 -5.64 51.51 -11.71
CA SER A 379 -5.19 50.67 -12.81
C SER A 379 -5.38 51.31 -14.17
N HIS A 380 -4.45 51.04 -15.06
CA HIS A 380 -4.42 51.65 -16.38
C HIS A 380 -3.92 50.60 -17.37
N VAL A 381 -4.54 50.53 -18.54
CA VAL A 381 -4.20 49.50 -19.52
C VAL A 381 -3.77 50.16 -20.82
N ARG A 382 -2.88 49.49 -21.57
CA ARG A 382 -2.45 50.02 -22.85
C ARG A 382 -1.79 48.94 -23.72
N LEU A 383 -2.07 48.98 -25.01
CA LEU A 383 -1.45 48.08 -25.98
C LEU A 383 0.06 48.25 -26.04
N LEU A 384 0.77 47.17 -26.34
CA LEU A 384 2.21 47.22 -26.55
C LEU A 384 2.54 47.17 -28.03
N THR A 385 3.33 48.11 -28.46
CA THR A 385 3.65 48.37 -29.83
C THR A 385 4.42 47.35 -30.61
N GLY A 386 5.46 46.80 -30.03
CA GLY A 386 6.25 45.83 -30.75
C GLY A 386 7.58 45.74 -30.09
N ASP A 387 8.33 46.81 -30.15
CA ASP A 387 9.60 46.91 -29.43
C ASP A 387 9.40 47.10 -27.96
N GLU A 388 8.29 47.73 -27.64
CA GLU A 388 7.86 47.90 -26.27
C GLU A 388 7.41 46.55 -25.73
N ARG A 389 6.78 45.78 -26.61
CA ARG A 389 6.32 44.46 -26.27
C ARG A 389 7.51 43.54 -26.02
N LEU A 390 8.44 43.53 -26.97
CA LEU A 390 9.66 42.75 -26.85
C LEU A 390 10.32 43.05 -25.52
N GLU A 391 10.32 44.29 -25.12
CA GLU A 391 10.86 44.66 -23.84
C GLU A 391 10.13 44.02 -22.73
N GLU A 392 8.82 43.99 -22.80
CA GLU A 392 7.98 43.40 -21.74
C GLU A 392 8.25 41.92 -21.58
N ILE A 393 8.28 41.20 -22.70
CA ILE A 393 8.54 39.76 -22.68
C ILE A 393 9.85 39.49 -21.96
N ALA A 394 10.87 40.26 -22.27
CA ALA A 394 12.17 40.12 -21.61
C ALA A 394 12.02 40.38 -20.10
N ARG A 395 11.38 41.48 -19.73
CA ARG A 395 11.11 41.75 -18.31
C ARG A 395 10.40 40.59 -17.63
N LEU A 397 10.65 37.35 -18.32
CA LEU A 397 11.63 36.29 -18.14
C LEU A 397 12.67 36.70 -17.10
N SER A 398 13.41 37.73 -17.42
CA SER A 398 14.48 38.24 -16.59
C SER A 398 14.13 39.40 -15.69
N GLY A 399 12.90 39.84 -15.65
CA GLY A 399 12.66 40.95 -14.79
C GLY A 399 13.63 42.06 -15.11
N ASN A 400 13.69 42.46 -16.37
CA ASN A 400 14.50 43.57 -16.83
C ASN A 400 15.41 43.15 -17.92
N THR A 401 15.59 44.00 -18.92
CA THR A 401 16.19 43.65 -20.18
C THR A 401 17.67 43.36 -20.15
N SER A 402 17.99 42.19 -20.66
CA SER A 402 19.34 41.71 -20.70
C SER A 402 19.59 41.18 -22.06
N GLU A 403 20.65 41.66 -22.67
CA GLU A 403 20.87 41.32 -24.07
C GLU A 403 20.41 39.90 -24.40
N ALA A 404 20.59 38.99 -23.44
CA ALA A 404 20.15 37.60 -23.57
C ALA A 404 18.64 37.50 -23.45
N ALA A 405 18.07 38.29 -22.54
CA ALA A 405 16.63 38.39 -22.39
C ALA A 405 15.98 38.79 -23.72
N LEU A 406 16.57 39.76 -24.40
CA LEU A 406 16.07 40.19 -25.70
C LEU A 406 16.22 39.08 -26.72
N GLU A 407 17.27 38.28 -26.56
CA GLU A 407 17.55 37.19 -27.50
C GLU A 407 16.58 36.04 -27.27
N HIS A 408 16.24 35.81 -26.01
CA HIS A 408 15.23 34.82 -25.66
C HIS A 408 13.85 35.35 -26.03
N ALA A 409 13.66 36.65 -25.81
CA ALA A 409 12.40 37.30 -26.17
C ALA A 409 12.15 37.24 -27.68
N ARG A 410 13.19 37.51 -28.46
CA ARG A 410 13.11 37.44 -29.91
C ARG A 410 12.55 36.10 -30.38
N GLU A 411 13.01 35.02 -29.74
CA GLU A 411 12.61 33.68 -30.16
C GLU A 411 11.20 33.33 -29.72
N LEU A 412 10.85 33.72 -28.49
CA LEU A 412 9.52 33.47 -27.96
C LEU A 412 8.46 34.13 -28.85
N LEU A 413 8.76 35.33 -29.31
CA LEU A 413 7.83 36.09 -30.15
C LEU A 413 7.74 35.49 -31.56
N ALA A 414 8.85 34.91 -32.02
CA ALA A 414 8.89 34.28 -33.33
C ALA A 414 8.70 32.77 -33.22
N PRO B 38 -55.54 -11.09 1.84
CA PRO B 38 -55.93 -12.30 1.11
C PRO B 38 -54.70 -13.11 0.68
N ARG B 39 -54.35 -14.12 1.47
CA ARG B 39 -53.17 -14.92 1.19
C ARG B 39 -53.35 -15.83 -0.02
N LEU B 40 -52.27 -16.45 -0.46
CA LEU B 40 -52.32 -17.45 -1.51
C LEU B 40 -52.82 -18.75 -0.89
N SER B 41 -54.00 -19.20 -1.30
CA SER B 41 -54.66 -20.33 -0.64
C SER B 41 -54.32 -21.68 -1.24
N ARG B 42 -54.29 -21.75 -2.57
CA ARG B 42 -54.07 -23.00 -3.27
C ARG B 42 -53.13 -22.78 -4.46
N LEU B 43 -52.28 -23.76 -4.73
CA LEU B 43 -51.31 -23.67 -5.81
C LEU B 43 -51.26 -24.97 -6.57
N GLU B 44 -51.54 -24.91 -7.87
CA GLU B 44 -51.54 -26.09 -8.70
C GLU B 44 -50.43 -26.02 -9.74
N ILE B 45 -49.55 -27.00 -9.72
CA ILE B 45 -48.49 -27.06 -10.70
C ILE B 45 -48.71 -28.30 -11.57
N ARG B 46 -48.16 -28.28 -12.77
CA ARG B 46 -48.36 -29.36 -13.73
C ARG B 46 -47.21 -29.38 -14.73
N ASN B 47 -46.48 -30.49 -14.76
CA ASN B 47 -45.33 -30.66 -15.65
C ASN B 47 -44.29 -29.55 -15.53
N LEU B 48 -43.92 -29.24 -14.29
CA LEU B 48 -42.81 -28.32 -14.02
C LEU B 48 -41.71 -29.09 -13.29
N ALA B 49 -40.54 -29.18 -13.91
CA ALA B 49 -39.40 -29.89 -13.33
C ALA B 49 -39.77 -31.31 -12.89
N THR B 50 -39.64 -31.58 -11.60
CA THR B 50 -39.89 -32.92 -11.06
C THR B 50 -41.31 -33.09 -10.56
N ILE B 51 -42.20 -32.19 -10.96
CA ILE B 51 -43.59 -32.25 -10.55
C ILE B 51 -44.47 -32.57 -11.74
N THR B 52 -45.09 -33.74 -11.74
CA THR B 52 -46.02 -34.10 -12.80
C THR B 52 -47.31 -33.33 -12.56
N GLN B 53 -47.81 -33.43 -11.33
CA GLN B 53 -49.00 -32.70 -10.94
C GLN B 53 -49.03 -32.52 -9.43
N LEU B 54 -49.33 -31.30 -9.00
CA LEU B 54 -49.34 -30.96 -7.60
C LEU B 54 -50.52 -30.08 -7.28
N GLU B 55 -51.18 -30.38 -6.16
CA GLU B 55 -52.29 -29.56 -5.67
C GLU B 55 -52.10 -29.30 -4.19
N LEU B 56 -51.49 -28.15 -3.88
CA LEU B 56 -51.14 -27.83 -2.50
C LEU B 56 -51.98 -26.70 -1.96
N GLU B 57 -52.29 -26.76 -0.68
CA GLU B 57 -53.05 -25.71 -0.03
C GLU B 57 -52.24 -25.06 1.08
N LEU B 58 -51.78 -23.84 0.81
CA LEU B 58 -50.99 -23.09 1.76
C LEU B 58 -51.91 -22.29 2.67
N GLY B 59 -51.43 -21.94 3.86
CA GLY B 59 -52.26 -21.22 4.80
C GLY B 59 -51.47 -20.28 5.68
N GLY B 60 -52.03 -19.97 6.84
CA GLY B 60 -51.35 -19.21 7.89
C GLY B 60 -50.42 -18.14 7.39
N GLY B 61 -49.37 -17.87 8.18
CA GLY B 61 -48.40 -16.87 7.83
C GLY B 61 -47.09 -17.48 7.40
N PHE B 62 -46.36 -18.05 8.35
CA PHE B 62 -45.05 -18.62 8.07
C PHE B 62 -45.14 -20.09 7.61
N CYS B 63 -45.00 -20.30 6.31
CA CYS B 63 -44.93 -21.65 5.75
C CYS B 63 -43.49 -22.00 5.43
N ALA B 64 -43.01 -23.11 5.98
CA ALA B 64 -41.67 -23.58 5.71
C ALA B 64 -41.70 -24.84 4.87
N PHE B 65 -40.81 -24.92 3.90
CA PHE B 65 -40.69 -26.10 3.07
C PHE B 65 -39.33 -26.74 3.28
N THR B 66 -39.32 -28.05 3.50
CA THR B 66 -38.07 -28.76 3.74
C THR B 66 -38.11 -30.12 3.06
N GLY B 67 -36.99 -30.84 3.14
CA GLY B 67 -36.87 -32.11 2.47
C GLY B 67 -36.11 -31.94 1.18
N GLU B 68 -36.78 -32.24 0.06
CA GLU B 68 -36.17 -32.00 -1.24
C GLU B 68 -36.24 -30.51 -1.54
N THR B 69 -35.27 -29.77 -1.01
CA THR B 69 -35.27 -28.32 -1.14
C THR B 69 -35.24 -27.86 -2.59
N GLY B 70 -34.57 -28.63 -3.45
CA GLY B 70 -34.52 -28.32 -4.87
C GLY B 70 -35.91 -28.31 -5.47
N ALA B 71 -36.66 -29.37 -5.19
CA ALA B 71 -38.05 -29.44 -5.60
C ALA B 71 -38.83 -28.34 -4.90
N GLY B 72 -38.53 -28.14 -3.62
CA GLY B 72 -39.16 -27.08 -2.85
C GLY B 72 -39.08 -25.73 -3.54
N LYS B 73 -37.95 -25.41 -4.08
CA LYS B 73 -37.80 -24.19 -4.80
C LYS B 73 -38.45 -24.13 -6.15
N SER B 74 -38.73 -25.29 -6.73
CA SER B 74 -39.43 -25.35 -7.99
C SER B 74 -40.86 -24.88 -7.81
N ILE B 75 -41.37 -25.06 -6.61
CA ILE B 75 -42.75 -24.71 -6.30
C ILE B 75 -42.85 -23.26 -5.87
N ILE B 76 -42.05 -22.90 -4.88
CA ILE B 76 -42.15 -21.60 -4.24
C ILE B 76 -41.58 -20.48 -5.09
N VAL B 77 -40.38 -20.69 -5.64
CA VAL B 77 -39.70 -19.62 -6.35
C VAL B 77 -39.93 -19.65 -7.85
N ASP B 78 -39.78 -20.83 -8.45
CA ASP B 78 -39.89 -20.97 -9.89
C ASP B 78 -41.33 -20.85 -10.39
N ALA B 79 -42.24 -21.57 -9.74
CA ALA B 79 -43.64 -21.55 -10.12
C ALA B 79 -44.32 -20.22 -9.81
N LEU B 80 -44.25 -19.79 -8.56
CA LEU B 80 -44.82 -18.50 -8.18
C LEU B 80 -44.23 -17.36 -9.02
N GLY B 81 -42.96 -17.47 -9.38
CA GLY B 81 -42.33 -16.48 -10.21
C GLY B 81 -43.02 -16.33 -11.56
N LEU B 82 -43.55 -17.43 -12.07
CA LEU B 82 -44.26 -17.41 -13.35
C LEU B 82 -45.62 -16.70 -13.23
N LEU B 83 -46.22 -16.77 -12.04
CA LEU B 83 -47.46 -16.07 -11.79
C LEU B 83 -47.19 -14.58 -11.67
N LEU B 84 -46.00 -14.22 -11.30
CA LEU B 84 -45.66 -12.82 -11.14
C LEU B 84 -45.49 -12.14 -12.44
N GLY B 85 -45.53 -12.86 -13.53
CA GLY B 85 -45.27 -12.26 -14.81
C GLY B 85 -43.82 -12.59 -14.87
N GLY B 86 -43.05 -12.09 -15.78
CA GLY B 86 -41.70 -12.53 -15.66
C GLY B 86 -41.08 -13.24 -16.81
N ARG B 87 -39.84 -13.60 -16.70
CA ARG B 87 -39.23 -14.26 -17.80
C ARG B 87 -40.06 -15.47 -17.79
N ALA B 88 -40.17 -16.15 -18.90
CA ALA B 88 -40.93 -17.36 -18.91
C ALA B 88 -39.89 -18.32 -19.20
N ASN B 89 -39.40 -19.01 -18.19
CA ASN B 89 -38.37 -19.96 -18.42
C ASN B 89 -38.90 -21.21 -19.01
N HIS B 90 -38.37 -21.58 -20.14
CA HIS B 90 -38.83 -22.83 -20.78
C HIS B 90 -38.07 -24.06 -20.29
N ASP B 91 -37.05 -23.85 -19.47
CA ASP B 91 -36.33 -24.97 -18.85
C ASP B 91 -37.19 -25.56 -17.75
N LEU B 92 -38.13 -24.76 -17.26
CA LEU B 92 -39.01 -25.20 -16.19
C LEU B 92 -39.96 -26.31 -16.63
N ILE B 93 -40.14 -26.43 -17.94
CA ILE B 93 -41.06 -27.44 -18.46
C ILE B 93 -40.48 -28.84 -18.29
N ARG B 94 -41.25 -29.71 -17.63
CA ARG B 94 -40.81 -31.09 -17.39
C ARG B 94 -40.34 -31.76 -18.69
N SER B 95 -39.22 -32.48 -18.60
CA SER B 95 -38.69 -33.18 -19.76
C SER B 95 -39.63 -34.31 -20.17
N GLY B 96 -39.80 -34.49 -21.48
CA GLY B 96 -40.72 -35.47 -22.00
C GLY B 96 -42.12 -34.91 -22.06
N GLU B 97 -42.27 -33.65 -21.69
CA GLU B 97 -43.60 -33.03 -21.69
C GLU B 97 -43.67 -31.82 -22.62
N LYS B 98 -44.85 -31.57 -23.18
CA LYS B 98 -45.02 -30.51 -24.17
C LYS B 98 -45.26 -29.16 -23.52
N GLU B 99 -45.93 -29.16 -22.36
CA GLU B 99 -46.26 -27.88 -21.74
C GLU B 99 -46.48 -27.89 -20.24
N LEU B 100 -46.39 -26.69 -19.66
CA LEU B 100 -46.32 -26.44 -18.22
C LEU B 100 -47.49 -25.55 -17.82
N LEU B 101 -48.09 -25.79 -16.66
CA LEU B 101 -49.22 -24.97 -16.22
C LEU B 101 -49.22 -24.72 -14.72
N VAL B 102 -49.16 -23.45 -14.33
CA VAL B 102 -49.21 -23.05 -12.94
C VAL B 102 -50.45 -22.21 -12.69
N THR B 103 -51.23 -22.59 -11.68
CA THR B 103 -52.41 -21.82 -11.30
C THR B 103 -52.42 -21.52 -9.82
N GLY B 104 -52.52 -20.25 -9.46
CA GLY B 104 -52.62 -19.85 -8.06
C GLY B 104 -54.00 -19.32 -7.74
N PHE B 105 -54.49 -19.60 -6.54
CA PHE B 105 -55.82 -19.14 -6.11
C PHE B 105 -55.77 -18.30 -4.84
N TRP B 106 -56.49 -17.17 -4.85
CA TRP B 106 -56.55 -16.26 -3.71
C TRP B 106 -57.96 -16.15 -3.14
N ALA B 114 -61.91 -14.49 -4.39
CA ALA B 114 -61.76 -15.77 -5.06
C ALA B 114 -61.06 -15.63 -6.41
N ASP B 115 -60.09 -14.71 -6.47
CA ASP B 115 -59.35 -14.46 -7.69
C ASP B 115 -58.41 -15.61 -8.04
N SER B 116 -57.94 -15.65 -9.27
CA SER B 116 -56.99 -16.68 -9.70
C SER B 116 -56.07 -16.12 -10.77
N ALA B 117 -55.01 -16.86 -11.09
CA ALA B 117 -54.04 -16.44 -12.09
C ALA B 117 -53.32 -17.65 -12.65
N SER B 118 -53.11 -17.67 -13.96
CA SER B 118 -52.47 -18.80 -14.60
C SER B 118 -51.27 -18.37 -15.41
N ARG B 119 -50.31 -19.28 -15.53
CA ARG B 119 -49.21 -19.09 -16.46
C ARG B 119 -49.00 -20.41 -17.16
N ARG B 120 -49.31 -20.44 -18.45
CA ARG B 120 -49.11 -21.63 -19.26
C ARG B 120 -47.93 -21.45 -20.20
N LEU B 121 -46.88 -22.26 -20.02
CA LEU B 121 -45.76 -22.26 -20.96
C LEU B 121 -45.84 -23.50 -21.84
N SER B 122 -45.62 -23.32 -23.15
CA SER B 122 -45.59 -24.46 -24.08
C SER B 122 -44.20 -24.66 -24.66
N SER B 123 -43.84 -25.93 -24.89
CA SER B 123 -42.52 -26.26 -25.46
C SER B 123 -42.38 -25.70 -26.87
N ALA B 124 -43.51 -25.55 -27.56
CA ALA B 124 -43.51 -24.81 -28.81
C ALA B 124 -42.82 -23.47 -28.61
N GLY B 125 -42.87 -22.93 -27.39
CA GLY B 125 -42.29 -21.62 -27.20
C GLY B 125 -43.35 -20.54 -27.03
N ARG B 126 -44.62 -20.93 -27.21
CA ARG B 126 -45.75 -20.04 -26.96
C ARG B 126 -46.01 -19.92 -25.47
N GLY B 127 -46.98 -19.09 -25.12
CA GLY B 127 -47.35 -18.91 -23.73
C GLY B 127 -48.77 -18.38 -23.58
N ALA B 128 -49.30 -18.49 -22.36
CA ALA B 128 -50.63 -17.98 -22.04
C ALA B 128 -50.68 -17.49 -20.59
N ALA B 129 -51.04 -16.22 -20.41
CA ALA B 129 -51.23 -15.65 -19.09
C ALA B 129 -52.72 -15.50 -18.87
N ARG B 130 -53.21 -15.92 -17.71
CA ARG B 130 -54.63 -15.77 -17.41
C ARG B 130 -54.88 -15.06 -16.10
N LEU B 131 -55.84 -14.15 -16.11
CA LEU B 131 -56.31 -13.51 -14.89
C LEU B 131 -57.76 -13.91 -14.68
N SER B 132 -58.00 -14.68 -13.63
CA SER B 132 -59.34 -15.11 -13.26
C SER B 132 -60.07 -15.76 -14.43
N GLY B 133 -59.36 -16.59 -15.17
CA GLY B 133 -59.98 -17.39 -16.21
C GLY B 133 -59.93 -16.79 -17.60
N GLU B 134 -59.43 -15.58 -17.72
CA GLU B 134 -59.38 -14.90 -19.00
C GLU B 134 -57.94 -14.77 -19.51
N VAL B 135 -57.70 -15.16 -20.76
CA VAL B 135 -56.38 -14.97 -21.36
C VAL B 135 -56.06 -13.48 -21.44
N VAL B 136 -54.91 -13.12 -20.87
CA VAL B 136 -54.56 -11.73 -20.66
C VAL B 136 -53.07 -11.52 -20.93
N SER B 137 -52.67 -10.29 -21.22
CA SER B 137 -51.27 -10.00 -21.52
C SER B 137 -50.38 -10.18 -20.28
N VAL B 138 -49.12 -10.51 -20.51
CA VAL B 138 -48.19 -10.73 -19.40
C VAL B 138 -48.09 -9.49 -18.51
N ARG B 139 -48.15 -8.31 -19.11
CA ARG B 139 -48.05 -7.06 -18.37
C ARG B 139 -49.17 -6.95 -17.34
N GLU B 140 -50.36 -7.40 -17.72
CA GLU B 140 -51.50 -7.36 -16.82
C GLU B 140 -51.35 -8.40 -15.71
N LEU B 141 -50.75 -9.53 -16.04
CA LEU B 141 -50.44 -10.53 -15.03
C LEU B 141 -49.52 -9.90 -14.00
N GLN B 142 -48.43 -9.31 -14.50
CA GLN B 142 -47.47 -8.63 -13.65
C GLN B 142 -48.14 -7.61 -12.75
N GLU B 143 -48.88 -6.69 -13.38
CA GLU B 143 -49.55 -5.62 -12.65
C GLU B 143 -50.47 -6.16 -11.55
N TRP B 144 -51.20 -7.22 -11.86
CA TRP B 144 -52.09 -7.83 -10.88
C TRP B 144 -51.29 -8.54 -9.81
N ALA B 145 -50.51 -9.53 -10.23
CA ALA B 145 -49.74 -10.35 -9.30
C ALA B 145 -48.85 -9.52 -8.40
N GLN B 146 -48.27 -8.46 -8.95
CA GLN B 146 -47.36 -7.64 -8.16
C GLN B 146 -48.04 -7.00 -6.96
N GLY B 147 -49.35 -7.09 -6.92
CA GLY B 147 -50.10 -6.51 -5.82
C GLY B 147 -50.37 -7.53 -4.73
N ARG B 148 -49.93 -8.76 -4.98
CA ARG B 148 -50.24 -9.87 -4.08
C ARG B 148 -49.03 -10.73 -3.74
N LEU B 149 -48.03 -10.73 -4.64
CA LEU B 149 -46.85 -11.58 -4.47
C LEU B 149 -45.58 -10.75 -4.49
N THR B 150 -44.64 -11.09 -3.59
CA THR B 150 -43.30 -10.54 -3.65
C THR B 150 -42.28 -11.67 -3.47
N ILE B 151 -41.41 -11.88 -4.47
CA ILE B 151 -40.42 -12.96 -4.39
C ILE B 151 -39.03 -12.36 -4.25
N HIS B 152 -38.34 -12.64 -3.15
CA HIS B 152 -37.16 -11.85 -2.80
C HIS B 152 -35.82 -12.41 -3.26
N TRP B 153 -34.95 -11.49 -3.69
CA TRP B 153 -33.77 -11.78 -4.51
C TRP B 153 -34.23 -11.92 -5.97
N GLN B 154 -34.93 -12.99 -6.33
CA GLN B 154 -35.27 -13.17 -7.74
C GLN B 154 -36.03 -12.02 -8.39
N HIS B 155 -36.94 -11.37 -7.66
CA HIS B 155 -37.75 -10.29 -8.23
C HIS B 155 -37.75 -9.03 -7.36
N SER B 156 -36.71 -8.87 -6.54
CA SER B 156 -36.64 -7.70 -5.67
C SER B 156 -36.55 -6.40 -6.47
N ALA B 157 -36.24 -6.51 -7.72
CA ALA B 157 -36.13 -5.40 -8.63
C ALA B 157 -37.39 -4.65 -8.90
N VAL B 158 -38.49 -5.34 -8.94
CA VAL B 158 -39.73 -4.71 -9.24
C VAL B 158 -40.50 -4.47 -7.99
N SER B 159 -39.84 -4.64 -6.89
CA SER B 159 -40.42 -4.42 -5.63
C SER B 159 -39.68 -3.33 -4.94
N LEU B 160 -39.03 -3.67 -3.85
CA LEU B 160 -38.32 -2.71 -3.02
C LEU B 160 -37.12 -2.09 -3.65
N LEU B 161 -36.60 -2.70 -4.69
CA LEU B 161 -35.34 -2.24 -5.29
C LEU B 161 -35.54 -1.33 -6.50
N SER B 162 -36.79 -1.06 -6.84
CA SER B 162 -37.09 -0.15 -7.94
C SER B 162 -36.73 1.26 -7.52
N PRO B 163 -36.26 2.08 -8.48
CA PRO B 163 -35.88 3.47 -8.21
C PRO B 163 -36.98 4.25 -7.48
N ALA B 164 -38.23 4.04 -7.87
CA ALA B 164 -39.36 4.66 -7.20
C ALA B 164 -39.46 4.23 -5.74
N ASN B 165 -39.50 2.91 -5.54
CA ASN B 165 -39.69 2.33 -4.21
C ASN B 165 -38.49 2.51 -3.28
N GLN B 166 -37.31 2.52 -3.87
CA GLN B 166 -36.07 2.82 -3.15
C GLN B 166 -36.15 4.23 -2.58
N ARG B 167 -36.74 5.13 -3.34
CA ARG B 167 -36.96 6.50 -2.91
C ARG B 167 -38.11 6.55 -1.91
N GLY B 168 -39.16 5.78 -2.19
CA GLY B 168 -40.34 5.75 -1.35
C GLY B 168 -40.07 5.41 0.11
N LEU B 169 -39.07 4.59 0.37
CA LEU B 169 -38.73 4.20 1.73
C LEU B 169 -38.45 5.42 2.58
N LEU B 170 -37.60 6.30 2.06
CA LEU B 170 -37.19 7.50 2.78
C LEU B 170 -38.27 8.56 2.74
N ASP B 171 -38.99 8.66 1.63
CA ASP B 171 -40.01 9.70 1.48
C ASP B 171 -41.20 9.50 2.39
N ARG B 172 -41.36 8.26 2.88
CA ARG B 172 -42.44 7.96 3.81
C ARG B 172 -42.08 8.41 5.23
N ARG B 173 -40.86 8.92 5.39
CA ARG B 173 -40.42 9.49 6.66
C ARG B 173 -40.56 11.01 6.60
N VAL B 174 -40.83 11.52 5.40
CA VAL B 174 -40.95 12.96 5.22
C VAL B 174 -42.15 13.29 4.34
N THR B 175 -43.28 12.63 4.62
CA THR B 175 -44.50 12.86 3.88
C THR B 175 -44.93 14.32 3.86
N LYS B 176 -44.85 14.99 5.01
CA LYS B 176 -45.24 16.39 5.09
C LYS B 176 -44.43 17.24 4.12
N GLU B 177 -43.12 17.05 4.10
CA GLU B 177 -42.25 17.76 3.16
C GLU B 177 -42.50 17.32 1.72
N ALA B 178 -42.74 16.03 1.54
CA ALA B 178 -42.93 15.44 0.21
C ALA B 178 -44.21 15.94 -0.46
N GLN B 179 -45.24 16.22 0.34
CA GLN B 179 -46.51 16.70 -0.19
C GLN B 179 -46.45 18.18 -0.54
N ALA B 180 -45.73 18.95 0.29
CA ALA B 180 -45.47 20.34 0.00
C ALA B 180 -44.90 20.47 -1.40
N TYR B 181 -43.84 19.72 -1.68
CA TYR B 181 -43.24 19.72 -3.01
C TYR B 181 -44.24 19.30 -4.08
N ALA B 182 -44.91 18.18 -3.87
CA ALA B 182 -45.87 17.69 -4.86
C ALA B 182 -46.83 18.80 -5.29
N ALA B 183 -47.31 19.56 -4.32
CA ALA B 183 -48.18 20.70 -4.59
C ALA B 183 -47.44 21.69 -5.46
N ALA B 184 -46.29 22.14 -4.98
CA ALA B 184 -45.48 23.13 -5.69
C ALA B 184 -45.22 22.72 -7.13
N HIS B 185 -45.02 21.43 -7.36
CA HIS B 185 -44.68 20.96 -8.70
C HIS B 185 -45.87 21.10 -9.66
N ALA B 186 -47.05 20.69 -9.21
CA ALA B 186 -48.23 20.78 -10.06
C ALA B 186 -48.59 22.23 -10.32
N ALA B 187 -48.50 23.04 -9.28
CA ALA B 187 -48.82 24.45 -9.38
C ALA B 187 -47.89 25.11 -10.40
N TRP B 188 -46.62 24.78 -10.30
CA TRP B 188 -45.62 25.30 -11.22
C TRP B 188 -45.85 24.78 -12.63
N ARG B 189 -46.14 23.48 -12.75
CA ARG B 189 -46.32 22.86 -14.05
C ARG B 189 -47.53 23.43 -14.77
N GLU B 190 -48.61 23.69 -14.04
CA GLU B 190 -49.81 24.23 -14.67
C GLU B 190 -49.58 25.69 -15.08
N ALA B 191 -48.77 26.40 -14.31
CA ALA B 191 -48.38 27.76 -14.69
C ALA B 191 -47.59 27.71 -15.99
N VAL B 192 -46.61 26.81 -16.04
CA VAL B 192 -45.83 26.61 -17.25
C VAL B 192 -46.72 26.25 -18.44
N SER B 193 -47.80 25.53 -18.18
CA SER B 193 -48.70 25.12 -19.24
C SER B 193 -49.52 26.31 -19.75
N ARG B 194 -50.04 27.10 -18.81
CA ARG B 194 -50.81 28.28 -19.17
C ARG B 194 -49.94 29.27 -19.92
N LEU B 195 -48.67 29.37 -19.55
CA LEU B 195 -47.72 30.21 -20.26
C LEU B 195 -47.61 29.75 -21.70
N GLU B 196 -47.47 28.45 -21.91
CA GLU B 196 -47.37 27.89 -23.25
C GLU B 196 -48.61 28.21 -24.08
N ARG B 197 -49.77 28.15 -23.45
CA ARG B 197 -51.02 28.44 -24.13
C ARG B 197 -51.14 29.94 -24.42
N LEU B 198 -50.57 30.75 -23.54
CA LEU B 198 -50.50 32.20 -23.74
C LEU B 198 -49.50 32.54 -24.83
N GLN B 199 -48.32 31.93 -24.77
CA GLN B 199 -47.31 32.13 -25.80
C GLN B 199 -47.93 31.98 -27.18
N ALA B 200 -48.62 30.86 -27.39
CA ALA B 200 -49.27 30.58 -28.66
C ALA B 200 -50.27 31.67 -29.04
N THR B 208 -46.12 41.59 -32.93
CA THR B 208 -46.03 40.73 -31.74
C THR B 208 -45.20 41.41 -30.66
N SER B 209 -45.14 40.77 -29.49
CA SER B 209 -44.33 41.26 -28.37
C SER B 209 -44.01 40.12 -27.41
N LEU B 210 -43.12 40.38 -26.46
CA LEU B 210 -42.73 39.36 -25.49
C LEU B 210 -43.84 39.12 -24.48
N VAL B 211 -43.99 37.88 -24.04
CA VAL B 211 -45.07 37.49 -23.13
C VAL B 211 -44.62 37.46 -21.68
N PRO B 212 -45.46 37.94 -20.78
CA PRO B 212 -45.18 37.97 -19.33
C PRO B 212 -45.11 36.56 -18.76
N ARG B 213 -43.99 36.24 -18.14
CA ARG B 213 -43.79 34.94 -17.52
C ARG B 213 -43.42 35.15 -16.07
N GLY B 214 -44.25 35.90 -15.36
CA GLY B 214 -43.94 36.30 -14.00
C GLY B 214 -44.52 35.35 -12.98
N SER B 215 -45.61 34.70 -13.36
CA SER B 215 -46.24 33.71 -12.50
C SER B 215 -45.33 32.51 -12.36
N VAL B 216 -44.91 31.96 -13.50
CA VAL B 216 -44.09 30.76 -13.50
C VAL B 216 -42.70 30.99 -12.90
N ASP B 217 -42.13 32.16 -13.15
CA ASP B 217 -40.82 32.45 -12.58
C ASP B 217 -40.88 32.44 -11.06
N ALA B 218 -41.99 32.95 -10.51
CA ALA B 218 -42.15 32.99 -9.07
C ALA B 218 -42.45 31.61 -8.49
N LEU B 219 -43.28 30.85 -9.19
CA LEU B 219 -43.65 29.49 -8.79
C LEU B 219 -42.46 28.54 -8.90
N HIS B 220 -41.56 28.82 -9.83
CA HIS B 220 -40.35 28.02 -9.99
C HIS B 220 -39.37 28.32 -8.87
N ALA B 221 -39.41 29.55 -8.37
CA ALA B 221 -38.59 29.93 -7.22
C ALA B 221 -39.05 29.20 -5.97
N GLU B 222 -40.36 29.02 -5.83
CA GLU B 222 -40.94 28.24 -4.73
C GLU B 222 -40.57 26.76 -4.86
N LEU B 223 -40.74 26.20 -6.05
CA LEU B 223 -40.41 24.82 -6.32
C LEU B 223 -39.03 24.46 -5.76
N LEU B 224 -38.05 25.32 -6.01
CA LEU B 224 -36.68 25.06 -5.57
C LEU B 224 -36.54 25.23 -4.06
N LYS B 225 -37.24 26.20 -3.51
CA LYS B 225 -37.21 26.44 -2.08
C LYS B 225 -37.75 25.21 -1.34
N VAL B 226 -38.89 24.72 -1.80
CA VAL B 226 -39.52 23.55 -1.20
C VAL B 226 -38.72 22.31 -1.56
N GLY B 227 -38.16 22.29 -2.76
CA GLY B 227 -37.33 21.19 -3.18
C GLY B 227 -36.19 21.00 -2.21
N GLN B 228 -35.49 22.09 -1.92
CA GLN B 228 -34.35 22.05 -1.01
C GLN B 228 -34.79 21.65 0.40
N ALA B 229 -35.99 22.07 0.79
CA ALA B 229 -36.53 21.73 2.10
C ALA B 229 -36.76 20.23 2.20
N LEU B 230 -37.32 19.65 1.15
CA LEU B 230 -37.55 18.20 1.11
C LEU B 230 -36.24 17.44 1.17
N ASP B 231 -35.25 17.85 0.39
CA ASP B 231 -33.96 17.18 0.40
C ASP B 231 -33.35 17.17 1.80
N ALA B 232 -33.46 18.30 2.50
CA ALA B 232 -32.88 18.40 3.84
C ALA B 232 -33.64 17.56 4.85
N ALA B 233 -34.89 17.25 4.52
CA ALA B 233 -35.69 16.38 5.37
C ALA B 233 -35.31 14.93 5.11
N ARG B 234 -35.04 14.62 3.85
CA ARG B 234 -34.54 13.31 3.46
C ARG B 234 -33.25 13.01 4.24
N GLU B 235 -32.31 13.95 4.20
CA GLU B 235 -31.07 13.80 4.97
C GLU B 235 -31.38 13.60 6.44
N ARG B 236 -32.28 14.42 6.96
CA ARG B 236 -32.68 14.40 8.36
C ARG B 236 -33.10 13.00 8.83
N GLU B 237 -33.93 12.34 8.03
CA GLU B 237 -34.53 11.07 8.42
C GLU B 237 -33.74 9.87 7.93
N ALA B 238 -32.76 10.11 7.06
CA ALA B 238 -31.95 9.03 6.51
C ALA B 238 -31.21 8.29 7.62
N GLU B 239 -30.64 9.05 8.54
CA GLU B 239 -29.83 8.48 9.61
C GLU B 239 -30.63 7.60 10.58
N PRO B 240 -31.73 8.12 11.12
CA PRO B 240 -32.53 7.30 12.05
C PRO B 240 -33.08 6.06 11.35
N LEU B 241 -33.36 6.17 10.06
CA LEU B 241 -33.96 5.08 9.30
C LEU B 241 -32.95 4.00 9.00
N VAL B 242 -31.79 4.41 8.50
CA VAL B 242 -30.75 3.46 8.17
C VAL B 242 -30.30 2.73 9.42
N ASP B 243 -30.25 3.45 10.54
CA ASP B 243 -29.81 2.86 11.79
C ASP B 243 -30.75 1.78 12.29
N SER B 244 -32.05 1.96 12.07
CA SER B 244 -33.01 0.95 12.49
C SER B 244 -32.91 -0.27 11.57
N LEU B 245 -32.59 -0.03 10.30
CA LEU B 245 -32.44 -1.12 9.36
C LEU B 245 -31.20 -1.93 9.69
N LEU B 246 -30.08 -1.24 9.92
CA LEU B 246 -28.82 -1.89 10.27
C LEU B 246 -28.91 -2.65 11.59
N ALA B 247 -29.75 -2.17 12.50
CA ALA B 247 -29.96 -2.81 13.80
C ALA B 247 -30.37 -4.26 13.65
N VAL B 248 -31.15 -4.55 12.60
CA VAL B 248 -31.57 -5.92 12.34
C VAL B 248 -30.61 -6.60 11.36
N ILE B 249 -30.14 -5.86 10.37
CA ILE B 249 -29.30 -6.46 9.34
C ILE B 249 -28.01 -7.10 9.87
N ARG B 250 -27.51 -6.57 10.99
CA ARG B 250 -26.21 -7.01 11.51
C ARG B 250 -26.31 -8.25 12.38
N GLU B 251 -27.52 -8.75 12.57
CA GLU B 251 -27.74 -9.94 13.36
C GLU B 251 -28.04 -11.12 12.45
N LEU B 252 -28.27 -10.82 11.17
CA LEU B 252 -28.57 -11.83 10.17
C LEU B 252 -27.30 -12.35 9.52
N GLY B 253 -26.17 -12.17 10.22
CA GLY B 253 -24.90 -12.66 9.73
C GLY B 253 -24.08 -11.65 8.94
N PRO B 255 -22.52 -8.59 10.48
CA PRO B 255 -22.28 -7.72 11.64
C PRO B 255 -21.60 -6.41 11.26
N HIS B 256 -20.99 -6.37 10.08
CA HIS B 256 -20.24 -5.20 9.67
C HIS B 256 -20.85 -4.51 8.46
N ALA B 257 -22.15 -4.73 8.28
CA ALA B 257 -22.84 -4.12 7.17
C ALA B 257 -22.88 -2.61 7.33
N ARG B 258 -22.66 -1.91 6.23
CA ARG B 258 -22.82 -0.47 6.18
C ARG B 258 -23.96 -0.17 5.21
N GLU B 260 -26.43 3.45 3.59
CA GLU B 260 -26.70 4.87 3.57
C GLU B 260 -27.68 5.22 2.46
N PHE B 261 -28.36 6.35 2.63
CA PHE B 261 -29.19 6.92 1.57
C PHE B 261 -28.43 8.07 0.92
N ALA B 262 -28.15 7.92 -0.36
CA ALA B 262 -27.43 8.96 -1.09
C ALA B 262 -28.40 9.79 -1.92
N LEU B 263 -28.21 11.11 -1.89
CA LEU B 263 -29.00 12.01 -2.71
C LEU B 263 -28.15 12.51 -3.87
N SER B 264 -28.58 12.25 -5.10
CA SER B 264 -27.85 12.76 -6.25
C SER B 264 -28.70 13.80 -6.99
N ALA B 265 -28.23 15.04 -6.98
CA ALA B 265 -28.97 16.15 -7.57
C ALA B 265 -29.31 15.92 -9.04
N LEU B 266 -30.53 16.30 -9.41
CA LEU B 266 -30.98 16.22 -10.79
C LEU B 266 -30.68 17.54 -11.51
N ALA B 267 -30.46 17.46 -12.81
CA ALA B 267 -30.19 18.65 -13.63
C ALA B 267 -31.44 19.53 -13.72
N GLU B 268 -32.59 18.90 -13.87
CA GLU B 268 -33.86 19.60 -13.89
C GLU B 268 -34.77 19.04 -12.79
N PRO B 269 -35.59 19.91 -12.18
CA PRO B 269 -36.54 19.46 -11.15
C PRO B 269 -37.41 18.31 -11.63
N ALA B 270 -37.61 17.30 -10.77
CA ALA B 270 -38.47 16.18 -11.11
C ALA B 270 -39.76 16.23 -10.32
N ALA B 271 -40.72 15.39 -10.69
CA ALA B 271 -42.00 15.34 -10.01
C ALA B 271 -41.81 14.92 -8.55
N TYR B 272 -40.74 14.17 -8.29
CA TYR B 272 -40.50 13.58 -6.99
C TYR B 272 -39.43 14.32 -6.18
N GLY B 273 -39.01 15.49 -6.67
CA GLY B 273 -38.05 16.30 -5.95
C GLY B 273 -36.87 16.69 -6.82
N LEU B 274 -35.93 17.43 -6.23
CA LEU B 274 -34.77 17.93 -6.95
C LEU B 274 -33.62 16.92 -6.99
N SER B 275 -33.82 15.78 -6.36
CA SER B 275 -32.76 14.78 -6.25
C SER B 275 -33.32 13.37 -6.37
N ASP B 276 -32.46 12.44 -6.76
CA ASP B 276 -32.77 11.03 -6.66
C ASP B 276 -32.38 10.51 -5.29
N VAL B 277 -33.15 9.56 -4.78
CA VAL B 277 -32.84 8.91 -3.52
C VAL B 277 -32.38 7.50 -3.81
N LEU B 278 -31.17 7.18 -3.38
CA LEU B 278 -30.60 5.86 -3.63
C LEU B 278 -30.18 5.17 -2.35
N LEU B 279 -30.48 3.87 -2.26
CA LEU B 279 -30.10 3.07 -1.12
C LEU B 279 -28.82 2.31 -1.45
N ARG B 280 -27.75 2.62 -0.73
CA ARG B 280 -26.46 1.96 -0.94
C ARG B 280 -26.12 1.05 0.24
N PHE B 281 -25.33 0.01 -0.02
CA PHE B 281 -25.09 -1.03 0.98
C PHE B 281 -23.82 -1.82 0.70
N SER B 282 -23.16 -2.25 1.78
CA SER B 282 -22.02 -3.15 1.69
C SER B 282 -22.17 -4.21 2.76
N ALA B 283 -21.97 -5.47 2.39
CA ALA B 283 -22.13 -6.58 3.32
C ALA B 283 -20.96 -6.72 4.29
N ASN B 284 -19.74 -6.62 3.76
CA ASN B 284 -18.55 -6.87 4.57
C ASN B 284 -17.75 -5.60 4.86
N PRO B 285 -16.80 -5.71 5.80
CA PRO B 285 -15.91 -4.58 6.09
C PRO B 285 -14.95 -4.41 4.93
N GLY B 286 -14.33 -3.23 4.84
CA GLY B 286 -13.35 -2.99 3.79
C GLY B 286 -13.94 -3.20 2.41
N GLU B 287 -15.24 -2.96 2.30
CA GLU B 287 -15.92 -2.97 1.01
C GLU B 287 -16.51 -1.61 0.75
N GLU B 288 -16.90 -1.35 -0.48
CA GLU B 288 -17.52 -0.07 -0.79
C GLU B 288 -19.01 -0.21 -1.05
N LEU B 289 -19.76 0.79 -0.60
CA LEU B 289 -21.20 0.82 -0.80
C LEU B 289 -21.51 0.80 -2.29
N GLY B 290 -22.62 0.17 -2.64
CA GLY B 290 -23.05 0.13 -4.03
C GLY B 290 -24.52 -0.24 -4.11
N PRO B 291 -25.05 -0.38 -5.34
CA PRO B 291 -26.43 -0.81 -5.51
C PRO B 291 -26.68 -2.07 -4.70
N LEU B 292 -27.89 -2.24 -4.17
CA LEU B 292 -28.19 -3.46 -3.42
C LEU B 292 -28.09 -4.68 -4.32
N SER B 293 -28.39 -4.51 -5.61
CA SER B 293 -28.28 -5.62 -6.55
C SER B 293 -26.83 -6.12 -6.64
N ASP B 294 -25.89 -5.23 -6.38
CA ASP B 294 -24.47 -5.57 -6.44
C ASP B 294 -24.02 -6.50 -5.31
N VAL B 295 -24.94 -6.87 -4.43
CA VAL B 295 -24.59 -7.74 -3.31
C VAL B 295 -24.16 -9.13 -3.81
N ALA B 296 -22.98 -9.54 -3.39
CA ALA B 296 -22.37 -10.77 -3.87
C ALA B 296 -23.32 -11.95 -3.85
N SER B 297 -24.07 -12.10 -2.76
CA SER B 297 -24.91 -13.26 -2.56
C SER B 297 -26.40 -12.94 -2.61
N GLY B 298 -27.15 -13.76 -3.32
CA GLY B 298 -28.60 -13.66 -3.30
C GLY B 298 -29.11 -13.89 -1.90
N GLY B 299 -28.47 -14.82 -1.19
CA GLY B 299 -28.79 -15.06 0.20
C GLY B 299 -28.75 -13.78 1.01
N GLU B 300 -27.64 -13.06 0.93
CA GLU B 300 -27.48 -11.81 1.66
C GLU B 300 -28.56 -10.80 1.28
N LEU B 301 -28.90 -10.76 0.00
CA LEU B 301 -29.91 -9.84 -0.48
C LEU B 301 -31.27 -10.16 0.16
N SER B 302 -31.60 -11.45 0.21
CA SER B 302 -32.89 -11.88 0.76
C SER B 302 -33.01 -11.50 2.21
N ARG B 303 -31.90 -11.55 2.92
CA ARG B 303 -31.92 -11.25 4.34
C ARG B 303 -32.02 -9.75 4.57
N VAL B 304 -31.40 -8.96 3.71
CA VAL B 304 -31.54 -7.50 3.76
C VAL B 304 -32.99 -7.13 3.48
N LEU B 306 -35.51 -9.05 4.03
CA LEU B 306 -36.20 -9.49 5.23
C LEU B 306 -36.15 -8.42 6.31
N ALA B 307 -34.98 -7.86 6.56
CA ALA B 307 -34.84 -6.81 7.55
C ALA B 307 -35.65 -5.58 7.19
N VAL B 308 -35.74 -5.27 5.91
CA VAL B 308 -36.53 -4.13 5.48
C VAL B 308 -38.02 -4.43 5.63
N SER B 309 -38.41 -5.65 5.29
CA SER B 309 -39.81 -6.02 5.34
C SER B 309 -40.36 -6.06 6.77
N THR B 310 -39.53 -6.43 7.73
CA THR B 310 -39.99 -6.49 9.12
C THR B 310 -39.94 -5.12 9.78
N VAL B 311 -38.98 -4.30 9.36
CA VAL B 311 -38.79 -2.99 9.99
C VAL B 311 -39.67 -1.90 9.39
N LEU B 312 -39.86 -1.94 8.08
CA LEU B 312 -40.64 -0.92 7.39
C LEU B 312 -42.00 -1.47 6.97
N GLY B 313 -42.08 -2.78 6.85
CA GLY B 313 -43.34 -3.42 6.45
C GLY B 313 -43.29 -3.95 5.03
N ALA B 314 -44.08 -4.97 4.77
CA ALA B 314 -44.14 -5.59 3.44
C ALA B 314 -45.28 -5.00 2.61
N ASP B 315 -45.06 -4.88 1.31
CA ASP B 315 -46.02 -4.24 0.41
C ASP B 315 -47.18 -5.18 0.05
N THR B 316 -46.94 -6.48 0.17
CA THR B 316 -47.91 -7.49 -0.27
C THR B 316 -48.24 -8.51 0.83
N PRO B 317 -49.42 -9.14 0.73
CA PRO B 317 -49.90 -10.14 1.68
C PRO B 317 -49.13 -11.45 1.60
N SER B 318 -48.33 -11.62 0.56
CA SER B 318 -47.51 -12.82 0.42
C SER B 318 -46.08 -12.47 0.00
N VAL B 319 -45.13 -12.98 0.76
CA VAL B 319 -43.72 -12.71 0.49
C VAL B 319 -42.98 -14.03 0.43
N VAL B 320 -42.09 -14.15 -0.57
CA VAL B 320 -41.27 -15.34 -0.73
C VAL B 320 -39.82 -14.94 -0.53
N PHE B 321 -39.10 -15.69 0.30
CA PHE B 321 -37.68 -15.49 0.44
C PHE B 321 -36.95 -16.74 0.00
N ASP B 322 -35.96 -16.58 -0.88
CA ASP B 322 -35.16 -17.70 -1.32
C ASP B 322 -33.71 -17.54 -0.91
N GLU B 323 -33.05 -18.64 -0.58
CA GLU B 323 -31.67 -18.63 -0.12
C GLU B 323 -31.55 -17.80 1.15
N VAL B 324 -32.67 -17.64 1.84
CA VAL B 324 -32.70 -16.80 3.03
C VAL B 324 -31.83 -17.42 4.10
N ASP B 325 -31.56 -18.72 3.96
CA ASP B 325 -30.78 -19.46 4.92
C ASP B 325 -29.40 -19.86 4.38
N ALA B 326 -29.02 -19.31 3.24
CA ALA B 326 -27.78 -19.70 2.59
C ALA B 326 -26.57 -18.90 3.08
N GLY B 327 -25.60 -19.61 3.65
CA GLY B 327 -24.33 -18.99 3.99
C GLY B 327 -24.29 -18.53 5.43
N ILE B 328 -25.27 -18.96 6.21
CA ILE B 328 -25.33 -18.62 7.63
C ILE B 328 -25.58 -19.86 8.47
N GLY B 329 -25.51 -19.69 9.78
CA GLY B 329 -25.83 -20.76 10.70
C GLY B 329 -25.85 -20.32 12.15
N GLY B 330 -26.33 -21.21 13.01
CA GLY B 330 -26.33 -20.98 14.44
C GLY B 330 -27.12 -19.75 14.83
N ALA B 331 -26.46 -18.83 15.51
CA ALA B 331 -27.10 -17.63 16.01
C ALA B 331 -27.77 -16.83 14.90
N ALA B 332 -27.09 -16.76 13.76
CA ALA B 332 -27.61 -16.02 12.61
C ALA B 332 -28.92 -16.63 12.11
N ALA B 333 -28.93 -17.95 11.92
CA ALA B 333 -30.12 -18.66 11.46
C ALA B 333 -31.27 -18.48 12.44
N ILE B 334 -30.95 -18.46 13.73
CA ILE B 334 -31.97 -18.27 14.74
C ILE B 334 -32.61 -16.89 14.63
N ALA B 335 -31.80 -15.88 14.36
CA ALA B 335 -32.27 -14.49 14.25
C ALA B 335 -33.07 -14.29 12.98
N VAL B 336 -32.66 -14.97 11.91
CA VAL B 336 -33.41 -14.94 10.66
C VAL B 336 -34.81 -15.51 10.89
N ALA B 337 -34.90 -16.57 11.68
CA ALA B 337 -36.18 -17.23 11.95
C ALA B 337 -37.13 -16.33 12.75
N GLU B 338 -36.56 -15.51 13.63
CA GLU B 338 -37.35 -14.58 14.42
C GLU B 338 -37.92 -13.47 13.54
N GLN B 339 -37.12 -13.02 12.57
CA GLN B 339 -37.59 -12.01 11.63
C GLN B 339 -38.69 -12.58 10.74
N LEU B 340 -38.51 -13.83 10.32
CA LEU B 340 -39.51 -14.47 9.49
C LEU B 340 -40.83 -14.62 10.25
N SER B 341 -40.73 -14.90 11.54
CA SER B 341 -41.92 -15.05 12.38
C SER B 341 -42.68 -13.74 12.55
N ARG B 342 -41.94 -12.66 12.78
CA ARG B 342 -42.55 -11.35 12.95
C ARG B 342 -43.27 -10.91 11.70
N LEU B 343 -42.66 -11.17 10.55
CA LEU B 343 -43.27 -10.82 9.28
C LEU B 343 -44.52 -11.66 9.09
N ALA B 344 -44.56 -12.83 9.72
CA ALA B 344 -45.69 -13.73 9.59
C ALA B 344 -46.89 -13.29 10.42
N ASP B 345 -46.69 -12.27 11.24
CA ASP B 345 -47.78 -11.74 12.06
C ASP B 345 -48.81 -11.05 11.18
N THR B 346 -48.34 -10.47 10.06
CA THR B 346 -49.21 -9.73 9.15
C THR B 346 -49.22 -10.27 7.72
N ARG B 347 -48.20 -11.03 7.35
CA ARG B 347 -48.10 -11.55 5.98
C ARG B 347 -48.06 -13.06 5.97
N GLN B 348 -48.24 -13.64 4.79
CA GLN B 348 -47.91 -15.03 4.56
C GLN B 348 -46.51 -15.01 3.99
N VAL B 349 -45.56 -15.56 4.74
CA VAL B 349 -44.20 -15.66 4.26
C VAL B 349 -43.92 -17.10 3.87
N LEU B 350 -43.24 -17.29 2.74
CA LEU B 350 -42.93 -18.62 2.23
C LEU B 350 -41.42 -18.79 2.04
N VAL B 351 -40.86 -19.80 2.68
CA VAL B 351 -39.42 -20.05 2.58
C VAL B 351 -39.11 -21.54 2.44
N VAL B 352 -38.10 -21.85 1.64
CA VAL B 352 -37.53 -23.19 1.58
C VAL B 352 -36.26 -23.19 2.43
N THR B 353 -36.03 -24.25 3.19
CA THR B 353 -34.91 -24.23 4.13
C THR B 353 -34.33 -25.60 4.42
N HIS B 354 -33.12 -25.63 4.96
CA HIS B 354 -32.49 -26.88 5.41
C HIS B 354 -32.02 -26.73 6.84
N LEU B 355 -32.40 -25.61 7.45
CA LEU B 355 -32.05 -25.31 8.83
C LEU B 355 -33.22 -25.56 9.77
N ALA B 356 -33.01 -26.41 10.76
CA ALA B 356 -34.06 -26.71 11.73
C ALA B 356 -34.44 -25.47 12.56
N GLN B 357 -33.47 -24.63 12.87
CA GLN B 357 -33.78 -23.33 13.47
C GLN B 357 -34.91 -22.59 12.73
N ILE B 358 -34.89 -22.60 11.40
CA ILE B 358 -35.89 -21.87 10.61
C ILE B 358 -37.25 -22.60 10.49
N ALA B 359 -37.19 -23.91 10.23
CA ALA B 359 -38.40 -24.69 10.04
C ALA B 359 -39.22 -24.78 11.32
N ALA B 360 -38.53 -24.80 12.47
CA ALA B 360 -39.21 -24.98 13.75
C ALA B 360 -40.12 -23.82 14.10
N ARG B 361 -39.94 -22.68 13.44
CA ARG B 361 -40.72 -21.49 13.74
C ARG B 361 -41.94 -21.33 12.85
N ALA B 362 -42.06 -22.17 11.82
CA ALA B 362 -43.15 -22.03 10.87
C ALA B 362 -44.50 -22.37 11.49
N HIS B 363 -45.54 -21.68 11.06
CA HIS B 363 -46.89 -22.02 11.50
C HIS B 363 -47.33 -23.28 10.78
N HIS B 364 -46.80 -23.46 9.57
CA HIS B 364 -47.10 -24.63 8.76
C HIS B 364 -45.82 -25.17 8.17
N HIS B 365 -45.49 -26.41 8.53
CA HIS B 365 -44.28 -27.05 8.04
C HIS B 365 -44.63 -28.07 6.96
N TYR B 366 -44.28 -27.77 5.72
CA TYR B 366 -44.53 -28.69 4.61
C TYR B 366 -43.25 -29.48 4.30
N LYS B 367 -43.40 -30.75 3.96
CA LYS B 367 -42.25 -31.57 3.59
C LYS B 367 -42.35 -32.04 2.15
N VAL B 368 -41.29 -31.82 1.39
CA VAL B 368 -41.24 -32.23 0.00
C VAL B 368 -40.46 -33.54 -0.17
N GLU B 369 -41.14 -34.56 -0.67
CA GLU B 369 -40.58 -35.91 -0.76
C GLU B 369 -40.52 -36.45 -2.17
N LYS B 370 -39.99 -37.66 -2.31
CA LYS B 370 -39.93 -38.32 -3.61
C LYS B 370 -40.93 -39.47 -3.71
N GLN B 371 -41.67 -39.53 -4.82
CA GLN B 371 -42.50 -40.69 -5.15
C GLN B 371 -41.92 -41.27 -6.41
N VAL B 372 -42.28 -42.51 -6.71
CA VAL B 372 -42.02 -43.04 -8.03
C VAL B 372 -43.35 -43.05 -8.75
N GLU B 373 -43.35 -42.49 -9.96
CA GLU B 373 -44.57 -42.38 -10.75
C GLU B 373 -44.25 -42.59 -12.22
N ASP B 374 -44.76 -43.67 -12.79
CA ASP B 374 -44.51 -44.03 -14.19
C ASP B 374 -43.02 -44.18 -14.48
N GLY B 375 -42.27 -44.68 -13.50
CA GLY B 375 -40.87 -44.99 -13.69
C GLY B 375 -39.94 -43.86 -13.32
N ARG B 376 -40.49 -42.65 -13.24
CA ARG B 376 -39.69 -41.47 -12.95
C ARG B 376 -39.94 -40.94 -11.55
N THR B 377 -38.90 -40.46 -10.89
CA THR B 377 -39.05 -39.96 -9.52
C THR B 377 -39.58 -38.55 -9.50
N VAL B 378 -40.81 -38.40 -9.01
CA VAL B 378 -41.49 -37.12 -8.97
C VAL B 378 -41.53 -36.53 -7.57
N SER B 379 -42.04 -35.30 -7.46
CA SER B 379 -42.11 -34.62 -6.18
C SER B 379 -43.51 -34.64 -5.58
N HIS B 380 -43.57 -34.82 -4.27
CA HIS B 380 -44.84 -34.85 -3.55
C HIS B 380 -44.71 -33.99 -2.31
N VAL B 381 -45.75 -33.21 -2.01
CA VAL B 381 -45.74 -32.35 -0.84
C VAL B 381 -46.81 -32.76 0.15
N ARG B 382 -46.51 -32.61 1.45
CA ARG B 382 -47.49 -32.93 2.48
C ARG B 382 -47.23 -32.15 3.75
N LEU B 383 -48.31 -31.66 4.35
CA LEU B 383 -48.27 -30.90 5.58
C LEU B 383 -47.94 -31.82 6.76
N LEU B 384 -46.96 -31.41 7.57
CA LEU B 384 -46.51 -32.23 8.70
C LEU B 384 -47.39 -31.90 9.90
N THR B 385 -47.90 -32.95 10.54
CA THR B 385 -48.64 -32.80 11.78
C THR B 385 -47.65 -32.58 12.90
N GLY B 386 -48.10 -31.98 14.00
CA GLY B 386 -47.22 -31.69 15.11
C GLY B 386 -46.19 -32.72 15.57
N ASP B 387 -46.53 -34.00 15.45
CA ASP B 387 -45.67 -35.07 15.98
C ASP B 387 -44.64 -35.58 14.97
N GLU B 388 -45.05 -35.73 13.71
CA GLU B 388 -44.13 -36.15 12.66
C GLU B 388 -43.28 -34.97 12.22
N ARG B 389 -43.67 -33.79 12.67
CA ARG B 389 -42.88 -32.59 12.47
C ARG B 389 -41.66 -32.65 13.37
N LEU B 390 -41.90 -33.02 14.62
CA LEU B 390 -40.83 -33.18 15.61
C LEU B 390 -39.72 -34.09 15.08
N GLU B 391 -40.11 -35.16 14.38
CA GLU B 391 -39.14 -36.05 13.78
C GLU B 391 -38.37 -35.32 12.68
N GLU B 392 -39.08 -34.55 11.87
CA GLU B 392 -38.46 -33.84 10.77
C GLU B 392 -37.42 -32.87 11.31
N ILE B 393 -37.82 -32.02 12.25
CA ILE B 393 -36.90 -31.09 12.87
C ILE B 393 -35.67 -31.82 13.39
N ALA B 394 -35.91 -32.92 14.09
CA ALA B 394 -34.81 -33.75 14.59
C ALA B 394 -33.92 -34.20 13.44
N ARG B 395 -34.52 -34.84 12.44
CA ARG B 395 -33.78 -35.33 11.27
C ARG B 395 -32.90 -34.23 10.68
N LEU B 397 -31.52 -31.73 12.08
CA LEU B 397 -30.37 -31.37 12.87
C LEU B 397 -29.47 -32.54 12.87
N SER B 398 -30.09 -33.68 13.04
CA SER B 398 -29.42 -34.96 13.21
C SER B 398 -29.33 -35.75 11.93
N GLY B 399 -29.63 -37.02 12.02
CA GLY B 399 -29.70 -37.85 10.85
C GLY B 399 -30.89 -38.74 10.96
N ASN B 400 -31.51 -38.70 12.13
CA ASN B 400 -32.58 -39.59 12.51
C ASN B 400 -33.09 -39.14 13.84
N GLU B 403 -32.25 -39.21 18.63
CA GLU B 403 -32.72 -39.86 19.86
C GLU B 403 -32.69 -38.87 21.03
N ALA B 404 -31.59 -38.11 21.10
CA ALA B 404 -31.48 -37.02 22.05
C ALA B 404 -31.25 -35.74 21.25
N ALA B 405 -31.73 -35.74 20.01
CA ALA B 405 -31.85 -34.53 19.21
C ALA B 405 -33.32 -34.09 19.20
N LEU B 406 -34.20 -35.01 19.60
CA LEU B 406 -35.61 -34.68 19.81
C LEU B 406 -35.77 -33.73 21.01
N GLU B 407 -34.79 -33.71 21.91
CA GLU B 407 -34.82 -32.75 23.02
C GLU B 407 -34.46 -31.37 22.52
N HIS B 408 -33.46 -31.32 21.62
CA HIS B 408 -33.10 -30.07 20.96
C HIS B 408 -34.19 -29.69 19.97
N ALA B 409 -34.74 -30.68 19.28
CA ALA B 409 -35.88 -30.45 18.41
C ALA B 409 -37.00 -29.75 19.17
N ARG B 410 -37.38 -30.34 20.30
CA ARG B 410 -38.51 -29.82 21.07
C ARG B 410 -38.26 -28.40 21.59
N GLU B 411 -37.01 -28.10 21.95
CA GLU B 411 -36.69 -26.74 22.34
C GLU B 411 -36.84 -25.79 21.17
N LEU B 412 -36.46 -26.25 19.98
CA LEU B 412 -36.57 -25.42 18.77
C LEU B 412 -38.03 -25.11 18.46
N LEU B 413 -38.89 -26.10 18.66
CA LEU B 413 -40.31 -25.95 18.42
C LEU B 413 -40.99 -25.23 19.58
N ALA B 414 -40.30 -24.26 20.15
CA ALA B 414 -40.84 -23.48 21.27
C ALA B 414 -40.09 -22.17 21.43
N PRO C 38 29.30 12.93 0.16
CA PRO C 38 28.81 12.00 -0.88
C PRO C 38 29.65 10.73 -1.02
N ARG C 39 29.82 10.28 -2.26
CA ARG C 39 30.65 9.14 -2.63
C ARG C 39 30.94 9.25 -4.12
N LEU C 40 31.97 8.56 -4.60
CA LEU C 40 32.20 8.48 -6.04
C LEU C 40 31.01 7.79 -6.68
N SER C 41 30.02 8.56 -7.12
CA SER C 41 28.81 8.00 -7.69
C SER C 41 29.10 7.26 -9.00
N ARG C 42 30.00 7.83 -9.79
CA ARG C 42 30.21 7.34 -11.15
C ARG C 42 31.64 7.54 -11.62
N LEU C 43 32.09 6.63 -12.46
CA LEU C 43 33.45 6.67 -12.99
C LEU C 43 33.38 6.30 -14.47
N GLU C 44 34.06 7.06 -15.30
CA GLU C 44 34.06 6.82 -16.74
C GLU C 44 35.49 6.75 -17.26
N ILE C 45 35.82 5.68 -17.95
CA ILE C 45 37.17 5.47 -18.44
C ILE C 45 37.18 5.14 -19.92
N ARG C 46 38.10 5.75 -20.67
CA ARG C 46 38.22 5.49 -22.10
C ARG C 46 39.65 5.17 -22.52
N ASN C 47 39.82 4.12 -23.31
CA ASN C 47 41.12 3.72 -23.82
C ASN C 47 42.23 3.82 -22.79
N LEU C 48 42.05 3.15 -21.68
CA LEU C 48 43.07 3.10 -20.69
C LEU C 48 43.46 1.68 -20.65
N ALA C 49 44.75 1.39 -20.81
CA ALA C 49 45.13 0.01 -20.70
C ALA C 49 44.19 -0.81 -21.52
N THR C 50 43.61 -1.78 -20.85
CA THR C 50 42.63 -2.71 -21.37
C THR C 50 41.27 -2.17 -21.72
N ILE C 51 40.84 -1.18 -20.97
CA ILE C 51 39.51 -0.59 -21.14
C ILE C 51 39.34 0.20 -22.44
N THR C 52 38.48 -0.31 -23.31
CA THR C 52 38.11 0.42 -24.50
C THR C 52 37.28 1.61 -24.04
N GLN C 53 36.25 1.31 -23.29
CA GLN C 53 35.37 2.31 -22.71
C GLN C 53 34.52 1.70 -21.60
N LEU C 54 34.58 2.32 -20.43
CA LEU C 54 33.91 1.79 -19.26
C LEU C 54 33.15 2.90 -18.54
N GLU C 55 31.96 2.58 -18.07
CA GLU C 55 31.16 3.51 -17.28
C GLU C 55 30.54 2.74 -16.14
N LEU C 56 31.09 2.94 -14.94
CA LEU C 56 30.65 2.17 -13.79
C LEU C 56 29.95 3.06 -12.80
N GLU C 57 28.86 2.54 -12.23
CA GLU C 57 28.15 3.26 -11.18
C GLU C 57 28.33 2.55 -9.84
N LEU C 58 29.08 3.20 -8.95
CA LEU C 58 29.42 2.62 -7.67
C LEU C 58 28.44 3.05 -6.59
N GLY C 59 28.24 2.19 -5.59
CA GLY C 59 27.40 2.51 -4.45
C GLY C 59 28.22 2.71 -3.19
N GLY C 60 27.64 3.39 -2.21
CA GLY C 60 28.33 3.65 -0.96
C GLY C 60 28.70 2.35 -0.25
N GLY C 61 29.72 2.42 0.60
CA GLY C 61 30.10 1.26 1.37
C GLY C 61 31.25 0.47 0.80
N PHE C 62 31.23 -0.84 1.03
CA PHE C 62 32.33 -1.72 0.64
C PHE C 62 32.10 -2.30 -0.75
N CYS C 63 32.90 -1.83 -1.71
CA CYS C 63 32.82 -2.30 -3.08
C CYS C 63 34.02 -3.19 -3.40
N ALA C 64 33.74 -4.45 -3.70
CA ALA C 64 34.81 -5.39 -4.04
C ALA C 64 34.83 -5.64 -5.54
N PHE C 65 36.02 -5.82 -6.09
CA PHE C 65 36.19 -6.08 -7.51
C PHE C 65 36.99 -7.37 -7.71
N THR C 66 36.41 -8.32 -8.43
CA THR C 66 37.00 -9.64 -8.57
C THR C 66 36.95 -10.16 -10.01
N GLY C 67 37.76 -11.17 -10.29
CA GLY C 67 37.84 -11.74 -11.63
C GLY C 67 39.14 -11.34 -12.30
N GLU C 68 39.11 -10.32 -13.12
CA GLU C 68 40.31 -9.86 -13.74
C GLU C 68 40.86 -8.84 -12.81
N THR C 69 41.69 -9.25 -11.87
CA THR C 69 42.29 -8.35 -10.91
C THR C 69 43.37 -7.53 -11.54
N GLY C 70 43.74 -7.83 -12.76
CA GLY C 70 44.75 -7.02 -13.41
C GLY C 70 44.05 -5.82 -13.94
N ALA C 71 42.90 -6.06 -14.52
CA ALA C 71 42.03 -5.03 -15.03
C ALA C 71 41.39 -4.24 -13.94
N GLY C 72 41.07 -4.86 -12.84
CA GLY C 72 40.41 -4.08 -11.80
C GLY C 72 41.29 -2.96 -11.26
N LYS C 73 42.57 -3.27 -11.07
CA LYS C 73 43.50 -2.28 -10.55
C LYS C 73 43.56 -1.12 -11.51
N SER C 74 43.50 -1.43 -12.81
CA SER C 74 43.57 -0.40 -13.83
C SER C 74 42.49 0.65 -13.60
N ILE C 75 41.31 0.19 -13.21
CA ILE C 75 40.18 1.07 -12.96
C ILE C 75 40.30 1.74 -11.60
N ILE C 76 40.47 0.93 -10.56
CA ILE C 76 40.47 1.41 -9.19
C ILE C 76 41.71 2.22 -8.82
N VAL C 77 42.89 1.75 -9.24
CA VAL C 77 44.13 2.36 -8.78
C VAL C 77 44.75 3.32 -9.79
N ASP C 78 44.79 2.91 -11.06
CA ASP C 78 45.46 3.69 -12.08
C ASP C 78 44.63 4.87 -12.60
N ALA C 79 43.42 4.58 -13.06
CA ALA C 79 42.52 5.63 -13.54
C ALA C 79 42.18 6.60 -12.42
N LEU C 80 41.74 6.08 -11.27
CA LEU C 80 41.38 6.94 -10.15
C LEU C 80 42.59 7.74 -9.68
N GLY C 81 43.76 7.12 -9.73
CA GLY C 81 44.98 7.78 -9.31
C GLY C 81 45.30 8.97 -10.21
N LEU C 82 44.77 8.93 -11.43
CA LEU C 82 45.01 9.99 -12.39
C LEU C 82 44.21 11.22 -12.01
N LEU C 83 43.08 11.02 -11.38
CA LEU C 83 42.23 12.07 -10.93
C LEU C 83 42.82 12.81 -9.77
N LEU C 84 43.74 12.21 -9.10
CA LEU C 84 44.31 12.84 -7.98
C LEU C 84 45.51 13.58 -8.44
N GLY C 85 45.64 13.81 -9.73
CA GLY C 85 46.80 14.48 -10.27
C GLY C 85 48.12 13.80 -10.03
N GLY C 86 48.12 12.49 -10.17
CA GLY C 86 49.24 11.60 -9.91
C GLY C 86 50.61 11.57 -10.58
N ARG C 87 50.65 11.86 -11.85
CA ARG C 87 51.88 11.85 -12.62
C ARG C 87 51.30 11.06 -13.70
N ALA C 88 51.45 11.52 -14.92
CA ALA C 88 50.80 10.83 -15.98
C ALA C 88 51.61 9.83 -16.67
N ASN C 89 51.18 8.61 -16.50
CA ASN C 89 51.80 7.49 -17.20
C ASN C 89 51.16 7.32 -18.56
N HIS C 90 51.87 7.75 -19.60
CA HIS C 90 51.32 7.70 -20.95
C HIS C 90 51.34 6.29 -21.53
N ASP C 91 51.72 5.32 -20.70
CA ASP C 91 51.67 3.92 -21.09
C ASP C 91 50.31 3.36 -20.71
N LEU C 92 49.60 4.09 -19.85
CA LEU C 92 48.25 3.72 -19.47
C LEU C 92 47.29 3.94 -20.64
N ILE C 93 47.81 4.46 -21.74
CA ILE C 93 46.97 4.73 -22.91
C ILE C 93 46.84 3.48 -23.78
N ARG C 94 45.61 3.03 -23.99
CA ARG C 94 45.34 1.85 -24.83
C ARG C 94 46.17 1.94 -26.11
N SER C 95 46.84 0.84 -26.45
CA SER C 95 47.76 0.80 -27.59
C SER C 95 47.11 1.23 -28.91
N GLY C 96 47.82 2.07 -29.66
CA GLY C 96 47.34 2.50 -30.96
C GLY C 96 46.35 3.65 -30.91
N GLU C 97 45.96 4.03 -29.69
CA GLU C 97 44.97 5.08 -29.50
C GLU C 97 45.68 6.31 -28.93
N LYS C 98 45.24 7.50 -29.34
CA LYS C 98 45.97 8.72 -29.03
C LYS C 98 45.66 9.30 -27.65
N GLU C 99 44.47 9.02 -27.13
CA GLU C 99 44.03 9.62 -25.86
C GLU C 99 43.35 8.65 -24.90
N LEU C 100 43.42 8.98 -23.62
CA LEU C 100 42.61 8.33 -22.59
C LEU C 100 41.88 9.40 -21.78
N LEU C 101 40.69 9.08 -21.30
CA LEU C 101 39.91 10.01 -20.50
C LEU C 101 39.41 9.32 -19.25
N VAL C 102 39.47 10.02 -18.12
CA VAL C 102 38.94 9.51 -16.86
C VAL C 102 38.11 10.58 -16.21
N THR C 103 36.84 10.28 -15.99
CA THR C 103 35.93 11.25 -15.37
C THR C 103 35.39 10.69 -14.07
N GLY C 104 35.50 11.47 -13.00
CA GLY C 104 34.97 11.06 -11.71
C GLY C 104 33.79 11.92 -11.32
N PHE C 105 32.70 11.30 -10.89
CA PHE C 105 31.53 12.06 -10.46
C PHE C 105 31.24 11.85 -8.98
N TRP C 106 31.35 12.93 -8.20
CA TRP C 106 31.05 12.83 -6.78
C TRP C 106 29.62 13.27 -6.47
N GLY C 107 28.85 12.36 -5.84
CA GLY C 107 27.47 12.62 -5.49
C GLY C 107 26.87 11.62 -4.52
N ASP C 108 25.58 11.77 -4.22
CA ASP C 108 24.91 10.90 -3.26
C ASP C 108 24.16 9.76 -3.95
N GLU C 111 21.84 12.03 -6.19
CA GLU C 111 20.98 13.08 -6.73
C GLU C 111 21.80 14.40 -6.79
N SER C 112 23.10 14.26 -7.03
CA SER C 112 24.00 15.41 -7.14
C SER C 112 24.27 15.69 -8.63
N GLU C 113 23.52 16.62 -9.17
CA GLU C 113 23.50 16.87 -10.59
C GLU C 113 23.72 15.59 -11.38
N ASP C 115 29.33 17.20 -8.63
CA ASP C 115 30.66 17.51 -9.17
C ASP C 115 31.51 16.51 -9.96
N SER C 116 32.15 16.99 -11.03
CA SER C 116 33.01 16.15 -11.85
C SER C 116 34.48 16.58 -11.78
N ALA C 117 35.37 15.61 -11.95
CA ALA C 117 36.80 15.87 -12.06
C ALA C 117 37.26 15.06 -13.25
N SER C 118 38.13 15.62 -14.07
CA SER C 118 38.53 14.95 -15.29
C SER C 118 40.03 14.98 -15.48
N ARG C 119 40.56 13.87 -16.00
CA ARG C 119 41.96 13.82 -16.38
C ARG C 119 42.08 13.19 -17.77
N ARG C 120 42.67 13.92 -18.70
CA ARG C 120 42.83 13.43 -20.06
C ARG C 120 44.29 13.44 -20.47
N LEU C 121 44.80 12.30 -20.89
CA LEU C 121 46.19 12.21 -21.30
C LEU C 121 46.23 11.96 -22.77
N SER C 122 47.02 12.73 -23.48
CA SER C 122 47.12 12.63 -24.93
C SER C 122 48.57 12.48 -25.33
N SER C 123 48.86 11.48 -26.15
CA SER C 123 50.20 11.30 -26.68
C SER C 123 50.40 12.24 -27.86
N ALA C 124 49.36 12.37 -28.67
CA ALA C 124 49.40 13.19 -29.88
C ALA C 124 49.56 14.69 -29.59
N GLY C 125 48.73 15.20 -28.69
CA GLY C 125 48.74 16.62 -28.38
C GLY C 125 48.51 16.94 -26.91
N ARG C 126 47.81 18.04 -26.66
CA ARG C 126 47.57 18.49 -25.28
C ARG C 126 46.50 17.68 -24.59
N GLY C 127 46.76 17.35 -23.32
CA GLY C 127 45.75 16.77 -22.46
C GLY C 127 45.23 17.84 -21.56
N ALA C 128 44.41 17.48 -20.57
CA ALA C 128 43.83 18.49 -19.69
C ALA C 128 43.22 17.89 -18.44
N ALA C 129 43.39 18.58 -17.33
CA ALA C 129 42.75 18.22 -16.09
C ALA C 129 41.63 19.21 -15.83
N ARG C 130 40.40 18.72 -15.73
CA ARG C 130 39.25 19.59 -15.57
C ARG C 130 38.53 19.40 -14.25
N LEU C 131 37.82 20.43 -13.81
CA LEU C 131 37.06 20.41 -12.57
C LEU C 131 35.70 21.01 -12.89
N SER C 132 34.69 20.15 -12.99
CA SER C 132 33.38 20.56 -13.47
C SER C 132 33.48 21.26 -14.82
N GLY C 133 34.32 20.73 -15.71
CA GLY C 133 34.37 21.20 -17.08
C GLY C 133 35.44 22.23 -17.39
N GLU C 134 35.87 23.00 -16.39
CA GLU C 134 36.83 24.07 -16.64
C GLU C 134 38.26 23.59 -16.58
N VAL C 135 39.01 23.78 -17.67
CA VAL C 135 40.43 23.46 -17.65
C VAL C 135 41.07 24.05 -16.39
N VAL C 136 41.79 23.21 -15.67
CA VAL C 136 42.28 23.55 -14.34
C VAL C 136 43.68 22.97 -14.13
N SER C 137 44.46 23.61 -13.27
CA SER C 137 45.80 23.15 -12.95
C SER C 137 45.79 21.74 -12.34
N VAL C 138 46.75 20.92 -12.71
CA VAL C 138 46.84 19.58 -12.12
C VAL C 138 46.93 19.73 -10.60
N ARG C 139 47.65 20.75 -10.15
CA ARG C 139 47.72 21.09 -8.74
C ARG C 139 46.32 21.26 -8.17
N GLU C 140 45.50 22.06 -8.84
CA GLU C 140 44.14 22.29 -8.37
C GLU C 140 43.36 20.98 -8.32
N LEU C 141 43.60 20.13 -9.32
CA LEU C 141 42.93 18.85 -9.40
C LEU C 141 43.32 17.98 -8.21
N GLN C 142 44.62 17.88 -7.97
CA GLN C 142 45.14 17.15 -6.81
C GLN C 142 44.46 17.65 -5.55
N GLU C 143 44.58 18.96 -5.29
CA GLU C 143 43.97 19.56 -4.12
C GLU C 143 42.51 19.16 -3.94
N TRP C 144 41.74 19.28 -5.01
CA TRP C 144 40.30 19.03 -4.96
C TRP C 144 39.97 17.57 -4.74
N ALA C 145 40.61 16.69 -5.51
CA ALA C 145 40.37 15.26 -5.39
C ALA C 145 40.76 14.75 -4.01
N GLN C 146 41.86 15.28 -3.48
CA GLN C 146 42.40 14.84 -2.19
C GLN C 146 41.42 15.04 -1.03
N GLY C 147 40.41 15.87 -1.24
CA GLY C 147 39.39 16.08 -0.23
C GLY C 147 38.27 15.07 -0.35
N ARG C 148 38.35 14.22 -1.37
CA ARG C 148 37.26 13.29 -1.64
C ARG C 148 37.75 11.85 -1.84
N LEU C 149 38.95 11.70 -2.39
CA LEU C 149 39.45 10.38 -2.73
C LEU C 149 40.83 10.10 -2.12
N THR C 150 40.96 8.94 -1.48
CA THR C 150 42.24 8.49 -0.94
C THR C 150 42.60 7.11 -1.45
N ILE C 151 43.73 7.00 -2.15
CA ILE C 151 44.21 5.72 -2.63
C ILE C 151 45.40 5.24 -1.81
N HIS C 152 45.21 4.18 -1.03
CA HIS C 152 46.23 3.72 -0.10
C HIS C 152 47.31 2.80 -0.66
N TRP C 153 48.52 3.01 -0.12
CA TRP C 153 49.76 2.47 -0.65
C TRP C 153 50.22 3.36 -1.80
N GLN C 154 49.57 3.27 -2.96
CA GLN C 154 50.04 4.04 -4.11
C GLN C 154 50.10 5.57 -3.89
N HIS C 155 49.15 6.11 -3.12
CA HIS C 155 49.12 7.56 -2.88
C HIS C 155 49.04 7.90 -1.40
N SER C 156 49.45 6.96 -0.56
CA SER C 156 49.40 7.14 0.89
C SER C 156 50.35 8.23 1.34
N ALA C 157 51.48 8.37 0.65
CA ALA C 157 52.49 9.38 0.98
C ALA C 157 51.88 10.78 1.09
N VAL C 158 50.84 11.03 0.31
CA VAL C 158 50.15 12.32 0.34
C VAL C 158 48.88 12.23 1.15
N SER C 159 48.22 11.07 1.07
CA SER C 159 46.92 10.90 1.69
C SER C 159 46.97 11.14 3.20
N LEU C 160 47.56 10.19 3.92
CA LEU C 160 47.64 10.28 5.38
C LEU C 160 49.08 10.28 5.87
N LEU C 161 50.02 10.05 4.95
CA LEU C 161 51.43 10.04 5.32
C LEU C 161 52.12 11.36 5.01
N SER C 162 51.32 12.36 4.61
CA SER C 162 51.85 13.70 4.41
C SER C 162 52.38 14.20 5.74
N PRO C 163 53.48 14.96 5.72
CA PRO C 163 54.10 15.46 6.95
C PRO C 163 53.06 16.10 7.86
N ALA C 164 52.14 16.84 7.28
CA ALA C 164 51.10 17.53 8.04
C ALA C 164 50.13 16.55 8.68
N ASN C 165 49.77 15.52 7.93
CA ASN C 165 48.82 14.51 8.42
C ASN C 165 49.46 13.49 9.34
N GLN C 166 50.69 13.07 9.02
CA GLN C 166 51.46 12.24 9.93
C GLN C 166 51.43 12.86 11.32
N ARG C 167 51.57 14.18 11.35
CA ARG C 167 51.53 14.94 12.60
C ARG C 167 50.12 14.96 13.18
N GLY C 168 49.12 15.03 12.31
CA GLY C 168 47.73 15.04 12.75
C GLY C 168 47.36 13.85 13.63
N LEU C 169 47.85 12.67 13.26
CA LEU C 169 47.58 11.44 14.02
C LEU C 169 47.79 11.63 15.51
N LEU C 170 48.96 12.17 15.86
CA LEU C 170 49.35 12.33 17.26
C LEU C 170 48.76 13.59 17.88
N ASP C 171 48.69 14.67 17.10
CA ASP C 171 48.20 15.95 17.59
C ASP C 171 46.74 15.89 18.04
N ARG C 172 45.96 14.97 17.45
CA ARG C 172 44.56 14.84 17.82
C ARG C 172 44.41 14.22 19.20
N ARG C 173 45.38 13.39 19.56
CA ARG C 173 45.38 12.74 20.87
C ARG C 173 45.85 13.69 21.98
N VAL C 174 46.39 14.81 21.58
CA VAL C 174 46.88 15.78 22.53
C VAL C 174 46.43 17.12 22.06
N THR C 175 45.13 17.32 22.00
CA THR C 175 44.58 18.56 21.52
C THR C 175 44.77 19.79 22.36
N LYS C 176 44.70 19.61 23.65
CA LYS C 176 44.71 20.70 24.58
C LYS C 176 46.02 21.41 24.41
N GLU C 177 47.07 20.62 24.43
CA GLU C 177 48.41 21.14 24.32
C GLU C 177 48.65 21.81 22.99
N ALA C 178 48.16 21.19 21.93
CA ALA C 178 48.33 21.71 20.59
C ALA C 178 47.65 23.02 20.32
N GLN C 179 46.43 23.13 20.84
CA GLN C 179 45.62 24.30 20.72
C GLN C 179 46.26 25.44 21.45
N ALA C 180 46.85 25.12 22.56
CA ALA C 180 47.51 26.10 23.42
C ALA C 180 48.66 26.71 22.62
N TYR C 181 49.43 25.86 21.96
CA TYR C 181 50.57 26.32 21.16
C TYR C 181 50.13 27.25 20.03
N ALA C 182 49.11 26.84 19.29
CA ALA C 182 48.61 27.64 18.19
C ALA C 182 48.37 29.08 18.62
N ALA C 183 47.76 29.24 19.79
CA ALA C 183 47.44 30.56 20.33
C ALA C 183 48.71 31.34 20.71
N ALA C 184 49.67 30.61 21.28
CA ALA C 184 50.94 31.22 21.65
C ALA C 184 51.69 31.67 20.41
N HIS C 185 51.55 30.90 19.33
CA HIS C 185 52.21 31.23 18.06
C HIS C 185 51.53 32.43 17.43
N ALA C 186 50.22 32.53 17.61
CA ALA C 186 49.45 33.64 17.06
C ALA C 186 49.77 34.93 17.80
N ALA C 187 49.86 34.85 19.13
CA ALA C 187 50.16 36.01 19.96
C ALA C 187 51.54 36.56 19.63
N TRP C 188 52.51 35.66 19.54
CA TRP C 188 53.87 36.03 19.19
C TRP C 188 53.91 36.79 17.86
N ARG C 189 53.28 36.24 16.83
CA ARG C 189 53.29 36.88 15.51
C ARG C 189 52.66 38.28 15.56
N GLU C 190 51.48 38.36 16.19
CA GLU C 190 50.76 39.63 16.31
C GLU C 190 51.65 40.75 16.80
N ALA C 191 52.49 40.44 17.79
CA ALA C 191 53.47 41.38 18.31
C ALA C 191 54.55 41.69 17.27
N VAL C 192 54.96 40.66 16.53
CA VAL C 192 55.99 40.84 15.51
C VAL C 192 55.52 41.79 14.41
N SER C 193 54.20 41.87 14.23
CA SER C 193 53.62 42.77 13.23
C SER C 193 54.03 44.22 13.46
N ARG C 194 54.18 44.60 14.73
CA ARG C 194 54.61 45.95 15.08
C ARG C 194 55.72 46.45 14.13
N LEU C 195 55.33 47.33 13.22
CA LEU C 195 56.22 47.83 12.19
C LEU C 195 56.77 49.21 12.52
N GLU C 196 57.89 49.57 11.88
CA GLU C 196 58.51 50.87 12.07
C GLU C 196 59.43 51.24 10.91
N GLY C 214 60.82 43.92 21.87
CA GLY C 214 60.08 44.35 23.05
C GLY C 214 59.25 43.24 23.66
N SER C 215 57.93 43.43 23.68
CA SER C 215 57.02 42.42 24.22
C SER C 215 57.07 41.14 23.39
N VAL C 216 57.41 41.28 22.12
CA VAL C 216 57.56 40.14 21.23
C VAL C 216 58.63 39.18 21.73
N ASP C 217 59.62 39.71 22.44
CA ASP C 217 60.68 38.89 23.02
C ASP C 217 60.14 38.01 24.14
N ALA C 218 59.12 38.52 24.83
CA ALA C 218 58.50 37.78 25.93
C ALA C 218 57.55 36.71 25.42
N LEU C 219 56.76 37.07 24.40
CA LEU C 219 55.81 36.14 23.80
C LEU C 219 56.56 34.96 23.15
N HIS C 220 57.76 35.22 22.67
CA HIS C 220 58.60 34.18 22.11
C HIS C 220 59.08 33.21 23.19
N ALA C 221 59.53 33.76 24.31
CA ALA C 221 60.00 32.93 25.43
C ALA C 221 58.89 32.02 25.92
N GLU C 222 57.67 32.55 26.00
CA GLU C 222 56.52 31.76 26.38
C GLU C 222 56.26 30.67 25.35
N LEU C 223 56.31 31.05 24.08
CA LEU C 223 56.11 30.11 22.98
C LEU C 223 57.02 28.89 23.10
N LEU C 224 58.29 29.12 23.42
CA LEU C 224 59.22 28.02 23.63
C LEU C 224 58.72 27.06 24.70
N LYS C 225 58.14 27.60 25.76
CA LYS C 225 57.67 26.77 26.86
C LYS C 225 56.34 26.09 26.55
N VAL C 226 55.47 26.78 25.84
CA VAL C 226 54.22 26.17 25.41
C VAL C 226 54.52 25.09 24.38
N GLY C 227 55.54 25.32 23.57
CA GLY C 227 55.93 24.40 22.52
C GLY C 227 56.62 23.15 23.04
N GLN C 228 57.45 23.32 24.07
CA GLN C 228 58.13 22.20 24.70
C GLN C 228 57.13 21.33 25.45
N ALA C 229 56.20 21.98 26.15
CA ALA C 229 55.15 21.28 26.86
C ALA C 229 54.31 20.45 25.89
N LEU C 230 54.13 20.98 24.67
CA LEU C 230 53.44 20.26 23.62
C LEU C 230 54.25 19.06 23.14
N ASP C 231 55.54 19.28 22.90
CA ASP C 231 56.43 18.18 22.51
C ASP C 231 56.46 17.09 23.58
N ALA C 232 56.57 17.50 24.83
CA ALA C 232 56.56 16.55 25.94
C ALA C 232 55.26 15.76 25.96
N ALA C 233 54.16 16.44 25.62
CA ALA C 233 52.84 15.82 25.55
C ALA C 233 52.77 14.77 24.44
N ARG C 234 53.40 15.09 23.31
CA ARG C 234 53.42 14.19 22.16
C ARG C 234 54.04 12.84 22.53
N GLU C 235 55.20 12.87 23.15
CA GLU C 235 55.92 11.65 23.53
C GLU C 235 55.12 10.81 24.51
N ARG C 236 54.29 11.48 25.31
CA ARG C 236 53.46 10.83 26.33
C ARG C 236 52.36 9.99 25.73
N GLU C 237 51.69 10.55 24.72
CA GLU C 237 50.53 9.91 24.11
C GLU C 237 50.90 9.10 22.87
N ALA C 238 52.15 9.22 22.45
CA ALA C 238 52.62 8.55 21.25
C ALA C 238 52.62 7.03 21.43
N GLU C 239 53.05 6.56 22.60
CA GLU C 239 53.14 5.13 22.83
C GLU C 239 51.79 4.44 22.98
N PRO C 240 50.91 4.95 23.85
CA PRO C 240 49.57 4.35 23.95
C PRO C 240 48.91 4.28 22.58
N LEU C 241 48.97 5.39 21.84
CA LEU C 241 48.46 5.44 20.48
C LEU C 241 49.10 4.35 19.62
N VAL C 242 50.42 4.28 19.65
CA VAL C 242 51.15 3.28 18.87
C VAL C 242 50.75 1.85 19.25
N ASP C 243 50.58 1.61 20.54
CA ASP C 243 50.18 0.28 21.02
C ASP C 243 48.82 -0.09 20.44
N SER C 244 47.90 0.87 20.46
CA SER C 244 46.54 0.66 19.95
C SER C 244 46.56 0.22 18.49
N LEU C 245 47.39 0.88 17.69
CA LEU C 245 47.52 0.54 16.28
C LEU C 245 48.06 -0.88 16.13
N LEU C 246 49.20 -1.14 16.76
CA LEU C 246 49.86 -2.45 16.69
C LEU C 246 48.95 -3.60 17.13
N ALA C 247 48.05 -3.34 18.08
CA ALA C 247 47.07 -4.35 18.49
C ALA C 247 46.28 -4.79 17.26
N VAL C 248 45.82 -3.80 16.49
CA VAL C 248 45.07 -4.04 15.27
C VAL C 248 45.98 -4.54 14.15
N ILE C 249 47.17 -3.95 14.07
CA ILE C 249 48.13 -4.32 13.03
C ILE C 249 48.53 -5.79 13.11
N ARG C 250 48.83 -6.26 14.31
CA ARG C 250 49.28 -7.65 14.47
C ARG C 250 48.22 -8.64 14.03
N GLU C 251 46.95 -8.22 14.07
CA GLU C 251 45.85 -9.06 13.61
C GLU C 251 45.79 -9.12 12.08
N LEU C 252 46.60 -8.31 11.43
CA LEU C 252 46.62 -8.23 9.97
C LEU C 252 47.82 -8.99 9.41
N GLY C 253 48.40 -9.87 10.21
CA GLY C 253 49.40 -10.78 9.69
C GLY C 253 50.80 -10.25 9.83
N PRO C 255 52.58 -9.46 13.39
CA PRO C 255 53.21 -9.27 14.70
C PRO C 255 54.71 -9.24 14.40
N HIS C 256 55.53 -8.85 15.38
CA HIS C 256 56.95 -8.55 15.19
C HIS C 256 57.14 -7.19 14.50
N ALA C 257 56.03 -6.53 14.19
CA ALA C 257 56.08 -5.16 13.67
C ALA C 257 56.21 -4.21 14.84
N ARG C 258 57.13 -3.26 14.73
CA ARG C 258 57.33 -2.27 15.77
C ARG C 258 57.06 -0.89 15.21
N GLU C 260 57.26 3.44 16.18
CA GLU C 260 57.68 4.54 17.04
C GLU C 260 57.31 5.87 16.41
N PHE C 261 56.78 6.79 17.21
CA PHE C 261 56.60 8.18 16.78
C PHE C 261 57.85 9.00 17.12
N ALA C 262 58.60 9.38 16.09
CA ALA C 262 59.85 10.10 16.28
C ALA C 262 59.69 11.62 16.14
N LEU C 263 60.50 12.35 16.90
CA LEU C 263 60.48 13.82 16.85
C LEU C 263 61.81 14.36 16.32
N SER C 264 61.73 15.26 15.35
CA SER C 264 62.91 15.98 14.86
C SER C 264 62.83 17.44 15.29
N ALA C 265 63.76 17.86 16.14
CA ALA C 265 63.78 19.23 16.63
C ALA C 265 63.88 20.22 15.47
N LEU C 266 63.16 21.34 15.60
CA LEU C 266 63.15 22.35 14.55
C LEU C 266 64.10 23.50 14.86
N ALA C 267 64.73 24.03 13.82
CA ALA C 267 65.65 25.16 13.95
C ALA C 267 64.93 26.35 14.56
N GLU C 268 63.73 26.63 14.08
CA GLU C 268 62.91 27.71 14.60
C GLU C 268 61.47 27.22 14.80
N PRO C 269 60.74 27.85 15.73
CA PRO C 269 59.35 27.46 15.97
C PRO C 269 58.51 27.49 14.70
N ALA C 270 57.83 26.39 14.42
CA ALA C 270 56.90 26.33 13.30
C ALA C 270 55.49 26.51 13.85
N ALA C 271 54.54 26.72 12.95
CA ALA C 271 53.17 26.95 13.38
C ALA C 271 52.60 25.74 14.15
N TYR C 272 53.08 24.55 13.80
CA TYR C 272 52.56 23.31 14.40
C TYR C 272 53.22 22.91 15.72
N GLY C 273 54.40 23.46 15.97
CA GLY C 273 55.11 23.18 17.20
C GLY C 273 56.61 23.42 17.09
N LEU C 274 57.33 22.98 18.11
CA LEU C 274 58.77 23.11 18.13
C LEU C 274 59.45 21.96 17.38
N SER C 275 58.74 20.85 17.24
CA SER C 275 59.29 19.67 16.57
C SER C 275 58.43 19.12 15.42
N ASP C 276 58.98 18.17 14.68
CA ASP C 276 58.28 17.55 13.57
C ASP C 276 57.97 16.11 13.90
N VAL C 277 56.72 15.68 13.77
CA VAL C 277 56.28 14.33 14.12
C VAL C 277 56.46 13.38 12.95
N LEU C 278 57.15 12.26 13.20
CA LEU C 278 57.40 11.25 12.17
C LEU C 278 56.88 9.89 12.64
N LEU C 279 56.34 9.12 11.71
CA LEU C 279 55.80 7.79 12.02
C LEU C 279 56.68 6.71 11.40
N ARG C 280 57.35 5.94 12.25
CA ARG C 280 58.32 4.95 11.78
C ARG C 280 57.88 3.52 12.13
N PHE C 281 58.27 2.57 11.29
CA PHE C 281 57.73 1.21 11.36
C PHE C 281 58.81 0.16 11.14
N SER C 282 58.81 -0.88 11.95
CA SER C 282 59.75 -1.95 11.80
C SER C 282 58.87 -3.03 11.35
N ALA C 283 58.85 -3.28 10.06
CA ALA C 283 57.96 -4.28 9.54
C ALA C 283 58.27 -5.71 9.96
N ASN C 284 59.54 -6.06 9.94
CA ASN C 284 59.95 -7.41 10.16
C ASN C 284 60.95 -7.52 11.29
N PRO C 285 61.05 -8.71 11.85
CA PRO C 285 62.02 -8.94 12.90
C PRO C 285 63.39 -8.52 12.40
N GLU C 288 64.61 -3.12 12.07
CA GLU C 288 65.22 -1.80 11.92
C GLU C 288 64.18 -0.75 11.50
N LEU C 289 63.76 0.08 12.46
CA LEU C 289 62.74 1.09 12.21
C LEU C 289 63.10 2.07 11.09
N GLY C 290 62.17 2.25 10.16
CA GLY C 290 62.34 3.22 9.09
C GLY C 290 61.04 3.95 8.80
N PRO C 291 61.07 4.89 7.86
CA PRO C 291 59.87 5.62 7.43
C PRO C 291 58.76 4.68 6.98
N LEU C 292 57.55 4.86 7.51
CA LEU C 292 56.43 4.02 7.15
C LEU C 292 56.25 4.01 5.63
N SER C 293 56.66 5.10 4.98
CA SER C 293 56.49 5.25 3.54
C SER C 293 57.43 4.36 2.76
N ASP C 294 58.43 3.82 3.46
CA ASP C 294 59.46 3.02 2.82
C ASP C 294 59.41 1.54 3.26
N VAL C 295 58.46 0.77 2.72
CA VAL C 295 58.34 -0.67 3.03
C VAL C 295 58.53 -1.47 1.74
N ALA C 296 59.40 -2.48 1.77
CA ALA C 296 59.66 -3.27 0.56
C ALA C 296 58.35 -3.69 -0.13
N SER C 297 57.40 -4.14 0.67
CA SER C 297 56.09 -4.57 0.17
C SER C 297 54.98 -3.57 0.44
N GLY C 298 54.43 -2.98 -0.62
CA GLY C 298 53.31 -2.06 -0.49
C GLY C 298 52.11 -2.70 0.18
N GLY C 299 52.00 -4.02 0.02
CA GLY C 299 50.91 -4.77 0.61
C GLY C 299 50.78 -4.55 2.11
N GLU C 300 51.92 -4.52 2.80
CA GLU C 300 51.94 -4.25 4.22
C GLU C 300 51.57 -2.80 4.53
N LEU C 301 52.05 -1.89 3.68
CA LEU C 301 51.72 -0.48 3.82
C LEU C 301 50.21 -0.29 3.82
N SER C 302 49.53 -0.94 2.88
CA SER C 302 48.08 -0.88 2.80
C SER C 302 47.40 -1.35 4.09
N ARG C 303 47.73 -2.56 4.51
CA ARG C 303 47.14 -3.10 5.74
C ARG C 303 47.40 -2.17 6.92
N VAL C 304 48.62 -1.67 7.02
CA VAL C 304 48.97 -0.71 8.07
C VAL C 304 48.10 0.54 7.96
N LEU C 306 45.32 0.69 6.71
CA LEU C 306 43.99 0.23 7.07
C LEU C 306 43.81 0.21 8.59
N ALA C 307 44.87 -0.17 9.30
CA ALA C 307 44.83 -0.19 10.76
C ALA C 307 44.68 1.22 11.30
N VAL C 308 45.47 2.14 10.74
CA VAL C 308 45.39 3.54 11.12
C VAL C 308 44.00 4.09 10.84
N SER C 309 43.50 3.81 9.65
CA SER C 309 42.18 4.27 9.25
C SER C 309 41.12 3.73 10.20
N THR C 310 41.25 2.45 10.55
CA THR C 310 40.32 1.79 11.45
C THR C 310 40.29 2.48 12.80
N VAL C 311 41.45 2.55 13.44
CA VAL C 311 41.57 3.11 14.78
C VAL C 311 41.31 4.62 14.81
N LEU C 312 42.00 5.36 13.95
CA LEU C 312 41.96 6.82 13.98
C LEU C 312 40.85 7.43 13.11
N GLY C 313 40.39 6.67 12.13
CA GLY C 313 39.37 7.15 11.21
C GLY C 313 39.96 7.72 9.95
N ALA C 314 39.20 7.68 8.87
CA ALA C 314 39.61 8.25 7.59
C ALA C 314 39.03 9.64 7.41
N ASP C 315 39.69 10.47 6.61
CA ASP C 315 39.29 11.87 6.44
C ASP C 315 38.62 12.15 5.11
N THR C 316 38.45 11.13 4.29
CA THR C 316 37.76 11.28 3.01
C THR C 316 36.60 10.29 2.86
N PRO C 317 35.56 10.69 2.13
CA PRO C 317 34.38 9.85 1.86
C PRO C 317 34.74 8.57 1.12
N SER C 318 35.75 8.64 0.26
CA SER C 318 36.16 7.49 -0.52
C SER C 318 37.59 7.09 -0.23
N VAL C 319 37.78 5.82 0.12
CA VAL C 319 39.11 5.30 0.41
C VAL C 319 39.35 4.04 -0.39
N VAL C 320 40.50 3.97 -1.05
CA VAL C 320 40.87 2.82 -1.85
C VAL C 320 42.04 2.09 -1.21
N PHE C 321 41.93 0.77 -1.12
CA PHE C 321 43.03 -0.05 -0.62
C PHE C 321 43.49 -1.02 -1.69
N ASP C 322 44.76 -0.92 -2.09
CA ASP C 322 45.30 -1.82 -3.09
C ASP C 322 46.30 -2.80 -2.50
N GLU C 323 46.23 -4.06 -2.94
CA GLU C 323 47.14 -5.10 -2.46
C GLU C 323 47.07 -5.28 -0.95
N VAL C 324 45.93 -4.94 -0.37
CA VAL C 324 45.72 -5.10 1.06
C VAL C 324 45.65 -6.58 1.42
N ASP C 325 45.36 -7.41 0.41
CA ASP C 325 45.21 -8.86 0.60
C ASP C 325 46.44 -9.62 0.16
N ALA C 326 47.32 -8.96 -0.58
CA ALA C 326 48.52 -9.59 -1.10
C ALA C 326 49.46 -10.02 0.02
N GLY C 327 49.91 -11.27 -0.04
CA GLY C 327 50.92 -11.76 0.89
C GLY C 327 50.37 -12.36 2.17
N ILE C 328 49.05 -12.38 2.30
CA ILE C 328 48.43 -12.93 3.49
C ILE C 328 47.36 -13.96 3.16
N GLY C 329 46.74 -14.50 4.19
CA GLY C 329 45.70 -15.50 4.03
C GLY C 329 45.22 -15.96 5.40
N GLY C 330 44.34 -16.95 5.41
CA GLY C 330 43.81 -17.50 6.64
C GLY C 330 43.27 -16.44 7.59
N ALA C 331 43.63 -16.56 8.86
CA ALA C 331 43.14 -15.69 9.92
C ALA C 331 43.34 -14.21 9.61
N ALA C 332 44.45 -13.90 8.95
CA ALA C 332 44.78 -12.52 8.60
C ALA C 332 43.72 -11.92 7.66
N ALA C 333 43.40 -12.66 6.60
CA ALA C 333 42.42 -12.20 5.64
C ALA C 333 41.05 -11.99 6.29
N ILE C 334 40.69 -12.86 7.23
CA ILE C 334 39.44 -12.69 7.96
C ILE C 334 39.46 -11.37 8.72
N ALA C 335 40.60 -11.05 9.32
CA ALA C 335 40.76 -9.80 10.04
C ALA C 335 40.62 -8.61 9.11
N VAL C 336 41.35 -8.66 7.99
CA VAL C 336 41.29 -7.62 6.98
C VAL C 336 39.86 -7.35 6.54
N ALA C 337 39.21 -8.41 6.05
CA ALA C 337 37.82 -8.30 5.61
C ALA C 337 36.95 -7.59 6.65
N GLU C 338 37.18 -7.86 7.93
CA GLU C 338 36.39 -7.21 8.98
C GLU C 338 36.73 -5.74 9.09
N GLN C 339 38.02 -5.43 8.95
CA GLN C 339 38.50 -4.04 9.00
C GLN C 339 37.85 -3.20 7.91
N LEU C 340 37.88 -3.70 6.68
CA LEU C 340 37.25 -3.02 5.56
C LEU C 340 35.76 -2.88 5.79
N SER C 341 35.12 -3.99 6.16
CA SER C 341 33.68 -4.01 6.35
C SER C 341 33.22 -3.02 7.41
N ARG C 342 33.93 -3.00 8.54
CA ARG C 342 33.61 -2.08 9.63
C ARG C 342 33.86 -0.63 9.21
N LEU C 343 34.92 -0.41 8.44
CA LEU C 343 35.25 0.91 7.93
C LEU C 343 34.18 1.40 6.95
N ALA C 344 33.58 0.45 6.23
CA ALA C 344 32.60 0.77 5.20
C ALA C 344 31.27 1.23 5.79
N ASP C 345 31.15 1.19 7.11
CA ASP C 345 29.94 1.62 7.78
C ASP C 345 29.68 3.10 7.57
N THR C 346 30.76 3.85 7.42
CA THR C 346 30.66 5.30 7.28
C THR C 346 31.23 5.81 5.96
N ARG C 347 32.19 5.08 5.40
CA ARG C 347 32.85 5.52 4.18
C ARG C 347 32.52 4.61 3.02
N GLN C 348 33.02 4.97 1.83
CA GLN C 348 32.96 4.10 0.68
C GLN C 348 34.34 3.57 0.38
N VAL C 349 34.60 2.30 0.73
CA VAL C 349 35.91 1.70 0.47
C VAL C 349 35.89 0.82 -0.78
N LEU C 350 36.92 0.95 -1.60
CA LEU C 350 36.98 0.27 -2.88
C LEU C 350 38.22 -0.61 -2.97
N VAL C 351 38.03 -1.93 -3.06
CA VAL C 351 39.17 -2.84 -3.11
C VAL C 351 39.07 -3.87 -4.23
N VAL C 352 40.21 -4.15 -4.86
CA VAL C 352 40.34 -5.23 -5.82
C VAL C 352 41.04 -6.38 -5.13
N THR C 353 40.40 -7.54 -5.11
CA THR C 353 40.87 -8.66 -4.30
C THR C 353 40.71 -10.00 -5.01
N HIS C 354 41.57 -10.95 -4.64
CA HIS C 354 41.50 -12.32 -5.14
C HIS C 354 41.16 -13.27 -3.99
N LEU C 355 40.68 -12.71 -2.89
CA LEU C 355 40.29 -13.51 -1.75
C LEU C 355 38.78 -13.54 -1.58
N ALA C 356 38.22 -14.75 -1.47
CA ALA C 356 36.80 -14.92 -1.27
C ALA C 356 36.37 -14.38 0.08
N GLN C 357 37.27 -14.48 1.06
CA GLN C 357 37.01 -14.00 2.40
C GLN C 357 36.70 -12.49 2.42
N ILE C 358 37.45 -11.72 1.65
CA ILE C 358 37.28 -10.27 1.63
C ILE C 358 36.08 -9.88 0.78
N ALA C 359 36.00 -10.44 -0.42
CA ALA C 359 34.91 -10.14 -1.34
C ALA C 359 33.53 -10.38 -0.73
N ALA C 360 33.40 -11.44 0.07
CA ALA C 360 32.11 -11.84 0.61
C ALA C 360 31.50 -10.86 1.60
N ARG C 361 32.31 -9.92 2.08
CA ARG C 361 31.85 -8.95 3.08
C ARG C 361 31.37 -7.66 2.43
N ALA C 362 31.38 -7.64 1.10
CA ALA C 362 31.10 -6.42 0.36
C ALA C 362 29.61 -6.09 0.32
N HIS C 363 29.30 -4.79 0.31
CA HIS C 363 27.94 -4.31 0.13
C HIS C 363 27.58 -4.42 -1.35
N HIS C 364 28.59 -4.27 -2.19
CA HIS C 364 28.43 -4.37 -3.63
C HIS C 364 29.59 -5.17 -4.19
N HIS C 365 29.29 -6.17 -5.02
CA HIS C 365 30.32 -7.04 -5.55
C HIS C 365 30.36 -6.95 -7.06
N TYR C 366 31.48 -6.49 -7.60
CA TYR C 366 31.62 -6.31 -9.04
C TYR C 366 32.59 -7.32 -9.64
N LYS C 367 32.23 -7.89 -10.79
CA LYS C 367 33.13 -8.78 -11.50
C LYS C 367 33.66 -8.07 -12.74
N VAL C 368 34.97 -8.17 -12.95
CA VAL C 368 35.61 -7.58 -14.11
C VAL C 368 35.94 -8.68 -15.13
N GLU C 369 35.29 -8.63 -16.28
CA GLU C 369 35.41 -9.68 -17.28
C GLU C 369 35.94 -9.17 -18.63
N LYS C 370 36.91 -9.88 -19.17
CA LYS C 370 37.36 -9.63 -20.54
C LYS C 370 36.31 -10.17 -21.49
N GLN C 371 36.45 -9.82 -22.77
CA GLN C 371 35.48 -10.25 -23.79
C GLN C 371 35.93 -9.87 -25.20
N VAL C 372 35.00 -9.89 -26.15
CA VAL C 372 35.37 -9.63 -27.56
C VAL C 372 34.54 -8.49 -28.18
N THR C 377 38.41 -7.37 -27.58
CA THR C 377 38.96 -7.79 -26.30
C THR C 377 38.73 -6.68 -25.24
N VAL C 378 37.47 -6.43 -24.96
CA VAL C 378 37.09 -5.27 -24.18
C VAL C 378 36.73 -5.67 -22.75
N SER C 379 37.26 -4.94 -21.77
CA SER C 379 36.95 -5.20 -20.36
C SER C 379 35.54 -4.72 -20.03
N HIS C 380 34.88 -5.47 -19.15
CA HIS C 380 33.49 -5.23 -18.78
C HIS C 380 33.34 -5.38 -17.27
N VAL C 381 32.45 -4.61 -16.66
CA VAL C 381 32.25 -4.63 -15.22
C VAL C 381 30.77 -4.70 -14.88
N ARG C 382 30.37 -5.74 -14.15
CA ARG C 382 28.97 -5.91 -13.78
C ARG C 382 28.80 -6.16 -12.29
N LEU C 383 27.63 -5.80 -11.77
CA LEU C 383 27.30 -6.03 -10.38
C LEU C 383 26.68 -7.42 -10.20
N LEU C 384 27.35 -8.28 -9.44
CA LEU C 384 26.88 -9.64 -9.19
C LEU C 384 25.60 -9.69 -8.38
N THR C 385 24.68 -10.56 -8.79
CA THR C 385 23.30 -10.54 -8.35
C THR C 385 23.06 -11.18 -6.98
N GLY C 386 23.43 -12.44 -6.85
CA GLY C 386 23.20 -13.20 -5.64
C GLY C 386 23.53 -14.65 -5.94
N ASP C 387 22.83 -15.20 -6.94
CA ASP C 387 23.20 -16.49 -7.50
C ASP C 387 24.55 -16.34 -8.18
N GLU C 388 24.67 -15.32 -9.02
CA GLU C 388 25.91 -15.01 -9.71
C GLU C 388 27.01 -14.71 -8.70
N ARG C 389 26.62 -14.12 -7.57
CA ARG C 389 27.58 -13.79 -6.53
C ARG C 389 28.01 -15.04 -5.77
N LEU C 390 27.04 -15.81 -5.30
CA LEU C 390 27.33 -17.06 -4.61
C LEU C 390 28.30 -17.86 -5.45
N GLU C 391 27.98 -17.98 -6.74
CA GLU C 391 28.83 -18.67 -7.69
C GLU C 391 30.25 -18.11 -7.71
N GLU C 392 30.37 -16.78 -7.66
CA GLU C 392 31.66 -16.12 -7.74
C GLU C 392 32.57 -16.45 -6.57
N ILE C 393 32.03 -16.39 -5.35
CA ILE C 393 32.81 -16.73 -4.17
C ILE C 393 33.30 -18.18 -4.24
N ALA C 394 32.39 -19.08 -4.59
CA ALA C 394 32.73 -20.49 -4.74
C ALA C 394 33.86 -20.67 -5.74
N ARG C 395 33.79 -19.92 -6.84
CA ARG C 395 34.83 -20.00 -7.87
C ARG C 395 36.15 -19.46 -7.33
N LEU C 397 36.99 -19.53 -4.02
CA LEU C 397 37.50 -20.51 -3.08
C LEU C 397 38.07 -21.78 -3.67
N SER C 398 37.38 -22.41 -4.59
CA SER C 398 37.91 -23.65 -5.14
C SER C 398 38.04 -23.81 -6.63
N GLY C 399 37.42 -22.98 -7.44
CA GLY C 399 37.45 -23.19 -8.87
C GLY C 399 36.39 -24.23 -9.04
N ASN C 400 35.89 -24.64 -7.88
CA ASN C 400 34.75 -25.53 -7.70
C ASN C 400 34.84 -27.01 -7.35
N THR C 401 34.05 -27.36 -6.34
CA THR C 401 33.72 -28.69 -5.85
C THR C 401 32.32 -28.43 -5.41
N SER C 402 31.65 -27.74 -6.27
CA SER C 402 30.49 -26.92 -5.92
C SER C 402 29.76 -27.34 -4.65
N GLU C 403 29.50 -28.62 -4.49
CA GLU C 403 28.97 -29.10 -3.20
C GLU C 403 29.71 -28.49 -2.00
N ALA C 404 30.97 -28.87 -1.87
CA ALA C 404 31.79 -28.35 -0.80
C ALA C 404 32.00 -26.84 -0.89
N ALA C 405 32.31 -26.34 -2.09
CA ALA C 405 32.60 -24.91 -2.24
C ALA C 405 31.37 -23.98 -2.08
N LEU C 406 30.22 -24.41 -2.61
CA LEU C 406 28.99 -23.64 -2.47
C LEU C 406 28.61 -23.44 -1.00
N GLU C 407 28.93 -24.42 -0.16
CA GLU C 407 28.61 -24.30 1.26
C GLU C 407 29.61 -23.41 1.98
N HIS C 408 30.87 -23.47 1.57
CA HIS C 408 31.88 -22.58 2.12
C HIS C 408 31.58 -21.16 1.71
N ALA C 409 31.18 -20.99 0.45
CA ALA C 409 30.83 -19.67 -0.07
C ALA C 409 29.56 -19.16 0.60
N ARG C 410 28.59 -20.06 0.76
CA ARG C 410 27.30 -19.70 1.34
C ARG C 410 27.47 -19.16 2.76
N GLU C 411 28.20 -19.91 3.58
CA GLU C 411 28.44 -19.50 4.95
C GLU C 411 29.24 -18.20 5.02
N LEU C 412 30.27 -18.10 4.19
CA LEU C 412 31.12 -16.91 4.14
C LEU C 412 30.31 -15.63 3.96
N LEU C 413 29.36 -15.66 3.03
CA LEU C 413 28.56 -14.50 2.69
C LEU C 413 27.75 -13.98 3.88
N ALA C 414 27.49 -14.86 4.84
CA ALA C 414 26.74 -14.49 6.03
C ALA C 414 27.34 -15.13 7.29
N PRO D 38 0.91 -27.05 16.58
CA PRO D 38 0.27 -27.53 17.82
C PRO D 38 1.07 -27.12 19.05
N ARG D 39 1.31 -25.83 19.22
CA ARG D 39 2.13 -25.33 20.32
C ARG D 39 1.37 -25.32 21.65
N LEU D 40 2.09 -24.93 22.70
CA LEU D 40 1.50 -24.73 24.02
C LEU D 40 0.95 -23.31 24.09
N SER D 41 -0.36 -23.18 23.89
CA SER D 41 -1.00 -21.87 23.74
C SER D 41 -1.18 -21.14 25.06
N ARG D 42 -1.45 -21.90 26.12
CA ARG D 42 -1.81 -21.31 27.41
C ARG D 42 -1.34 -22.17 28.57
N LEU D 43 -0.88 -21.52 29.63
CA LEU D 43 -0.43 -22.22 30.82
C LEU D 43 -0.97 -21.56 32.07
N GLU D 44 -1.66 -22.32 32.90
CA GLU D 44 -2.20 -21.78 34.14
C GLU D 44 -1.55 -22.46 35.34
N ILE D 45 -1.05 -21.67 36.27
CA ILE D 45 -0.49 -22.23 37.50
C ILE D 45 -1.24 -21.73 38.69
N ARG D 46 -1.44 -22.60 39.68
CA ARG D 46 -2.22 -22.24 40.86
C ARG D 46 -1.59 -22.78 42.13
N ASN D 47 -1.11 -21.86 42.97
CA ASN D 47 -0.53 -22.24 44.26
C ASN D 47 0.70 -23.14 44.15
N LEU D 48 1.56 -22.87 43.18
CA LEU D 48 2.80 -23.62 43.02
C LEU D 48 4.00 -22.79 43.46
N ALA D 49 4.66 -23.24 44.52
CA ALA D 49 5.85 -22.57 45.04
C ALA D 49 5.55 -21.13 45.43
N THR D 50 6.23 -20.21 44.77
CA THR D 50 6.09 -18.79 45.04
C THR D 50 4.80 -18.23 44.42
N ILE D 51 4.31 -18.90 43.39
CA ILE D 51 3.18 -18.43 42.60
C ILE D 51 1.84 -18.77 43.24
N THR D 52 1.08 -17.74 43.58
CA THR D 52 -0.25 -17.94 44.14
C THR D 52 -1.22 -18.28 43.01
N GLN D 53 -1.15 -17.53 41.91
CA GLN D 53 -2.05 -17.72 40.79
C GLN D 53 -1.49 -17.00 39.56
N LEU D 54 -1.62 -17.63 38.39
CA LEU D 54 -1.05 -17.09 37.17
C LEU D 54 -1.59 -17.76 35.92
N GLU D 55 -1.94 -16.96 34.92
CA GLU D 55 -2.44 -17.46 33.64
C GLU D 55 -1.66 -16.82 32.51
N LEU D 56 -0.69 -17.55 31.97
CA LEU D 56 0.18 -17.02 30.93
C LEU D 56 -0.07 -17.67 29.58
N GLU D 57 -0.18 -16.86 28.53
CA GLU D 57 -0.33 -17.40 27.19
C GLU D 57 0.92 -17.17 26.36
N LEU D 58 1.35 -18.22 25.66
CA LEU D 58 2.62 -18.23 24.96
C LEU D 58 2.43 -18.22 23.45
N GLY D 59 3.39 -17.62 22.75
CA GLY D 59 3.38 -17.58 21.30
C GLY D 59 4.33 -18.59 20.71
N GLY D 60 4.10 -18.97 19.45
CA GLY D 60 4.96 -19.91 18.78
C GLY D 60 6.38 -19.38 18.64
N GLY D 61 7.35 -20.29 18.58
CA GLY D 61 8.73 -19.90 18.36
C GLY D 61 9.51 -19.71 19.65
N PHE D 62 10.56 -18.92 19.56
CA PHE D 62 11.48 -18.72 20.67
C PHE D 62 10.90 -17.78 21.74
N CYS D 63 10.54 -18.35 22.89
CA CYS D 63 10.07 -17.54 24.01
C CYS D 63 11.11 -17.51 25.11
N ALA D 64 11.44 -16.33 25.59
CA ALA D 64 12.40 -16.19 26.68
C ALA D 64 11.75 -15.56 27.89
N PHE D 65 12.11 -16.04 29.07
CA PHE D 65 11.53 -15.55 30.31
C PHE D 65 12.64 -15.00 31.20
N THR D 66 12.58 -13.70 31.48
CA THR D 66 13.63 -13.04 32.24
C THR D 66 13.08 -12.33 33.47
N GLY D 67 13.96 -11.66 34.19
CA GLY D 67 13.59 -11.02 35.44
C GLY D 67 13.79 -11.96 36.61
N GLU D 68 12.69 -12.46 37.16
CA GLU D 68 12.75 -13.44 38.23
C GLU D 68 12.86 -14.84 37.65
N THR D 69 14.08 -15.34 37.54
CA THR D 69 14.32 -16.66 36.95
C THR D 69 14.02 -17.78 37.94
N GLY D 70 14.02 -17.46 39.23
CA GLY D 70 13.63 -18.42 40.25
C GLY D 70 12.18 -18.82 40.06
N ALA D 71 11.33 -17.81 39.84
CA ALA D 71 9.93 -18.04 39.53
C ALA D 71 9.80 -18.49 38.08
N GLY D 72 10.58 -17.88 37.20
CA GLY D 72 10.56 -18.24 35.79
C GLY D 72 10.77 -19.73 35.60
N LYS D 73 11.59 -20.32 36.48
CA LYS D 73 11.83 -21.75 36.44
C LYS D 73 10.62 -22.53 36.94
N SER D 74 9.95 -22.00 37.95
CA SER D 74 8.73 -22.61 38.48
C SER D 74 7.70 -22.79 37.38
N ILE D 75 7.71 -21.88 36.39
CA ILE D 75 6.78 -21.97 35.28
C ILE D 75 7.23 -23.00 34.27
N ILE D 76 8.44 -22.83 33.75
CA ILE D 76 8.89 -23.59 32.60
C ILE D 76 9.39 -24.99 32.93
N VAL D 77 9.95 -25.17 34.12
CA VAL D 77 10.46 -26.48 34.50
C VAL D 77 9.53 -27.20 35.49
N ASP D 78 9.26 -26.56 36.61
CA ASP D 78 8.48 -27.18 37.67
C ASP D 78 7.04 -27.45 37.26
N ALA D 79 6.38 -26.43 36.73
CA ALA D 79 4.98 -26.54 36.33
C ALA D 79 4.79 -27.52 35.16
N LEU D 80 5.63 -27.40 34.15
CA LEU D 80 5.55 -28.31 33.00
C LEU D 80 6.09 -29.69 33.35
N GLY D 81 6.90 -29.75 34.40
CA GLY D 81 7.43 -31.01 34.87
C GLY D 81 6.34 -31.94 35.35
N LEU D 82 5.30 -31.35 35.95
CA LEU D 82 4.18 -32.13 36.44
C LEU D 82 3.34 -32.68 35.29
N LEU D 83 3.09 -31.85 34.28
CA LEU D 83 2.30 -32.28 33.13
C LEU D 83 2.93 -33.48 32.43
N LEU D 84 4.25 -33.60 32.53
CA LEU D 84 4.93 -34.77 31.99
C LEU D 84 4.88 -35.92 32.99
N GLY D 85 3.84 -35.93 33.82
CA GLY D 85 3.67 -36.96 34.82
C GLY D 85 4.83 -37.04 35.79
N GLY D 86 5.58 -35.95 35.88
CA GLY D 86 6.71 -35.89 36.79
C GLY D 86 6.28 -36.17 38.21
N ARG D 87 7.23 -36.58 39.04
CA ARG D 87 6.94 -36.88 40.44
C ARG D 87 6.16 -35.77 41.12
N ALA D 88 5.20 -36.15 41.94
CA ALA D 88 4.42 -35.17 42.67
C ALA D 88 5.16 -34.62 43.89
N ASN D 89 6.15 -33.76 43.67
CA ASN D 89 6.77 -33.06 44.79
C ASN D 89 5.72 -32.23 45.49
N HIS D 90 5.07 -32.83 46.47
CA HIS D 90 4.04 -32.16 47.24
C HIS D 90 4.62 -30.89 47.89
N ASP D 91 5.93 -30.89 48.14
CA ASP D 91 6.60 -29.70 48.67
C ASP D 91 6.37 -28.42 47.84
N LEU D 92 6.16 -28.58 46.53
CA LEU D 92 5.87 -27.45 45.64
C LEU D 92 4.59 -26.68 46.03
N ILE D 93 3.89 -27.16 47.05
CA ILE D 93 2.63 -26.51 47.47
C ILE D 93 2.79 -25.35 48.47
N ARG D 94 2.11 -24.23 48.19
CA ARG D 94 1.91 -23.15 49.17
C ARG D 94 1.28 -21.89 48.54
N GLU D 99 -5.00 -28.45 46.28
CA GLU D 99 -4.38 -27.19 46.68
C GLU D 99 -3.49 -26.63 45.57
N LEU D 100 -2.94 -27.52 44.74
CA LEU D 100 -2.11 -27.13 43.60
C LEU D 100 -2.75 -27.58 42.28
N LEU D 101 -2.63 -26.76 41.25
CA LEU D 101 -3.22 -27.08 39.97
C LEU D 101 -2.45 -26.43 38.82
N VAL D 102 -2.07 -27.25 37.85
CA VAL D 102 -1.37 -26.74 36.68
C VAL D 102 -2.08 -27.23 35.43
N THR D 103 -2.46 -26.29 34.57
CA THR D 103 -3.15 -26.65 33.34
C THR D 103 -2.41 -26.13 32.12
N GLY D 104 -2.33 -26.97 31.10
CA GLY D 104 -1.70 -26.60 29.84
C GLY D 104 -2.69 -26.76 28.71
N PHE D 105 -2.69 -25.80 27.79
CA PHE D 105 -3.61 -25.84 26.65
C PHE D 105 -2.85 -25.84 25.35
N TRP D 106 -3.16 -26.80 24.49
CA TRP D 106 -2.50 -26.92 23.20
C TRP D 106 -3.41 -26.49 22.03
N GLY D 107 -2.80 -25.90 21.00
CA GLY D 107 -3.54 -25.41 19.85
C GLY D 107 -2.87 -24.20 19.21
N ALA D 114 -7.99 -26.08 22.17
CA ALA D 114 -8.13 -27.38 21.50
C ALA D 114 -8.05 -28.55 22.49
N ASP D 115 -6.83 -28.83 22.97
CA ASP D 115 -6.62 -29.90 23.94
C ASP D 115 -6.04 -29.35 25.24
N SER D 116 -6.43 -29.95 26.36
CA SER D 116 -5.88 -29.55 27.65
C SER D 116 -5.26 -30.74 28.38
N ALA D 117 -4.43 -30.42 29.37
CA ALA D 117 -3.83 -31.44 30.24
C ALA D 117 -3.59 -30.79 31.58
N SER D 118 -4.05 -31.43 32.65
CA SER D 118 -3.95 -30.84 33.97
C SER D 118 -3.37 -31.81 34.98
N ARG D 119 -2.75 -31.26 36.02
CA ARG D 119 -2.22 -32.05 37.11
C ARG D 119 -2.55 -31.31 38.40
N ARG D 120 -3.23 -31.98 39.31
CA ARG D 120 -3.62 -31.35 40.58
C ARG D 120 -3.07 -32.12 41.76
N LEU D 121 -2.27 -31.46 42.59
CA LEU D 121 -1.70 -32.08 43.78
C LEU D 121 -2.42 -31.54 45.01
N SER D 122 -2.92 -32.43 45.86
CA SER D 122 -3.67 -32.02 47.04
C SER D 122 -2.99 -32.45 48.34
N SER D 123 -2.85 -31.50 49.26
CA SER D 123 -2.22 -31.77 50.55
C SER D 123 -3.03 -32.76 51.40
N ALA D 124 -4.34 -32.59 51.42
CA ALA D 124 -5.19 -33.38 52.30
C ALA D 124 -6.30 -34.13 51.57
N GLY D 125 -6.64 -33.68 50.36
CA GLY D 125 -7.72 -34.29 49.61
C GLY D 125 -7.27 -35.09 48.40
N ARG D 126 -8.16 -35.19 47.42
CA ARG D 126 -7.86 -35.92 46.18
C ARG D 126 -7.21 -35.01 45.15
N GLY D 127 -6.21 -35.55 44.46
CA GLY D 127 -5.63 -34.89 43.31
C GLY D 127 -5.92 -35.73 42.09
N ALA D 128 -5.56 -35.23 40.92
CA ALA D 128 -5.86 -35.96 39.70
C ALA D 128 -5.05 -35.46 38.51
N ALA D 129 -4.89 -36.35 37.53
CA ALA D 129 -4.33 -35.96 36.25
C ALA D 129 -5.50 -36.01 35.29
N ARG D 130 -5.55 -35.05 34.37
CA ARG D 130 -6.69 -34.96 33.47
C ARG D 130 -6.26 -34.67 32.05
N LEU D 131 -6.80 -35.43 31.11
CA LEU D 131 -6.63 -35.16 29.69
C LEU D 131 -7.97 -34.71 29.14
N SER D 132 -8.06 -33.41 28.85
CA SER D 132 -9.28 -32.81 28.34
C SER D 132 -10.45 -33.02 29.29
N GLY D 133 -10.20 -32.82 30.58
CA GLY D 133 -11.24 -32.92 31.58
C GLY D 133 -11.37 -34.32 32.16
N GLU D 134 -11.20 -35.33 31.31
CA GLU D 134 -11.33 -36.71 31.74
C GLU D 134 -10.21 -37.09 32.71
N VAL D 135 -10.60 -37.61 33.88
CA VAL D 135 -9.62 -38.06 34.87
C VAL D 135 -8.89 -39.30 34.38
N VAL D 136 -7.57 -39.17 34.23
CA VAL D 136 -6.74 -40.29 33.79
C VAL D 136 -5.70 -40.61 34.86
N SER D 137 -4.82 -41.56 34.53
CA SER D 137 -3.74 -41.94 35.42
C SER D 137 -2.47 -41.20 35.03
N VAL D 138 -1.65 -40.85 36.01
CA VAL D 138 -0.44 -40.07 35.75
C VAL D 138 0.36 -40.67 34.60
N ARG D 139 0.26 -41.99 34.45
CA ARG D 139 0.96 -42.71 33.40
C ARG D 139 0.41 -42.31 32.02
N GLU D 140 -0.89 -42.09 31.95
CA GLU D 140 -1.53 -41.67 30.70
C GLU D 140 -1.20 -40.21 30.40
N LEU D 141 -1.29 -39.37 31.42
CA LEU D 141 -0.88 -37.98 31.31
C LEU D 141 0.52 -37.90 30.74
N GLN D 142 1.40 -38.77 31.25
CA GLN D 142 2.79 -38.81 30.80
C GLN D 142 2.91 -39.07 29.31
N GLU D 143 2.30 -40.15 28.85
CA GLU D 143 2.43 -40.55 27.45
C GLU D 143 1.90 -39.48 26.51
N TRP D 144 0.81 -38.85 26.89
CA TRP D 144 0.24 -37.80 26.05
C TRP D 144 1.13 -36.57 26.08
N ALA D 145 1.57 -36.17 27.28
CA ALA D 145 2.45 -35.02 27.43
C ALA D 145 3.80 -35.24 26.74
N GLN D 146 4.41 -36.39 27.00
CA GLN D 146 5.70 -36.74 26.40
C GLN D 146 5.73 -36.45 24.90
N GLY D 147 4.56 -36.56 24.26
CA GLY D 147 4.47 -36.43 22.82
C GLY D 147 4.49 -35.00 22.30
N ARG D 148 4.14 -34.06 23.18
CA ARG D 148 3.93 -32.66 22.84
C ARG D 148 4.97 -31.75 23.50
N LEU D 149 5.40 -32.16 24.68
CA LEU D 149 6.34 -31.38 25.50
C LEU D 149 7.62 -32.15 25.80
N THR D 150 8.75 -31.53 25.58
CA THR D 150 10.03 -32.12 25.85
C THR D 150 10.74 -31.15 26.76
N ILE D 151 11.33 -31.60 27.84
CA ILE D 151 12.07 -30.73 28.74
C ILE D 151 13.42 -31.34 28.72
N HIS D 152 14.43 -30.59 28.29
CA HIS D 152 15.75 -31.16 28.20
C HIS D 152 16.82 -31.48 29.19
N TRP D 153 17.27 -30.63 30.07
CA TRP D 153 18.33 -31.32 30.76
C TRP D 153 17.73 -32.45 31.54
N GLN D 154 16.65 -32.11 32.22
CA GLN D 154 15.90 -33.00 33.07
C GLN D 154 15.09 -34.17 32.54
N HIS D 155 14.36 -34.01 31.47
CA HIS D 155 13.56 -35.10 30.96
C HIS D 155 13.98 -35.59 29.62
N SER D 156 15.29 -35.59 29.36
CA SER D 156 15.79 -36.05 28.09
C SER D 156 16.40 -37.39 28.32
N ALA D 157 16.07 -37.94 29.46
CA ALA D 157 16.57 -39.24 29.77
C ALA D 157 15.90 -39.98 28.65
N VAL D 158 14.66 -39.62 28.38
CA VAL D 158 13.92 -40.25 27.31
C VAL D 158 14.69 -40.07 26.01
N ARG D 167 21.81 -43.81 20.70
CA ARG D 167 22.41 -44.88 19.91
C ARG D 167 21.55 -45.33 18.71
N GLY D 168 20.41 -44.68 18.56
CA GLY D 168 19.51 -44.97 17.47
C GLY D 168 19.46 -43.72 16.67
N LEU D 169 20.29 -42.76 17.03
CA LEU D 169 20.36 -41.48 16.34
C LEU D 169 21.10 -41.76 15.09
N LEU D 170 22.01 -42.71 15.21
CA LEU D 170 22.84 -43.14 14.08
C LEU D 170 22.10 -44.01 13.07
N ASP D 171 21.14 -44.80 13.54
CA ASP D 171 20.39 -45.71 12.66
C ASP D 171 19.43 -44.97 11.73
N ARG D 172 19.12 -43.72 12.05
CA ARG D 172 18.28 -42.90 11.19
C ARG D 172 19.08 -42.35 9.99
N ARG D 173 20.39 -42.23 10.17
CA ARG D 173 21.26 -41.80 9.07
C ARG D 173 21.71 -43.01 8.25
N VAL D 174 21.40 -44.20 8.76
CA VAL D 174 21.68 -45.47 8.09
C VAL D 174 20.39 -46.28 8.07
N THR D 175 19.34 -45.71 7.47
CA THR D 175 18.02 -46.31 7.50
C THR D 175 17.88 -47.50 6.57
N LYS D 176 18.32 -47.34 5.33
CA LYS D 176 18.20 -48.41 4.34
C LYS D 176 18.88 -49.68 4.83
N GLU D 177 20.04 -49.53 5.45
CA GLU D 177 20.81 -50.68 5.96
C GLU D 177 20.17 -51.28 7.20
N ALA D 178 19.51 -50.45 8.00
CA ALA D 178 18.87 -50.91 9.22
C ALA D 178 17.63 -51.74 8.92
N GLN D 179 16.81 -51.26 7.99
CA GLN D 179 15.61 -51.98 7.57
C GLN D 179 15.97 -53.33 6.97
N ALA D 180 17.03 -53.33 6.18
CA ALA D 180 17.50 -54.55 5.52
C ALA D 180 17.93 -55.62 6.51
N TYR D 181 18.64 -55.19 7.55
CA TYR D 181 19.08 -56.10 8.60
C TYR D 181 17.91 -56.61 9.42
N ALA D 182 16.95 -55.73 9.68
CA ALA D 182 15.76 -56.10 10.44
C ALA D 182 14.95 -57.15 9.69
N ALA D 183 14.83 -56.97 8.39
CA ALA D 183 14.13 -57.93 7.54
C ALA D 183 14.86 -59.28 7.50
N ALA D 184 16.17 -59.23 7.33
CA ALA D 184 16.99 -60.44 7.31
C ALA D 184 16.98 -61.12 8.68
N HIS D 185 17.04 -60.31 9.73
CA HIS D 185 17.04 -60.81 11.10
C HIS D 185 15.71 -61.46 11.46
N ALA D 186 14.63 -61.02 10.81
CA ALA D 186 13.31 -61.57 11.05
C ALA D 186 13.27 -63.07 10.70
N ALA D 187 14.17 -63.49 9.83
CA ALA D 187 14.25 -64.88 9.40
C ALA D 187 15.04 -65.75 10.39
N ARG D 213 20.59 -78.02 8.72
CA ARG D 213 19.62 -77.12 8.11
C ARG D 213 20.28 -76.05 7.23
N GLY D 214 20.52 -76.41 5.97
CA GLY D 214 21.10 -75.48 5.01
C GLY D 214 20.32 -74.19 4.83
N SER D 215 19.00 -74.29 4.75
CA SER D 215 18.14 -73.12 4.61
C SER D 215 18.29 -72.17 5.80
N VAL D 216 18.35 -72.74 7.00
CA VAL D 216 18.53 -71.93 8.20
C VAL D 216 19.91 -71.29 8.25
N ASP D 217 20.91 -72.04 7.77
CA ASP D 217 22.27 -71.51 7.66
C ASP D 217 22.35 -70.35 6.69
N ALA D 218 21.72 -70.51 5.52
CA ALA D 218 21.72 -69.48 4.50
C ALA D 218 21.17 -68.15 5.03
N LEU D 219 20.11 -68.25 5.84
CA LEU D 219 19.50 -67.07 6.48
C LEU D 219 20.46 -66.45 7.49
N HIS D 220 21.26 -67.30 8.13
CA HIS D 220 22.27 -66.84 9.08
C HIS D 220 23.40 -66.17 8.32
N ALA D 221 23.78 -66.75 7.19
CA ALA D 221 24.86 -66.20 6.36
C ALA D 221 24.48 -64.82 5.83
N GLU D 222 23.27 -64.70 5.29
CA GLU D 222 22.77 -63.43 4.78
C GLU D 222 22.59 -62.42 5.92
N LEU D 223 22.11 -62.91 7.06
CA LEU D 223 21.96 -62.08 8.25
C LEU D 223 23.26 -61.36 8.59
N LEU D 224 24.36 -62.11 8.57
CA LEU D 224 25.67 -61.54 8.85
C LEU D 224 26.09 -60.54 7.79
N LYS D 225 25.87 -60.89 6.52
CA LYS D 225 26.28 -60.04 5.42
C LYS D 225 25.66 -58.65 5.50
N VAL D 226 24.35 -58.62 5.73
CA VAL D 226 23.62 -57.35 5.85
C VAL D 226 23.85 -56.73 7.22
N GLY D 227 24.19 -57.58 8.19
CA GLY D 227 24.56 -57.11 9.52
C GLY D 227 25.86 -56.34 9.44
N GLN D 228 26.82 -56.88 8.70
CA GLN D 228 28.13 -56.25 8.53
C GLN D 228 28.03 -54.98 7.70
N ALA D 229 27.28 -55.05 6.60
CA ALA D 229 27.05 -53.89 5.75
C ALA D 229 26.44 -52.75 6.56
N LEU D 230 25.54 -53.09 7.49
CA LEU D 230 24.94 -52.10 8.37
C LEU D 230 26.01 -51.39 9.19
N ASP D 231 26.91 -52.17 9.77
CA ASP D 231 27.98 -51.63 10.60
C ASP D 231 28.95 -50.78 9.79
N ALA D 232 29.10 -51.11 8.52
CA ALA D 232 29.97 -50.35 7.63
C ALA D 232 29.32 -49.01 7.29
N ALA D 233 28.00 -49.01 7.16
CA ALA D 233 27.25 -47.79 6.91
C ALA D 233 27.24 -46.90 8.14
N ARG D 234 27.08 -47.53 9.31
CA ARG D 234 27.12 -46.82 10.59
C ARG D 234 28.39 -46.00 10.75
N GLU D 235 29.54 -46.66 10.59
CA GLU D 235 30.83 -46.01 10.74
C GLU D 235 31.07 -44.92 9.70
N ARG D 236 30.57 -45.15 8.49
CA ARG D 236 30.66 -44.14 7.43
C ARG D 236 29.86 -42.89 7.80
N GLU D 237 28.70 -43.10 8.41
CA GLU D 237 27.78 -42.02 8.73
C GLU D 237 28.06 -41.39 10.09
N ALA D 238 28.81 -42.10 10.93
CA ALA D 238 29.13 -41.60 12.26
C ALA D 238 30.04 -40.39 12.20
N GLU D 239 30.90 -40.33 11.19
CA GLU D 239 31.85 -39.24 11.06
C GLU D 239 31.22 -37.90 10.65
N PRO D 240 30.41 -37.89 9.58
CA PRO D 240 29.72 -36.65 9.22
C PRO D 240 28.83 -36.19 10.37
N LEU D 241 28.13 -37.12 10.98
CA LEU D 241 27.23 -36.83 12.09
C LEU D 241 27.97 -36.22 13.28
N VAL D 242 29.03 -36.90 13.73
CA VAL D 242 29.81 -36.42 14.84
C VAL D 242 30.31 -34.99 14.58
N ASP D 243 30.74 -34.75 13.35
CA ASP D 243 31.21 -33.43 12.96
C ASP D 243 30.07 -32.41 12.96
N SER D 244 28.91 -32.84 12.46
CA SER D 244 27.72 -31.99 12.43
C SER D 244 27.46 -31.43 13.81
N LEU D 245 27.47 -32.30 14.80
CA LEU D 245 27.15 -31.92 16.17
C LEU D 245 28.28 -31.13 16.82
N LEU D 246 29.50 -31.63 16.68
CA LEU D 246 30.66 -31.04 17.35
C LEU D 246 30.97 -29.61 16.90
N ALA D 247 30.62 -29.30 15.65
CA ALA D 247 30.80 -27.95 15.15
C ALA D 247 30.05 -26.97 16.02
N VAL D 248 28.81 -27.34 16.36
CA VAL D 248 27.97 -26.51 17.21
C VAL D 248 28.44 -26.53 18.66
N ILE D 249 28.72 -27.73 19.17
CA ILE D 249 29.17 -27.91 20.55
C ILE D 249 30.41 -27.08 20.86
N ARG D 250 31.28 -26.98 19.88
CA ARG D 250 32.55 -26.29 20.04
C ARG D 250 32.42 -24.77 20.10
N GLU D 251 31.36 -24.24 19.51
CA GLU D 251 31.07 -22.81 19.60
C GLU D 251 30.16 -22.52 20.80
N LEU D 252 29.78 -23.58 21.51
CA LEU D 252 28.85 -23.48 22.64
C LEU D 252 29.53 -23.53 24.00
N GLY D 253 30.76 -23.01 24.07
CA GLY D 253 31.50 -22.99 25.31
C GLY D 253 32.28 -24.28 25.58
N PRO D 255 35.01 -25.62 23.37
CA PRO D 255 35.89 -25.47 22.20
C PRO D 255 36.59 -26.77 21.84
N HIS D 256 37.14 -27.44 22.85
CA HIS D 256 37.82 -28.70 22.63
C HIS D 256 37.02 -29.83 23.27
N ALA D 257 36.15 -30.45 22.49
CA ALA D 257 35.33 -31.54 23.00
C ALA D 257 35.30 -32.70 21.99
N ARG D 258 35.34 -33.91 22.52
CA ARG D 258 35.39 -35.10 21.68
C ARG D 258 34.09 -35.90 21.76
N GLU D 260 32.18 -39.57 19.85
CA GLU D 260 32.34 -40.72 18.96
C GLU D 260 31.17 -41.68 19.11
N PHE D 261 30.86 -42.38 18.02
CA PHE D 261 29.92 -43.49 18.07
C PHE D 261 30.70 -44.78 17.89
N ALA D 262 30.65 -45.65 18.90
CA ALA D 262 31.42 -46.89 18.86
C ALA D 262 30.51 -48.12 18.93
N ASP D 276 26.00 -53.16 18.00
CA ASP D 276 25.66 -52.29 19.12
C ASP D 276 26.40 -50.95 19.00
N VAL D 277 25.72 -49.85 19.36
CA VAL D 277 26.31 -48.51 19.23
C VAL D 277 26.15 -47.65 20.48
N LEU D 278 27.25 -47.06 20.94
CA LEU D 278 27.26 -46.21 22.13
C LEU D 278 27.73 -44.80 21.79
N LEU D 279 26.93 -43.81 22.16
CA LEU D 279 27.33 -42.42 21.98
C LEU D 279 28.21 -41.98 23.14
N ARG D 280 29.49 -41.76 22.85
CA ARG D 280 30.45 -41.36 23.88
C ARG D 280 30.89 -39.92 23.68
N PHE D 281 30.91 -39.17 24.77
CA PHE D 281 31.18 -37.75 24.71
C PHE D 281 32.18 -37.30 25.77
N SER D 282 33.08 -36.39 25.38
CA SER D 282 34.04 -35.80 26.30
C SER D 282 33.89 -34.28 26.32
N ALA D 283 33.51 -33.75 27.47
CA ALA D 283 33.33 -32.30 27.60
C ALA D 283 34.66 -31.56 27.56
N ASN D 284 35.60 -32.00 28.39
CA ASN D 284 36.93 -31.38 28.47
C ASN D 284 38.02 -32.24 27.86
N PRO D 285 39.21 -31.66 27.67
CA PRO D 285 40.38 -32.41 27.18
C PRO D 285 41.04 -33.19 28.32
N GLU D 287 39.15 -35.23 30.67
CA GLU D 287 37.93 -36.03 30.57
C GLU D 287 38.00 -37.07 29.45
N GLU D 288 37.83 -38.33 29.83
CA GLU D 288 37.82 -39.43 28.87
C GLU D 288 36.42 -39.57 28.29
N LEU D 289 36.33 -40.11 27.08
CA LEU D 289 35.03 -40.34 26.46
C LEU D 289 34.16 -41.24 27.33
N GLY D 290 33.02 -40.72 27.75
CA GLY D 290 32.09 -41.49 28.56
C GLY D 290 30.65 -41.27 28.14
N PRO D 291 29.69 -41.77 28.94
CA PRO D 291 28.27 -41.56 28.67
C PRO D 291 27.91 -40.08 28.80
N LEU D 292 26.95 -39.62 28.01
CA LEU D 292 26.51 -38.22 28.08
C LEU D 292 26.09 -37.87 29.51
N SER D 293 25.57 -38.87 30.23
CA SER D 293 25.08 -38.67 31.58
C SER D 293 26.20 -38.24 32.52
N ASP D 294 27.42 -38.61 32.19
CA ASP D 294 28.58 -38.32 33.04
C ASP D 294 29.07 -36.88 32.91
N VAL D 295 28.37 -36.07 32.12
CA VAL D 295 28.67 -34.64 32.06
C VAL D 295 28.22 -33.99 33.36
N ALA D 296 29.17 -33.40 34.08
CA ALA D 296 28.92 -32.90 35.42
C ALA D 296 28.07 -31.62 35.46
N SER D 297 28.03 -30.91 34.32
CA SER D 297 27.41 -29.59 34.27
C SER D 297 25.88 -29.57 34.31
N GLY D 298 25.24 -30.35 33.44
CA GLY D 298 23.80 -30.30 33.32
C GLY D 298 23.38 -29.13 32.44
N GLY D 299 24.02 -27.99 32.65
CA GLY D 299 23.86 -26.85 31.76
C GLY D 299 24.59 -27.14 30.46
N GLU D 300 25.78 -27.73 30.57
CA GLU D 300 26.52 -28.17 29.41
C GLU D 300 25.78 -29.32 28.73
N LEU D 301 25.24 -30.23 29.54
CA LEU D 301 24.44 -31.33 29.03
C LEU D 301 23.28 -30.79 28.21
N SER D 302 22.64 -29.74 28.75
CA SER D 302 21.52 -29.12 28.06
C SER D 302 21.98 -28.52 26.73
N ARG D 303 23.14 -27.86 26.75
CA ARG D 303 23.71 -27.29 25.53
C ARG D 303 24.01 -28.38 24.52
N VAL D 304 24.43 -29.55 25.01
CA VAL D 304 24.66 -30.71 24.15
C VAL D 304 23.34 -31.22 23.60
N LEU D 306 20.82 -29.48 23.14
CA LEU D 306 20.41 -28.42 22.22
C LEU D 306 21.01 -28.61 20.84
N ALA D 307 22.30 -28.91 20.80
CA ALA D 307 22.99 -29.13 19.54
C ALA D 307 22.37 -30.30 18.77
N VAL D 308 22.03 -31.36 19.50
CA VAL D 308 21.38 -32.52 18.89
C VAL D 308 20.06 -32.12 18.25
N SER D 309 19.30 -31.29 18.95
CA SER D 309 17.99 -30.86 18.50
C SER D 309 18.06 -30.09 17.20
N THR D 310 18.97 -29.13 17.14
CA THR D 310 19.10 -28.26 15.99
C THR D 310 19.65 -28.98 14.76
N VAL D 311 20.50 -29.97 14.97
CA VAL D 311 21.12 -30.68 13.86
C VAL D 311 20.30 -31.86 13.38
N LEU D 312 19.79 -32.65 14.33
CA LEU D 312 19.06 -33.87 13.99
C LEU D 312 17.54 -33.66 14.02
N GLY D 313 17.12 -32.56 14.62
CA GLY D 313 15.70 -32.26 14.72
C GLY D 313 15.16 -32.56 16.10
N ALA D 314 13.96 -32.06 16.39
CA ALA D 314 13.30 -32.34 17.66
C ALA D 314 12.08 -33.23 17.44
N ASP D 315 11.62 -33.88 18.51
CA ASP D 315 10.58 -34.89 18.40
C ASP D 315 9.21 -34.40 18.87
N THR D 316 9.19 -33.24 19.52
CA THR D 316 7.95 -32.70 20.05
C THR D 316 7.81 -31.21 19.70
N PRO D 317 6.57 -30.77 19.43
CA PRO D 317 6.26 -29.40 19.02
C PRO D 317 6.84 -28.34 19.97
N SER D 318 6.91 -28.65 21.26
CA SER D 318 7.45 -27.70 22.24
C SER D 318 8.67 -28.28 22.97
N VAL D 319 9.71 -27.47 23.07
CA VAL D 319 10.94 -27.89 23.73
C VAL D 319 11.36 -26.88 24.78
N VAL D 320 11.71 -27.34 25.96
CA VAL D 320 12.18 -26.50 27.04
C VAL D 320 13.66 -26.74 27.28
N PHE D 321 14.38 -25.66 27.55
CA PHE D 321 15.80 -25.71 27.84
C PHE D 321 15.98 -25.07 29.22
N ASP D 322 16.64 -25.79 30.12
CA ASP D 322 16.88 -25.28 31.46
C ASP D 322 18.38 -25.18 31.71
N GLU D 323 18.84 -24.05 32.22
CA GLU D 323 20.28 -23.91 32.44
C GLU D 323 21.12 -23.87 31.17
N VAL D 324 20.47 -23.66 30.04
CA VAL D 324 21.18 -23.69 28.76
C VAL D 324 22.20 -22.56 28.69
N ASP D 325 22.07 -21.59 29.58
CA ASP D 325 22.99 -20.45 29.64
C ASP D 325 23.84 -20.47 30.90
N ALA D 326 23.63 -21.47 31.74
CA ALA D 326 24.33 -21.56 33.01
C ALA D 326 25.80 -21.97 32.84
N GLY D 327 26.69 -21.21 33.48
CA GLY D 327 28.11 -21.51 33.43
C GLY D 327 28.84 -20.79 32.32
N ILE D 328 28.10 -20.20 31.38
CA ILE D 328 28.72 -19.55 30.24
C ILE D 328 28.36 -18.09 30.11
N GLY D 329 28.81 -17.48 29.02
CA GLY D 329 28.56 -16.09 28.71
C GLY D 329 29.39 -15.69 27.52
N GLY D 330 29.37 -14.40 27.20
CA GLY D 330 30.15 -13.89 26.09
C GLY D 330 29.78 -14.53 24.77
N ALA D 331 30.79 -14.88 23.98
CA ALA D 331 30.58 -15.41 22.64
C ALA D 331 29.78 -16.71 22.63
N ALA D 332 29.79 -17.42 23.75
CA ALA D 332 29.02 -18.65 23.87
C ALA D 332 27.55 -18.33 23.76
N ALA D 333 27.09 -17.40 24.61
CA ALA D 333 25.71 -16.99 24.60
C ALA D 333 25.23 -16.67 23.18
N ILE D 334 26.06 -15.94 22.43
CA ILE D 334 25.74 -15.61 21.05
C ILE D 334 25.47 -16.87 20.24
N ALA D 335 26.34 -17.86 20.37
CA ALA D 335 26.18 -19.11 19.66
C ALA D 335 24.95 -19.85 20.14
N VAL D 336 24.77 -19.92 21.45
CA VAL D 336 23.61 -20.56 22.04
C VAL D 336 22.34 -19.91 21.52
N ALA D 337 22.21 -18.61 21.74
CA ALA D 337 21.02 -17.86 21.35
C ALA D 337 20.66 -18.09 19.90
N GLU D 338 21.65 -18.08 19.03
CA GLU D 338 21.38 -18.28 17.60
C GLU D 338 20.92 -19.70 17.32
N GLN D 339 21.57 -20.67 17.97
CA GLN D 339 21.21 -22.07 17.79
C GLN D 339 19.78 -22.31 18.28
N LEU D 340 19.40 -21.64 19.36
CA LEU D 340 18.02 -21.68 19.84
C LEU D 340 17.08 -21.13 18.77
N SER D 341 17.47 -20.02 18.17
CA SER D 341 16.65 -19.33 17.17
C SER D 341 16.47 -20.14 15.88
N ARG D 342 17.46 -20.96 15.55
CA ARG D 342 17.37 -21.85 14.40
C ARG D 342 16.30 -22.91 14.67
N LEU D 343 16.25 -23.38 15.91
CA LEU D 343 15.26 -24.39 16.29
C LEU D 343 13.88 -23.75 16.37
N ALA D 344 13.83 -22.48 16.72
CA ALA D 344 12.57 -21.78 16.92
C ALA D 344 11.76 -21.62 15.63
N ASP D 345 12.40 -21.90 14.49
CA ASP D 345 11.75 -21.78 13.20
C ASP D 345 10.70 -22.86 12.98
N THR D 346 10.95 -24.05 13.53
CA THR D 346 10.05 -25.18 13.35
C THR D 346 9.35 -25.57 14.64
N ARG D 347 9.85 -25.10 15.77
CA ARG D 347 9.29 -25.52 17.05
C ARG D 347 9.23 -24.38 18.06
N GLN D 348 8.22 -24.41 18.91
CA GLN D 348 8.14 -23.48 20.02
C GLN D 348 9.15 -23.91 21.05
N VAL D 349 10.11 -23.04 21.35
CA VAL D 349 11.14 -23.32 22.34
C VAL D 349 11.06 -22.32 23.48
N LEU D 350 11.10 -22.81 24.71
CA LEU D 350 10.94 -21.96 25.88
C LEU D 350 12.22 -21.96 26.71
N VAL D 351 12.65 -20.78 27.14
CA VAL D 351 13.89 -20.61 27.88
C VAL D 351 13.80 -19.52 28.91
N VAL D 352 14.18 -19.80 30.15
CA VAL D 352 14.40 -18.72 31.12
C VAL D 352 15.89 -18.43 31.14
N THR D 353 16.25 -17.16 31.19
CA THR D 353 17.65 -16.76 31.01
C THR D 353 18.00 -15.47 31.76
N HIS D 354 19.28 -15.33 32.11
CA HIS D 354 19.78 -14.10 32.70
C HIS D 354 20.77 -13.43 31.76
N LEU D 355 20.88 -13.96 30.55
CA LEU D 355 21.78 -13.41 29.54
C LEU D 355 21.01 -12.64 28.48
N ALA D 356 21.45 -11.41 28.22
CA ALA D 356 20.78 -10.54 27.27
C ALA D 356 21.02 -10.99 25.82
N GLN D 357 22.13 -11.68 25.60
CA GLN D 357 22.45 -12.16 24.25
C GLN D 357 21.45 -13.22 23.82
N ILE D 358 20.90 -13.93 24.79
CA ILE D 358 19.91 -14.98 24.53
C ILE D 358 18.52 -14.37 24.39
N ALA D 359 18.14 -13.56 25.36
CA ALA D 359 16.81 -12.95 25.38
C ALA D 359 16.56 -12.11 24.13
N ALA D 360 17.55 -11.32 23.73
CA ALA D 360 17.40 -10.41 22.58
C ALA D 360 17.01 -11.14 21.30
N ARG D 361 17.31 -12.43 21.24
CA ARG D 361 17.03 -13.21 20.05
C ARG D 361 15.60 -13.74 20.04
N ALA D 362 15.03 -13.89 21.24
CA ALA D 362 13.70 -14.46 21.40
C ALA D 362 12.65 -13.73 20.58
N HIS D 363 11.73 -14.48 19.98
CA HIS D 363 10.61 -13.89 19.27
C HIS D 363 9.66 -13.20 20.25
N HIS D 364 9.53 -13.78 21.45
CA HIS D 364 8.68 -13.22 22.47
C HIS D 364 9.42 -13.15 23.80
N HIS D 365 9.94 -11.98 24.12
CA HIS D 365 10.68 -11.79 25.37
C HIS D 365 9.71 -11.45 26.50
N TYR D 366 9.51 -12.40 27.40
CA TYR D 366 8.64 -12.20 28.55
C TYR D 366 9.44 -11.79 29.77
N LYS D 367 8.82 -11.04 30.67
CA LYS D 367 9.47 -10.67 31.92
C LYS D 367 8.63 -11.13 33.11
N VAL D 368 9.23 -11.95 33.95
CA VAL D 368 8.59 -12.38 35.20
C VAL D 368 8.85 -11.38 36.31
N GLU D 369 7.79 -10.76 36.82
CA GLU D 369 7.91 -9.75 37.86
C GLU D 369 7.28 -10.25 39.15
N LYS D 370 7.54 -9.55 40.25
CA LYS D 370 6.85 -9.78 41.52
C LYS D 370 6.33 -8.42 42.01
N GLN D 371 5.03 -8.35 42.28
CA GLN D 371 4.42 -7.13 42.80
C GLN D 371 3.82 -7.38 44.17
N VAL D 372 3.34 -6.32 44.79
CA VAL D 372 2.80 -6.40 46.14
C VAL D 372 1.42 -5.77 46.24
N GLU D 373 0.52 -6.43 46.96
CA GLU D 373 -0.79 -5.85 47.27
C GLU D 373 -1.02 -5.82 48.78
N THR D 377 1.20 -9.75 47.68
CA THR D 377 2.23 -10.34 46.84
C THR D 377 1.61 -11.10 45.66
N VAL D 378 2.15 -10.87 44.47
CA VAL D 378 1.64 -11.52 43.26
C VAL D 378 2.78 -11.75 42.29
N SER D 379 2.68 -12.81 41.50
CA SER D 379 3.63 -13.04 40.44
C SER D 379 2.97 -12.73 39.11
N HIS D 380 3.67 -12.03 38.23
CA HIS D 380 3.13 -11.69 36.92
C HIS D 380 4.09 -12.10 35.81
N VAL D 381 3.56 -12.24 34.60
CA VAL D 381 4.38 -12.43 33.42
C VAL D 381 3.97 -11.40 32.37
N ARG D 382 4.91 -10.58 31.93
CA ARG D 382 4.59 -9.51 30.99
C ARG D 382 5.42 -9.62 29.71
N LEU D 383 4.73 -9.62 28.57
CA LEU D 383 5.39 -9.60 27.27
C LEU D 383 6.00 -8.22 27.02
N LEU D 384 7.31 -8.18 26.87
CA LEU D 384 8.03 -6.92 26.69
C LEU D 384 7.96 -6.43 25.24
N THR D 385 7.97 -5.11 25.08
CA THR D 385 7.87 -4.49 23.77
C THR D 385 8.74 -3.24 23.68
N GLY D 386 9.29 -3.00 22.49
CA GLY D 386 10.08 -1.81 22.20
C GLY D 386 11.01 -1.32 23.30
N ASP D 387 10.73 -0.11 23.78
CA ASP D 387 11.54 0.55 24.81
C ASP D 387 11.62 -0.30 26.08
N GLU D 388 10.47 -0.82 26.50
CA GLU D 388 10.35 -1.65 27.69
C GLU D 388 11.24 -2.89 27.58
N ARG D 389 11.33 -3.42 26.37
CA ARG D 389 12.22 -4.55 26.09
C ARG D 389 13.69 -4.17 26.25
N LEU D 390 14.04 -2.95 25.83
CA LEU D 390 15.44 -2.51 25.81
C LEU D 390 15.96 -2.09 27.19
N GLU D 391 15.21 -1.23 27.90
CA GLU D 391 15.58 -0.87 29.26
C GLU D 391 15.72 -2.14 30.11
N GLU D 392 14.99 -3.18 29.71
CA GLU D 392 15.11 -4.51 30.32
C GLU D 392 16.39 -5.25 29.88
N ILE D 393 16.57 -5.43 28.56
CA ILE D 393 17.82 -5.97 28.01
C ILE D 393 19.05 -5.25 28.58
N ALA D 394 18.96 -3.93 28.67
CA ALA D 394 20.04 -3.13 29.24
C ALA D 394 20.19 -3.39 30.74
N ARG D 395 19.07 -3.63 31.41
CA ARG D 395 19.10 -3.94 32.84
C ARG D 395 19.99 -5.15 33.09
N LEU D 397 22.31 -6.44 31.15
CA LEU D 397 23.69 -6.11 30.82
C LEU D 397 24.37 -5.38 31.97
N SER D 398 23.65 -4.45 32.58
CA SER D 398 24.16 -3.67 33.71
C SER D 398 23.02 -2.95 34.43
N SER D 402 26.19 3.55 30.73
CA SER D 402 24.80 3.15 30.53
C SER D 402 24.34 3.39 29.10
N GLU D 403 24.63 4.57 28.57
CA GLU D 403 24.31 4.88 27.18
C GLU D 403 25.00 3.88 26.26
N ALA D 404 26.26 3.58 26.62
CA ALA D 404 27.09 2.66 25.85
C ALA D 404 26.50 1.26 25.94
N ALA D 405 25.89 0.96 27.08
CA ALA D 405 25.23 -0.32 27.32
C ALA D 405 23.96 -0.42 26.48
N LEU D 406 23.26 0.71 26.35
CA LEU D 406 22.10 0.80 25.47
C LEU D 406 22.53 0.61 24.03
N GLU D 407 23.58 1.32 23.65
CA GLU D 407 24.22 1.15 22.34
C GLU D 407 24.47 -0.33 22.12
N HIS D 408 24.90 -1.01 23.19
CA HIS D 408 25.15 -2.44 23.16
C HIS D 408 23.82 -3.19 22.97
N ALA D 409 22.87 -2.92 23.85
CA ALA D 409 21.55 -3.55 23.81
C ALA D 409 20.87 -3.40 22.44
N ARG D 410 20.94 -2.22 21.85
CA ARG D 410 20.31 -1.98 20.54
C ARG D 410 20.63 -3.11 19.56
N GLU D 411 21.79 -3.73 19.75
CA GLU D 411 22.21 -4.84 18.92
C GLU D 411 21.40 -6.11 19.23
#